data_4M1P
# 
_entry.id   4M1P 
# 
_audit_conform.dict_name       mmcif_pdbx.dic 
_audit_conform.dict_version    5.379 
_audit_conform.dict_location   http://mmcif.pdb.org/dictionaries/ascii/mmcif_pdbx.dic 
# 
loop_
_database_2.database_id 
_database_2.database_code 
_database_2.pdbx_database_accession 
_database_2.pdbx_DOI 
PDB   4M1P         pdb_00004m1p 10.2210/pdb4m1p/pdb 
RCSB  RCSB081354   ?            ?                   
WWPDB D_1000081354 ?            ?                   
# 
_pdbx_database_related.db_name        PDB 
_pdbx_database_related.db_id          4ADZ 
_pdbx_database_related.details        
'Crystal Structure of the apo form of a Copper-sensitive operon Regulator (CsoR) protein from Streptomyces lividans' 
_pdbx_database_related.content_type   unspecified 
# 
_pdbx_database_status.status_code                     REL 
_pdbx_database_status.entry_id                        4M1P 
_pdbx_database_status.recvd_initial_deposition_date   2013-08-03 
_pdbx_database_status.deposit_site                    RCSB 
_pdbx_database_status.process_site                    RCSB 
_pdbx_database_status.status_code_sf                  REL 
_pdbx_database_status.status_code_mr                  ? 
_pdbx_database_status.SG_entry                        ? 
_pdbx_database_status.status_code_cs                  ? 
_pdbx_database_status.methods_development_category    ? 
_pdbx_database_status.pdb_format_compatible           Y 
_pdbx_database_status.status_code_nmr_data            ? 
# 
loop_
_audit_author.name 
_audit_author.pdbx_ordinal 
'Chang, F.'      1 
'Dann III, C.E.' 2 
'Giedroc, D.P.'  3 
# 
_citation.id                        primary 
_citation.title                     'Cu(I)-mediated allosteric switching in a copper-sensing operon repressor (CsoR).' 
_citation.journal_abbrev            J.Biol.Chem. 
_citation.journal_volume            289 
_citation.page_first                19204 
_citation.page_last                 19217 
_citation.year                      2014 
_citation.journal_id_ASTM           JBCHA3 
_citation.country                   US 
_citation.journal_id_ISSN           0021-9258 
_citation.journal_id_CSD            0071 
_citation.book_publisher            ? 
_citation.pdbx_database_id_PubMed   24831014 
_citation.pdbx_database_id_DOI      10.1074/jbc.M114.556704 
# 
loop_
_citation_author.citation_id 
_citation_author.name 
_citation_author.ordinal 
_citation_author.identifier_ORCID 
primary 'Chang, F.M.'              1  ? 
primary 'Coyne, H.J.'              2  ? 
primary 'Cubillas, C.'             3  ? 
primary 'Vinuesa, P.'              4  ? 
primary 'Fang, X.'                 5  ? 
primary 'Ma, Z.'                   6  ? 
primary 'Ma, D.'                   7  ? 
primary 'Helmann, J.D.'            8  ? 
primary 'Garcia-de los Santos, A.' 9  ? 
primary 'Wang, Y.X.'               10 ? 
primary 'Dann, C.E.'               11 ? 
primary 'Giedroc, D.P.'            12 ? 
# 
_cell.entry_id           4M1P 
_cell.length_a           89.204 
_cell.length_b           89.204 
_cell.length_c           57.985 
_cell.angle_alpha        90.00 
_cell.angle_beta         90.00 
_cell.angle_gamma        120.00 
_cell.Z_PDB              12 
_cell.pdbx_unique_axis   ? 
_cell.length_a_esd       ? 
_cell.length_b_esd       ? 
_cell.length_c_esd       ? 
_cell.angle_alpha_esd    ? 
_cell.angle_beta_esd     ? 
_cell.angle_gamma_esd    ? 
# 
_symmetry.entry_id                         4M1P 
_symmetry.space_group_name_H-M             'P 6 2 2' 
_symmetry.pdbx_full_space_group_name_H-M   ? 
_symmetry.cell_setting                     ? 
_symmetry.Int_Tables_number                177 
_symmetry.space_group_name_Hall            ? 
# 
loop_
_entity.id 
_entity.type 
_entity.src_method 
_entity.pdbx_description 
_entity.formula_weight 
_entity.pdbx_number_of_molecules 
_entity.pdbx_ec 
_entity.pdbx_mutation 
_entity.pdbx_fragment 
_entity.details 
1 polymer     man 'Copper-sensitive operon repressor (CsoR)' 11946.913 1 ? T2A ? ? 
2 non-polymer syn 'COPPER (I) ION'                           63.546    1 ? ?   ? ? 
3 non-polymer syn 'SODIUM ION'                               22.990    2 ? ?   ? ? 
4 water       nat water                                      18.015    4 ? ?   ? ? 
# 
_entity_poly.entity_id                      1 
_entity_poly.type                           'polypeptide(L)' 
_entity_poly.nstd_linkage                   no 
_entity_poly.nstd_monomer                   no 
_entity_poly.pdbx_seq_one_letter_code       
;AHPSQEEHVLHGTMIPRTKEEIENIMKRLKRIEGQVRGVQKMVEDNRYCIDILVQISAIQAALRQVGMQLLERHANHCVA
KAIREGSGEQSLRELMDVIKQFAK
;
_entity_poly.pdbx_seq_one_letter_code_can   
;AHPSQEEHVLHGTMIPRTKEEIENIMKRLKRIEGQVRGVQKMVEDNRYCIDILVQISAIQAALRQVGMQLLERHANHCVA
KAIREGSGEQSLRELMDVIKQFAK
;
_entity_poly.pdbx_strand_id                 A 
_entity_poly.pdbx_target_identifier         ? 
# 
loop_
_entity_poly_seq.entity_id 
_entity_poly_seq.num 
_entity_poly_seq.mon_id 
_entity_poly_seq.hetero 
1 1   ALA n 
1 2   HIS n 
1 3   PRO n 
1 4   SER n 
1 5   GLN n 
1 6   GLU n 
1 7   GLU n 
1 8   HIS n 
1 9   VAL n 
1 10  LEU n 
1 11  HIS n 
1 12  GLY n 
1 13  THR n 
1 14  MET n 
1 15  ILE n 
1 16  PRO n 
1 17  ARG n 
1 18  THR n 
1 19  LYS n 
1 20  GLU n 
1 21  GLU n 
1 22  ILE n 
1 23  GLU n 
1 24  ASN n 
1 25  ILE n 
1 26  MET n 
1 27  LYS n 
1 28  ARG n 
1 29  LEU n 
1 30  LYS n 
1 31  ARG n 
1 32  ILE n 
1 33  GLU n 
1 34  GLY n 
1 35  GLN n 
1 36  VAL n 
1 37  ARG n 
1 38  GLY n 
1 39  VAL n 
1 40  GLN n 
1 41  LYS n 
1 42  MET n 
1 43  VAL n 
1 44  GLU n 
1 45  ASP n 
1 46  ASN n 
1 47  ARG n 
1 48  TYR n 
1 49  CYS n 
1 50  ILE n 
1 51  ASP n 
1 52  ILE n 
1 53  LEU n 
1 54  VAL n 
1 55  GLN n 
1 56  ILE n 
1 57  SER n 
1 58  ALA n 
1 59  ILE n 
1 60  GLN n 
1 61  ALA n 
1 62  ALA n 
1 63  LEU n 
1 64  ARG n 
1 65  GLN n 
1 66  VAL n 
1 67  GLY n 
1 68  MET n 
1 69  GLN n 
1 70  LEU n 
1 71  LEU n 
1 72  GLU n 
1 73  ARG n 
1 74  HIS n 
1 75  ALA n 
1 76  ASN n 
1 77  HIS n 
1 78  CYS n 
1 79  VAL n 
1 80  ALA n 
1 81  LYS n 
1 82  ALA n 
1 83  ILE n 
1 84  ARG n 
1 85  GLU n 
1 86  GLY n 
1 87  SER n 
1 88  GLY n 
1 89  GLU n 
1 90  GLN n 
1 91  SER n 
1 92  LEU n 
1 93  ARG n 
1 94  GLU n 
1 95  LEU n 
1 96  MET n 
1 97  ASP n 
1 98  VAL n 
1 99  ILE n 
1 100 LYS n 
1 101 GLN n 
1 102 PHE n 
1 103 ALA n 
1 104 LYS n 
# 
_entity_src_gen.entity_id                          1 
_entity_src_gen.pdbx_src_id                        1 
_entity_src_gen.pdbx_alt_source_flag               sample 
_entity_src_gen.pdbx_seq_type                      ? 
_entity_src_gen.pdbx_beg_seq_num                   ? 
_entity_src_gen.pdbx_end_seq_num                   ? 
_entity_src_gen.gene_src_common_name               ? 
_entity_src_gen.gene_src_genus                     ? 
_entity_src_gen.pdbx_gene_src_gene                 GTNG_1533 
_entity_src_gen.gene_src_species                   ? 
_entity_src_gen.gene_src_strain                    NG80-2 
_entity_src_gen.gene_src_tissue                    ? 
_entity_src_gen.gene_src_tissue_fraction           ? 
_entity_src_gen.gene_src_details                   ? 
_entity_src_gen.pdbx_gene_src_fragment             ? 
_entity_src_gen.pdbx_gene_src_scientific_name      'Geobacillus thermodenitrificans' 
_entity_src_gen.pdbx_gene_src_ncbi_taxonomy_id     420246 
_entity_src_gen.pdbx_gene_src_variant              ? 
_entity_src_gen.pdbx_gene_src_cell_line            ? 
_entity_src_gen.pdbx_gene_src_atcc                 ? 
_entity_src_gen.pdbx_gene_src_organ                ? 
_entity_src_gen.pdbx_gene_src_organelle            ? 
_entity_src_gen.pdbx_gene_src_cell                 ? 
_entity_src_gen.pdbx_gene_src_cellular_location    ? 
_entity_src_gen.host_org_common_name               ? 
_entity_src_gen.pdbx_host_org_scientific_name      'Escherichia coli' 
_entity_src_gen.pdbx_host_org_ncbi_taxonomy_id     469008 
_entity_src_gen.host_org_genus                     ? 
_entity_src_gen.pdbx_host_org_gene                 ? 
_entity_src_gen.pdbx_host_org_organ                ? 
_entity_src_gen.host_org_species                   ? 
_entity_src_gen.pdbx_host_org_tissue               ? 
_entity_src_gen.pdbx_host_org_tissue_fraction      ? 
_entity_src_gen.pdbx_host_org_strain               'Rosetta BL21(DE3)' 
_entity_src_gen.pdbx_host_org_variant              ? 
_entity_src_gen.pdbx_host_org_cell_line            ? 
_entity_src_gen.pdbx_host_org_atcc                 ? 
_entity_src_gen.pdbx_host_org_culture_collection   ? 
_entity_src_gen.pdbx_host_org_cell                 ? 
_entity_src_gen.pdbx_host_org_organelle            ? 
_entity_src_gen.pdbx_host_org_cellular_location    ? 
_entity_src_gen.pdbx_host_org_vector_type          plasmid 
_entity_src_gen.pdbx_host_org_vector               ? 
_entity_src_gen.host_org_details                   ? 
_entity_src_gen.expression_system_id               ? 
_entity_src_gen.plasmid_name                       pET15b 
_entity_src_gen.plasmid_details                    ? 
_entity_src_gen.pdbx_description                   ? 
# 
_struct_ref.id                         1 
_struct_ref.db_name                    UNP 
_struct_ref.db_code                    A4INJ9_GEOTN 
_struct_ref.pdbx_db_accession          A4INJ9 
_struct_ref.entity_id                  1 
_struct_ref.pdbx_seq_one_letter_code   
;THPSQEEHVLHGTMIPRTKEEIENIMKRLKRIEGQVRGVQKMVEDNRYCIDILVQISAIQAALRQVGMQLLERHANHCVA
KAIREGSGEQSLRELMDVIKQFAK
;
_struct_ref.pdbx_align_begin           2 
_struct_ref.pdbx_db_isoform            ? 
# 
_struct_ref_seq.align_id                      1 
_struct_ref_seq.ref_id                        1 
_struct_ref_seq.pdbx_PDB_id_code              4M1P 
_struct_ref_seq.pdbx_strand_id                A 
_struct_ref_seq.seq_align_beg                 1 
_struct_ref_seq.pdbx_seq_align_beg_ins_code   ? 
_struct_ref_seq.seq_align_end                 104 
_struct_ref_seq.pdbx_seq_align_end_ins_code   ? 
_struct_ref_seq.pdbx_db_accession             A4INJ9 
_struct_ref_seq.db_align_beg                  2 
_struct_ref_seq.pdbx_db_align_beg_ins_code    ? 
_struct_ref_seq.db_align_end                  105 
_struct_ref_seq.pdbx_db_align_end_ins_code    ? 
_struct_ref_seq.pdbx_auth_seq_align_beg       2 
_struct_ref_seq.pdbx_auth_seq_align_end       105 
# 
_struct_ref_seq_dif.align_id                     1 
_struct_ref_seq_dif.pdbx_pdb_id_code             4M1P 
_struct_ref_seq_dif.mon_id                       ALA 
_struct_ref_seq_dif.pdbx_pdb_strand_id           A 
_struct_ref_seq_dif.seq_num                      1 
_struct_ref_seq_dif.pdbx_pdb_ins_code            ? 
_struct_ref_seq_dif.pdbx_seq_db_name             UNP 
_struct_ref_seq_dif.pdbx_seq_db_accession_code   A4INJ9 
_struct_ref_seq_dif.db_mon_id                    THR 
_struct_ref_seq_dif.pdbx_seq_db_seq_num          2 
_struct_ref_seq_dif.details                      'engineered mutation' 
_struct_ref_seq_dif.pdbx_auth_seq_num            2 
_struct_ref_seq_dif.pdbx_ordinal                 1 
# 
loop_
_chem_comp.id 
_chem_comp.type 
_chem_comp.mon_nstd_flag 
_chem_comp.name 
_chem_comp.pdbx_synonyms 
_chem_comp.formula 
_chem_comp.formula_weight 
ALA 'L-peptide linking' y ALANINE          ? 'C3 H7 N O2'     89.093  
ARG 'L-peptide linking' y ARGININE         ? 'C6 H15 N4 O2 1' 175.209 
ASN 'L-peptide linking' y ASPARAGINE       ? 'C4 H8 N2 O3'    132.118 
ASP 'L-peptide linking' y 'ASPARTIC ACID'  ? 'C4 H7 N O4'     133.103 
CU1 non-polymer         . 'COPPER (I) ION' ? 'Cu 1'           63.546  
CYS 'L-peptide linking' y CYSTEINE         ? 'C3 H7 N O2 S'   121.158 
GLN 'L-peptide linking' y GLUTAMINE        ? 'C5 H10 N2 O3'   146.144 
GLU 'L-peptide linking' y 'GLUTAMIC ACID'  ? 'C5 H9 N O4'     147.129 
GLY 'peptide linking'   y GLYCINE          ? 'C2 H5 N O2'     75.067  
HIS 'L-peptide linking' y HISTIDINE        ? 'C6 H10 N3 O2 1' 156.162 
HOH non-polymer         . WATER            ? 'H2 O'           18.015  
ILE 'L-peptide linking' y ISOLEUCINE       ? 'C6 H13 N O2'    131.173 
LEU 'L-peptide linking' y LEUCINE          ? 'C6 H13 N O2'    131.173 
LYS 'L-peptide linking' y LYSINE           ? 'C6 H15 N2 O2 1' 147.195 
MET 'L-peptide linking' y METHIONINE       ? 'C5 H11 N O2 S'  149.211 
NA  non-polymer         . 'SODIUM ION'     ? 'Na 1'           22.990  
PHE 'L-peptide linking' y PHENYLALANINE    ? 'C9 H11 N O2'    165.189 
PRO 'L-peptide linking' y PROLINE          ? 'C5 H9 N O2'     115.130 
SER 'L-peptide linking' y SERINE           ? 'C3 H7 N O3'     105.093 
THR 'L-peptide linking' y THREONINE        ? 'C4 H9 N O3'     119.119 
TYR 'L-peptide linking' y TYROSINE         ? 'C9 H11 N O3'    181.189 
VAL 'L-peptide linking' y VALINE           ? 'C5 H11 N O2'    117.146 
# 
_exptl.entry_id          4M1P 
_exptl.method            'X-RAY DIFFRACTION' 
_exptl.crystals_number   1 
# 
_exptl_crystal.id                    1 
_exptl_crystal.density_meas          ? 
_exptl_crystal.density_Matthews      2.79 
_exptl_crystal.density_percent_sol   55.87 
_exptl_crystal.description           ? 
_exptl_crystal.F_000                 ? 
_exptl_crystal.preparation           ? 
# 
_exptl_crystal_grow.crystal_id      1 
_exptl_crystal_grow.method          'VAPOR DIFFUSION, HANGING DROP' 
_exptl_crystal_grow.temp            293.15 
_exptl_crystal_grow.temp_details    ? 
_exptl_crystal_grow.pH              7.0 
_exptl_crystal_grow.pdbx_details    
'2.8M sodium formate, 0.1M HEPES, 0.1M betaine hydrochloride, pH 7.0, VAPOR DIFFUSION, HANGING DROP, temperature 293.15K' 
_exptl_crystal_grow.pdbx_pH_range   ? 
# 
_diffrn.id                     1 
_diffrn.ambient_temp           113 
_diffrn.ambient_temp_details   ? 
_diffrn.crystal_id             1 
# 
_diffrn_detector.diffrn_id              1 
_diffrn_detector.detector               CCD 
_diffrn_detector.type                   NOIR-1 
_diffrn_detector.pdbx_collection_date   2013-05-09 
_diffrn_detector.details                'Sagitally focused mirrors' 
# 
_diffrn_radiation.diffrn_id                        1 
_diffrn_radiation.wavelength_id                    1 
_diffrn_radiation.pdbx_monochromatic_or_laue_m_l   M 
_diffrn_radiation.monochromator                    GRAPHITE 
_diffrn_radiation.pdbx_diffrn_protocol             'SINGLE WAVELENGTH' 
_diffrn_radiation.pdbx_scattering_type             x-ray 
# 
_diffrn_radiation_wavelength.id           1 
_diffrn_radiation_wavelength.wavelength   1.0 
_diffrn_radiation_wavelength.wt           1.0 
# 
_diffrn_source.diffrn_id                   1 
_diffrn_source.source                      SYNCHROTRON 
_diffrn_source.type                        'ALS BEAMLINE 4.2.2' 
_diffrn_source.pdbx_synchrotron_site       ALS 
_diffrn_source.pdbx_synchrotron_beamline   4.2.2 
_diffrn_source.pdbx_wavelength             ? 
_diffrn_source.pdbx_wavelength_list        1.0 
# 
_reflns.entry_id                     4M1P 
_reflns.observed_criterion_sigma_I   2.0 
_reflns.observed_criterion_sigma_F   2.0 
_reflns.d_resolution_low             50 
_reflns.d_resolution_high            2.57 
_reflns.number_obs                   4463 
_reflns.number_all                   4463 
_reflns.percent_possible_obs         99.8 
_reflns.pdbx_Rmerge_I_obs            0.067 
_reflns.pdbx_Rsym_value              ? 
_reflns.pdbx_netI_over_sigmaI        30.91 
_reflns.B_iso_Wilson_estimate        ? 
_reflns.pdbx_redundancy              11.3 
_reflns.R_free_details               ? 
_reflns.limit_h_max                  ? 
_reflns.limit_h_min                  ? 
_reflns.limit_k_max                  ? 
_reflns.limit_k_min                  ? 
_reflns.limit_l_max                  ? 
_reflns.limit_l_min                  ? 
_reflns.observed_criterion_F_max     ? 
_reflns.observed_criterion_F_min     ? 
_reflns.pdbx_chi_squared             ? 
_reflns.pdbx_scaling_rejects         ? 
_reflns.pdbx_ordinal                 1 
_reflns.pdbx_diffrn_id               1 
# 
_reflns_shell.d_res_high             2.57 
_reflns_shell.d_res_low              2.61 
_reflns_shell.percent_possible_all   100 
_reflns_shell.Rmerge_I_obs           0.80 
_reflns_shell.pdbx_Rsym_value        ? 
_reflns_shell.meanI_over_sigI_obs    1.94 
_reflns_shell.pdbx_redundancy        10.3 
_reflns_shell.percent_possible_obs   ? 
_reflns_shell.number_unique_all      4463 
_reflns_shell.number_measured_all    ? 
_reflns_shell.number_measured_obs    ? 
_reflns_shell.number_unique_obs      ? 
_reflns_shell.pdbx_chi_squared       ? 
_reflns_shell.pdbx_ordinal           1 
_reflns_shell.pdbx_diffrn_id         1 
# 
_refine.entry_id                                 4M1P 
_refine.ls_number_reflns_obs                     4463 
_refine.ls_number_reflns_all                     4463 
_refine.pdbx_ls_sigma_I                          ? 
_refine.pdbx_ls_sigma_F                          0.00 
_refine.pdbx_data_cutoff_high_absF               ? 
_refine.pdbx_data_cutoff_low_absF                ? 
_refine.pdbx_data_cutoff_high_rms_absF           ? 
_refine.ls_d_res_low                             46.375 
_refine.ls_d_res_high                            2.564 
_refine.ls_percent_reflns_obs                    94.48 
_refine.ls_R_factor_obs                          0.2173 
_refine.ls_R_factor_all                          ? 
_refine.ls_R_factor_R_work                       0.2138 
_refine.ls_R_factor_R_free                       0.2483 
_refine.ls_R_factor_R_free_error                 ? 
_refine.ls_R_factor_R_free_error_details         ? 
_refine.ls_percent_reflns_R_free                 10.11 
_refine.ls_number_reflns_R_free                  451 
_refine.ls_number_parameters                     ? 
_refine.ls_number_restraints                     ? 
_refine.occupancy_min                            ? 
_refine.occupancy_max                            ? 
_refine.correlation_coeff_Fo_to_Fc               ? 
_refine.correlation_coeff_Fo_to_Fc_free          ? 
_refine.B_iso_mean                               ? 
_refine.aniso_B[1][1]                            ? 
_refine.aniso_B[2][2]                            ? 
_refine.aniso_B[3][3]                            ? 
_refine.aniso_B[1][2]                            ? 
_refine.aniso_B[1][3]                            ? 
_refine.aniso_B[2][3]                            ? 
_refine.solvent_model_details                    'FLAT BULK SOLVENT MODEL' 
_refine.solvent_model_param_ksol                 ? 
_refine.solvent_model_param_bsol                 ? 
_refine.pdbx_solvent_vdw_probe_radii             1.11 
_refine.pdbx_solvent_ion_probe_radii             ? 
_refine.pdbx_solvent_shrinkage_radii             0.90 
_refine.pdbx_ls_cross_valid_method               ? 
_refine.details                                  ? 
_refine.pdbx_starting_model                      'PDB ENTRY 4ADZ' 
_refine.pdbx_method_to_determine_struct          'MOLECULAR REPLACEMENT' 
_refine.pdbx_isotropic_thermal_model             ? 
_refine.pdbx_stereochemistry_target_values       ML 
_refine.pdbx_stereochem_target_val_spec_case     ? 
_refine.pdbx_R_Free_selection_details            RANDOM 
_refine.pdbx_overall_ESU_R                       ? 
_refine.pdbx_overall_ESU_R_Free                  ? 
_refine.overall_SU_ML                            0.21 
_refine.pdbx_overall_phase_error                 27.00 
_refine.overall_SU_B                             ? 
_refine.overall_SU_R_Cruickshank_DPI             ? 
_refine.ls_redundancy_reflns_obs                 ? 
_refine.B_iso_min                                ? 
_refine.B_iso_max                                ? 
_refine.overall_SU_R_free                        ? 
_refine.ls_wR_factor_R_free                      ? 
_refine.ls_wR_factor_R_work                      ? 
_refine.overall_FOM_free_R_set                   ? 
_refine.overall_FOM_work_R_set                   ? 
_refine.pdbx_diffrn_id                           1 
_refine.pdbx_refine_id                           'X-RAY DIFFRACTION' 
_refine.pdbx_TLS_residual_ADP_flag               ? 
_refine.pdbx_overall_SU_R_free_Cruickshank_DPI   ? 
_refine.pdbx_overall_SU_R_Blow_DPI               ? 
_refine.pdbx_overall_SU_R_free_Blow_DPI          ? 
# 
_refine_hist.pdbx_refine_id                   'X-RAY DIFFRACTION' 
_refine_hist.cycle_id                         LAST 
_refine_hist.pdbx_number_atoms_protein        735 
_refine_hist.pdbx_number_atoms_nucleic_acid   0 
_refine_hist.pdbx_number_atoms_ligand         3 
_refine_hist.number_atoms_solvent             4 
_refine_hist.number_atoms_total               742 
_refine_hist.d_res_high                       2.564 
_refine_hist.d_res_low                        46.375 
# 
loop_
_refine_ls_restr.type 
_refine_ls_restr.dev_ideal 
_refine_ls_restr.dev_ideal_target 
_refine_ls_restr.weight 
_refine_ls_restr.number 
_refine_ls_restr.pdbx_restraint_function 
_refine_ls_restr.pdbx_refine_id 
f_bond_d           0.005  ? ? 740 ? 'X-RAY DIFFRACTION' 
f_angle_d          0.750  ? ? 996 ? 'X-RAY DIFFRACTION' 
f_dihedral_angle_d 15.479 ? ? 282 ? 'X-RAY DIFFRACTION' 
f_chiral_restr     0.051  ? ? 118 ? 'X-RAY DIFFRACTION' 
f_plane_restr      0.002  ? ? 132 ? 'X-RAY DIFFRACTION' 
# 
loop_
_refine_ls_shell.pdbx_total_number_of_bins_used 
_refine_ls_shell.d_res_high 
_refine_ls_shell.d_res_low 
_refine_ls_shell.number_reflns_R_work 
_refine_ls_shell.R_factor_R_work 
_refine_ls_shell.percent_reflns_obs 
_refine_ls_shell.R_factor_R_free 
_refine_ls_shell.R_factor_R_free_error 
_refine_ls_shell.percent_reflns_R_free 
_refine_ls_shell.number_reflns_R_free 
_refine_ls_shell.number_reflns_all 
_refine_ls_shell.R_factor_all 
_refine_ls_shell.number_reflns_obs 
_refine_ls_shell.redundancy_reflns_obs 
_refine_ls_shell.pdbx_refine_id 
. 2.5638 2.9347  1190 0.2377 87.00 0.3020 . . 135 . . . . 'X-RAY DIFFRACTION' 
. 2.9347 3.6972  1346 0.2275 97.00 0.2938 . . 151 . . . . 'X-RAY DIFFRACTION' 
. 3.6972 46.3825 1476 0.2032 99.00 0.2192 . . 165 . . . . 'X-RAY DIFFRACTION' 
# 
_struct.entry_id                  4M1P 
_struct.title                     
'Crystal structure of the copper-sensing repressor CsoR with Cu(I) from Geobacillus thermodenitrificans NG80-2' 
_struct.pdbx_model_details        ? 
_struct.pdbx_CASP_flag            ? 
_struct.pdbx_model_type_details   ? 
# 
_struct_keywords.entry_id        4M1P 
_struct_keywords.pdbx_keywords   'TRANSCRIPTION REPRESSOR' 
_struct_keywords.text            'Cu(I)-sensing transcriptional repressor, Cu(I) binding, TRANSCRIPTION REPRESSOR' 
# 
loop_
_struct_asym.id 
_struct_asym.pdbx_blank_PDB_chainid_flag 
_struct_asym.pdbx_modified 
_struct_asym.entity_id 
_struct_asym.details 
A N N 1 ? 
B N N 2 ? 
C N N 3 ? 
D N N 3 ? 
E N N 4 ? 
# 
_struct_biol.id        1 
_struct_biol.details   ? 
# 
loop_
_struct_conf.conf_type_id 
_struct_conf.id 
_struct_conf.pdbx_PDB_helix_id 
_struct_conf.beg_label_comp_id 
_struct_conf.beg_label_asym_id 
_struct_conf.beg_label_seq_id 
_struct_conf.pdbx_beg_PDB_ins_code 
_struct_conf.end_label_comp_id 
_struct_conf.end_label_asym_id 
_struct_conf.end_label_seq_id 
_struct_conf.pdbx_end_PDB_ins_code 
_struct_conf.beg_auth_comp_id 
_struct_conf.beg_auth_asym_id 
_struct_conf.beg_auth_seq_id 
_struct_conf.end_auth_comp_id 
_struct_conf.end_auth_asym_id 
_struct_conf.end_auth_seq_id 
_struct_conf.pdbx_PDB_helix_class 
_struct_conf.details 
_struct_conf.pdbx_PDB_helix_length 
HELX_P HELX_P1 1 THR A 18 ? ASP A 45  ? THR A 19 ASP A 46  1 ? 28 
HELX_P HELX_P2 2 TYR A 48 ? HIS A 77  ? TYR A 49 HIS A 78  1 ? 30 
HELX_P HELX_P3 3 HIS A 77 ? GLY A 86  ? HIS A 78 GLY A 87  1 ? 10 
HELX_P HELX_P4 4 SER A 87 ? LYS A 104 ? SER A 88 LYS A 105 1 ? 18 
# 
_struct_conf_type.id          HELX_P 
_struct_conf_type.criteria    ? 
_struct_conf_type.reference   ? 
# 
loop_
_struct_conn.id 
_struct_conn.conn_type_id 
_struct_conn.pdbx_leaving_atom_flag 
_struct_conn.pdbx_PDB_id 
_struct_conn.ptnr1_label_asym_id 
_struct_conn.ptnr1_label_comp_id 
_struct_conn.ptnr1_label_seq_id 
_struct_conn.ptnr1_label_atom_id 
_struct_conn.pdbx_ptnr1_label_alt_id 
_struct_conn.pdbx_ptnr1_PDB_ins_code 
_struct_conn.pdbx_ptnr1_standard_comp_id 
_struct_conn.ptnr1_symmetry 
_struct_conn.ptnr2_label_asym_id 
_struct_conn.ptnr2_label_comp_id 
_struct_conn.ptnr2_label_seq_id 
_struct_conn.ptnr2_label_atom_id 
_struct_conn.pdbx_ptnr2_label_alt_id 
_struct_conn.pdbx_ptnr2_PDB_ins_code 
_struct_conn.ptnr1_auth_asym_id 
_struct_conn.ptnr1_auth_comp_id 
_struct_conn.ptnr1_auth_seq_id 
_struct_conn.ptnr2_auth_asym_id 
_struct_conn.ptnr2_auth_comp_id 
_struct_conn.ptnr2_auth_seq_id 
_struct_conn.ptnr2_symmetry 
_struct_conn.pdbx_ptnr3_label_atom_id 
_struct_conn.pdbx_ptnr3_label_seq_id 
_struct_conn.pdbx_ptnr3_label_comp_id 
_struct_conn.pdbx_ptnr3_label_asym_id 
_struct_conn.pdbx_ptnr3_label_alt_id 
_struct_conn.pdbx_ptnr3_PDB_ins_code 
_struct_conn.details 
_struct_conn.pdbx_dist_value 
_struct_conn.pdbx_value_order 
_struct_conn.pdbx_role 
metalc1 metalc ? ? A THR 13 OG1 ? ? ? 1_555 D NA  . NA ? ? A THR 14  A NA  203 1_555 ? ? ? ? ? ? ? 3.055 ? ? 
metalc2 metalc ? ? A HIS 74 ND1 ? ? ? 1_555 B CU1 . CU ? ? A HIS 75  A CU1 201 1_555 ? ? ? ? ? ? ? 2.116 ? ? 
metalc3 metalc ? ? A CYS 78 SG  ? ? ? 1_555 B CU1 . CU ? ? A CYS 79  A CU1 201 1_555 ? ? ? ? ? ? ? 2.300 ? ? 
metalc4 metalc ? ? A SER 87 OG  ? ? ? 1_555 D NA  . NA ? ? A SER 88  A NA  203 1_555 ? ? ? ? ? ? ? 2.719 ? ? 
metalc5 metalc ? ? A GLU 89 OE1 ? ? ? 1_555 C NA  . NA ? ? A GLU 90  A NA  202 1_555 ? ? ? ? ? ? ? 2.502 ? ? 
metalc6 metalc ? ? A GLU 89 OE2 ? ? ? 1_555 C NA  . NA ? ? A GLU 90  A NA  202 1_555 ? ? ? ? ? ? ? 2.765 ? ? 
metalc7 metalc ? ? A GLN 90 OE1 ? ? ? 1_555 D NA  . NA ? ? A GLN 91  A NA  203 1_555 ? ? ? ? ? ? ? 2.884 ? ? 
metalc8 metalc ? ? A SER 91 OG  ? ? ? 1_555 D NA  . NA ? ? A SER 92  A NA  203 1_555 ? ? ? ? ? ? ? 2.861 ? ? 
metalc9 metalc ? ? C NA  .  NA  ? ? ? 1_555 E HOH . O  ? ? A NA  202 A HOH 303 1_555 ? ? ? ? ? ? ? 2.570 ? ? 
# 
_struct_conn_type.id          metalc 
_struct_conn_type.criteria    ? 
_struct_conn_type.reference   ? 
# 
loop_
_struct_site.id 
_struct_site.pdbx_evidence_code 
_struct_site.pdbx_auth_asym_id 
_struct_site.pdbx_auth_comp_id 
_struct_site.pdbx_auth_seq_id 
_struct_site.pdbx_auth_ins_code 
_struct_site.pdbx_num_residues 
_struct_site.details 
AC1 Software A CU1 201 ? 3 'BINDING SITE FOR RESIDUE CU1 A 201' 
AC2 Software A NA  202 ? 5 'BINDING SITE FOR RESIDUE NA A 202'  
AC3 Software A NA  203 ? 6 'BINDING SITE FOR RESIDUE NA A 203'  
# 
loop_
_struct_site_gen.id 
_struct_site_gen.site_id 
_struct_site_gen.pdbx_num_res 
_struct_site_gen.label_comp_id 
_struct_site_gen.label_asym_id 
_struct_site_gen.label_seq_id 
_struct_site_gen.pdbx_auth_ins_code 
_struct_site_gen.auth_comp_id 
_struct_site_gen.auth_asym_id 
_struct_site_gen.auth_seq_id 
_struct_site_gen.label_atom_id 
_struct_site_gen.label_alt_id 
_struct_site_gen.symmetry 
_struct_site_gen.details 
1  AC1 3 CYS A 49 ? CYS A 50  . ? 4_565  ? 
2  AC1 3 HIS A 74 ? HIS A 75  . ? 1_555  ? 
3  AC1 3 CYS A 78 ? CYS A 79  . ? 1_555  ? 
4  AC2 5 SER A 87 ? SER A 88  . ? 10_667 ? 
5  AC2 5 GLU A 89 ? GLU A 90  . ? 10_667 ? 
6  AC2 5 GLU A 89 ? GLU A 90  . ? 1_555  ? 
7  AC2 5 GLN A 90 ? GLN A 91  . ? 10_667 ? 
8  AC2 5 HOH E .  ? HOH A 303 . ? 1_555  ? 
9  AC3 6 GLY A 12 ? GLY A 13  . ? 1_555  ? 
10 AC3 6 THR A 13 ? THR A 14  . ? 1_555  ? 
11 AC3 6 ALA A 82 ? ALA A 83  . ? 1_555  ? 
12 AC3 6 SER A 87 ? SER A 88  . ? 1_555  ? 
13 AC3 6 GLN A 90 ? GLN A 91  . ? 1_555  ? 
14 AC3 6 SER A 91 ? SER A 92  . ? 1_555  ? 
# 
_atom_sites.entry_id                    4M1P 
_atom_sites.fract_transf_matrix[1][1]   0.01068495 
_atom_sites.fract_transf_matrix[1][2]   0.00320558 
_atom_sites.fract_transf_matrix[1][3]   -0.00656559 
_atom_sites.fract_transf_matrix[2][1]   0.01091875 
_atom_sites.fract_transf_matrix[2][2]   -0.00673533 
_atom_sites.fract_transf_matrix[2][3]   0.00172142 
_atom_sites.fract_transf_matrix[3][1]   -0.00460004 
_atom_sites.fract_transf_matrix[3][2]   -0.01070653 
_atom_sites.fract_transf_matrix[3][3]   -0.01271355 
_atom_sites.fract_transf_vector[1]      -0.025502 
_atom_sites.fract_transf_vector[2]      0.589627 
_atom_sites.fract_transf_vector[3]      1.216731 
# 
loop_
_atom_type.symbol 
C  
CU 
N  
NA 
O  
S  
# 
loop_
_atom_site.group_PDB 
_atom_site.id 
_atom_site.type_symbol 
_atom_site.label_atom_id 
_atom_site.label_alt_id 
_atom_site.label_comp_id 
_atom_site.label_asym_id 
_atom_site.label_entity_id 
_atom_site.label_seq_id 
_atom_site.pdbx_PDB_ins_code 
_atom_site.Cartn_x 
_atom_site.Cartn_y 
_atom_site.Cartn_z 
_atom_site.occupancy 
_atom_site.B_iso_or_equiv 
_atom_site.pdbx_formal_charge 
_atom_site.auth_seq_id 
_atom_site.auth_comp_id 
_atom_site.auth_asym_id 
_atom_site.auth_atom_id 
_atom_site.pdbx_PDB_model_num 
ATOM   1   N  N   . VAL A 1 9   ? 15.807  -12.831 -3.999  1.00 123.84 ? 10  VAL A N   1 
ATOM   2   C  CA  . VAL A 1 9   ? 15.542  -12.405 -2.628  1.00 120.07 ? 10  VAL A CA  1 
ATOM   3   C  C   . VAL A 1 9   ? 16.474  -11.256 -2.234  1.00 117.45 ? 10  VAL A C   1 
ATOM   4   O  O   . VAL A 1 9   ? 16.267  -10.124 -2.668  1.00 117.75 ? 10  VAL A O   1 
ATOM   5   C  CB  . VAL A 1 9   ? 15.652  -13.588 -1.640  1.00 120.11 ? 10  VAL A CB  1 
ATOM   6   C  CG1 . VAL A 1 9   ? 15.104  -13.204 -0.271  1.00 116.28 ? 10  VAL A CG1 1 
ATOM   7   C  CG2 . VAL A 1 9   ? 14.893  -14.789 -2.181  1.00 121.96 ? 10  VAL A CG2 1 
ATOM   8   N  N   . LEU A 1 10  ? 17.497  -11.550 -1.428  1.00 114.53 ? 11  LEU A N   1 
ATOM   9   C  CA  . LEU A 1 10  ? 18.439  -10.539 -0.933  1.00 110.09 ? 11  LEU A CA  1 
ATOM   10  C  C   . LEU A 1 10  ? 17.739  -9.404  -0.166  1.00 106.60 ? 11  LEU A C   1 
ATOM   11  O  O   . LEU A 1 10  ? 17.973  -8.221  -0.423  1.00 110.01 ? 11  LEU A O   1 
ATOM   12  C  CB  . LEU A 1 10  ? 19.290  -9.976  -2.083  1.00 109.86 ? 11  LEU A CB  1 
ATOM   13  C  CG  . LEU A 1 10  ? 20.521  -9.132  -1.730  1.00 108.54 ? 11  LEU A CG  1 
ATOM   14  C  CD1 . LEU A 1 10  ? 21.700  -10.008 -1.371  1.00 110.05 ? 11  LEU A CD1 1 
ATOM   15  C  CD2 . LEU A 1 10  ? 20.877  -8.168  -2.851  1.00 110.60 ? 11  LEU A CD2 1 
ATOM   16  N  N   . HIS A 1 11  ? 16.876  -9.765  0.779   1.00 97.67  ? 12  HIS A N   1 
ATOM   17  C  CA  . HIS A 1 11  ? 16.170  -8.761  1.574   1.00 84.20  ? 12  HIS A CA  1 
ATOM   18  C  C   . HIS A 1 11  ? 15.872  -9.278  2.974   1.00 78.64  ? 12  HIS A C   1 
ATOM   19  O  O   . HIS A 1 11  ? 16.144  -10.439 3.283   1.00 81.75  ? 12  HIS A O   1 
ATOM   20  C  CB  . HIS A 1 11  ? 14.874  -8.323  0.880   1.00 75.17  ? 12  HIS A CB  1 
ATOM   21  C  CG  . HIS A 1 11  ? 13.938  -9.453  0.561   1.00 71.72  ? 12  HIS A CG  1 
ATOM   22  N  ND1 . HIS A 1 11  ? 13.381  -10.254 1.530   1.00 70.01  ? 12  HIS A ND1 1 
ATOM   23  C  CD2 . HIS A 1 11  ? 13.462  -9.903  -0.624  1.00 73.45  ? 12  HIS A CD2 1 
ATOM   24  C  CE1 . HIS A 1 11  ? 12.602  -11.159 0.957   1.00 70.10  ? 12  HIS A CE1 1 
ATOM   25  N  NE2 . HIS A 1 11  ? 12.635  -10.966 -0.347  1.00 73.08  ? 12  HIS A NE2 1 
ATOM   26  N  N   . GLY A 1 12  ? 15.306  -8.416  3.816   1.00 70.36  ? 13  GLY A N   1 
ATOM   27  C  CA  . GLY A 1 12  ? 14.947  -8.796  5.173   1.00 67.73  ? 13  GLY A CA  1 
ATOM   28  C  C   . GLY A 1 12  ? 13.962  -9.953  5.243   1.00 66.25  ? 13  GLY A C   1 
ATOM   29  O  O   . GLY A 1 12  ? 13.379  -10.341 4.235   1.00 63.67  ? 13  GLY A O   1 
ATOM   30  N  N   . THR A 1 13  ? 13.784  -10.505 6.440   1.00 67.62  ? 14  THR A N   1 
ATOM   31  C  CA  . THR A 1 13  ? 12.850  -11.607 6.661   1.00 66.05  ? 14  THR A CA  1 
ATOM   32  C  C   . THR A 1 13  ? 11.444  -11.249 6.187   1.00 64.67  ? 14  THR A C   1 
ATOM   33  O  O   . THR A 1 13  ? 10.981  -10.125 6.402   1.00 63.29  ? 14  THR A O   1 
ATOM   34  C  CB  . THR A 1 13  ? 12.748  -11.948 8.155   1.00 67.88  ? 14  THR A CB  1 
ATOM   35  O  OG1 . THR A 1 13  ? 14.060  -12.089 8.712   1.00 73.26  ? 14  THR A OG1 1 
ATOM   36  C  CG2 . THR A 1 13  ? 11.969  -13.235 8.356   1.00 69.83  ? 14  THR A CG2 1 
ATOM   37  N  N   . MET A 1 14  ? 10.762  -12.198 5.548   1.00 63.01  ? 15  MET A N   1 
ATOM   38  C  CA  . MET A 1 14  ? 9.362   -11.992 5.177   1.00 60.67  ? 15  MET A CA  1 
ATOM   39  C  C   . MET A 1 14  ? 8.475   -13.182 5.547   1.00 62.91  ? 15  MET A C   1 
ATOM   40  O  O   . MET A 1 14  ? 8.810   -14.332 5.265   1.00 63.74  ? 15  MET A O   1 
ATOM   41  C  CB  . MET A 1 14  ? 9.225   -11.700 3.681   1.00 55.99  ? 15  MET A CB  1 
ATOM   42  C  CG  . MET A 1 14  ? 7.788   -11.439 3.258   1.00 55.52  ? 15  MET A CG  1 
ATOM   43  S  SD  . MET A 1 14  ? 7.578   -11.337 1.479   1.00 70.60  ? 15  MET A SD  1 
ATOM   44  C  CE  . MET A 1 14  ? 5.827   -10.959 1.374   1.00 62.62  ? 15  MET A CE  1 
ATOM   45  N  N   . ILE A 1 15  ? 7.346   -12.899 6.190   1.00 64.47  ? 16  ILE A N   1 
ATOM   46  C  CA  . ILE A 1 15  ? 6.306   -13.904 6.369   1.00 67.14  ? 16  ILE A CA  1 
ATOM   47  C  C   . ILE A 1 15  ? 5.427   -13.860 5.123   1.00 67.41  ? 16  ILE A C   1 
ATOM   48  O  O   . ILE A 1 15  ? 4.840   -12.822 4.818   1.00 65.26  ? 16  ILE A O   1 
ATOM   49  C  CB  . ILE A 1 15  ? 5.418   -13.606 7.591   1.00 67.40  ? 16  ILE A CB  1 
ATOM   50  C  CG1 . ILE A 1 15  ? 6.260   -13.206 8.806   1.00 61.50  ? 16  ILE A CG1 1 
ATOM   51  C  CG2 . ILE A 1 15  ? 4.527   -14.810 7.901   1.00 72.49  ? 16  ILE A CG2 1 
ATOM   52  C  CD1 . ILE A 1 15  ? 6.366   -14.281 9.857   1.00 60.42  ? 16  ILE A CD1 1 
ATOM   53  N  N   . PRO A 1 16  ? 5.336   -14.983 4.394   1.00 70.38  ? 17  PRO A N   1 
ATOM   54  C  CA  . PRO A 1 16  ? 4.591   -15.023 3.126   1.00 72.00  ? 17  PRO A CA  1 
ATOM   55  C  C   . PRO A 1 16  ? 3.103   -14.749 3.329   1.00 76.29  ? 17  PRO A C   1 
ATOM   56  O  O   . PRO A 1 16  ? 2.568   -15.085 4.385   1.00 79.61  ? 17  PRO A O   1 
ATOM   57  C  CB  . PRO A 1 16  ? 4.789   -16.466 2.650   1.00 68.66  ? 17  PRO A CB  1 
ATOM   58  C  CG  . PRO A 1 16  ? 5.994   -16.963 3.386   1.00 68.24  ? 17  PRO A CG  1 
ATOM   59  C  CD  . PRO A 1 16  ? 5.947   -16.283 4.718   1.00 68.92  ? 17  PRO A CD  1 
ATOM   60  N  N   . ARG A 1 17  ? 2.446   -14.153 2.338   1.00 75.30  ? 18  ARG A N   1 
ATOM   61  C  CA  . ARG A 1 17  ? 1.017   -13.868 2.441   1.00 74.64  ? 18  ARG A CA  1 
ATOM   62  C  C   . ARG A 1 17  ? 0.172   -15.112 2.236   1.00 80.64  ? 18  ARG A C   1 
ATOM   63  O  O   . ARG A 1 17  ? 0.541   -16.007 1.477   1.00 85.33  ? 18  ARG A O   1 
ATOM   64  C  CB  . ARG A 1 17  ? 0.601   -12.802 1.431   1.00 71.71  ? 18  ARG A CB  1 
ATOM   65  C  CG  . ARG A 1 17  ? 1.293   -11.491 1.654   1.00 67.27  ? 18  ARG A CG  1 
ATOM   66  C  CD  . ARG A 1 17  ? 0.967   -10.464 0.598   1.00 67.44  ? 18  ARG A CD  1 
ATOM   67  N  NE  . ARG A 1 17  ? 1.894   -9.353  0.743   1.00 70.59  ? 18  ARG A NE  1 
ATOM   68  C  CZ  . ARG A 1 17  ? 3.028   -9.244  0.062   1.00 71.59  ? 18  ARG A CZ  1 
ATOM   69  N  NH1 . ARG A 1 17  ? 3.355   -10.160 -0.843  1.00 64.23  ? 18  ARG A NH1 1 
ATOM   70  N  NH2 . ARG A 1 17  ? 3.829   -8.208  0.273   1.00 73.34  ? 18  ARG A NH2 1 
ATOM   71  N  N   . THR A 1 18  ? -0.968  -15.155 2.920   1.00 82.65  ? 19  THR A N   1 
ATOM   72  C  CA  . THR A 1 18  ? -1.923  -16.250 2.790   1.00 83.45  ? 19  THR A CA  1 
ATOM   73  C  C   . THR A 1 18  ? -2.728  -16.089 1.506   1.00 84.55  ? 19  THR A C   1 
ATOM   74  O  O   . THR A 1 18  ? -2.595  -15.079 0.816   1.00 85.10  ? 19  THR A O   1 
ATOM   75  C  CB  . THR A 1 18  ? -2.899  -16.261 3.976   1.00 79.57  ? 19  THR A CB  1 
ATOM   76  O  OG1 . THR A 1 18  ? -3.618  -15.023 4.011   1.00 75.03  ? 19  THR A OG1 1 
ATOM   77  C  CG2 . THR A 1 18  ? -2.144  -16.435 5.284   1.00 76.04  ? 19  THR A CG2 1 
ATOM   78  N  N   . LYS A 1 19  ? -3.557  -17.079 1.181   1.00 85.13  ? 20  LYS A N   1 
ATOM   79  C  CA  . LYS A 1 19  ? -4.510  -16.930 0.087   1.00 80.76  ? 20  LYS A CA  1 
ATOM   80  C  C   . LYS A 1 19  ? -5.457  -15.800 0.460   1.00 79.53  ? 20  LYS A C   1 
ATOM   81  O  O   . LYS A 1 19  ? -5.882  -15.010 -0.384  1.00 75.41  ? 20  LYS A O   1 
ATOM   82  C  CB  . LYS A 1 19  ? -5.291  -18.225 -0.130  1.00 81.91  ? 20  LYS A CB  1 
ATOM   83  N  N   . GLU A 1 20  ? -5.753  -15.722 1.751   1.00 87.35  ? 21  GLU A N   1 
ATOM   84  C  CA  . GLU A 1 20  ? -6.652  -14.726 2.317   1.00 97.62  ? 21  GLU A CA  1 
ATOM   85  C  C   . GLU A 1 20  ? -6.117  -13.296 2.166   1.00 97.58  ? 21  GLU A C   1 
ATOM   86  O  O   . GLU A 1 20  ? -6.795  -12.430 1.604   1.00 99.18  ? 21  GLU A O   1 
ATOM   87  C  CB  . GLU A 1 20  ? -6.893  -15.063 3.793   1.00 105.77 ? 21  GLU A CB  1 
ATOM   88  C  CG  . GLU A 1 20  ? -7.897  -14.179 4.513   1.00 112.09 ? 21  GLU A CG  1 
ATOM   89  C  CD  . GLU A 1 20  ? -8.365  -14.791 5.824   1.00 118.10 ? 21  GLU A CD  1 
ATOM   90  O  OE1 . GLU A 1 20  ? -9.041  -14.088 6.603   1.00 120.10 ? 21  GLU A OE1 1 
ATOM   91  O  OE2 . GLU A 1 20  ? -8.060  -15.979 6.070   1.00 119.63 ? 21  GLU A OE2 1 
ATOM   92  N  N   . GLU A 1 21  ? -4.906  -13.059 2.670   1.00 92.79  ? 22  GLU A N   1 
ATOM   93  C  CA  . GLU A 1 21  ? -4.277  -11.740 2.608   1.00 86.59  ? 22  GLU A CA  1 
ATOM   94  C  C   . GLU A 1 21  ? -4.184  -11.216 1.182   1.00 82.64  ? 22  GLU A C   1 
ATOM   95  O  O   . GLU A 1 21  ? -4.509  -10.058 0.917   1.00 82.46  ? 22  GLU A O   1 
ATOM   96  C  CB  . GLU A 1 21  ? -2.873  -11.781 3.212   1.00 83.38  ? 22  GLU A CB  1 
ATOM   97  C  CG  . GLU A 1 21  ? -2.820  -11.849 4.724   1.00 80.08  ? 22  GLU A CG  1 
ATOM   98  C  CD  . GLU A 1 21  ? -1.406  -11.699 5.249   1.00 78.16  ? 22  GLU A CD  1 
ATOM   99  O  OE1 . GLU A 1 21  ? -1.088  -10.628 5.814   1.00 78.37  ? 22  GLU A OE1 1 
ATOM   100 O  OE2 . GLU A 1 21  ? -0.612  -12.650 5.091   1.00 75.13  ? 22  GLU A OE2 1 
ATOM   101 N  N   . ILE A 1 22  ? -3.724  -12.070 0.274   1.00 78.97  ? 23  ILE A N   1 
ATOM   102 C  CA  . ILE A 1 22  ? -3.602  -11.700 -1.129  1.00 79.90  ? 23  ILE A CA  1 
ATOM   103 C  C   . ILE A 1 22  ? -4.964  -11.313 -1.702  1.00 87.73  ? 23  ILE A C   1 
ATOM   104 O  O   . ILE A 1 22  ? -5.091  -10.281 -2.363  1.00 87.38  ? 23  ILE A O   1 
ATOM   105 C  CB  . ILE A 1 22  ? -2.971  -12.832 -1.963  1.00 77.26  ? 23  ILE A CB  1 
ATOM   106 C  CG1 . ILE A 1 22  ? -1.510  -13.043 -1.556  1.00 75.86  ? 23  ILE A CG1 1 
ATOM   107 C  CG2 . ILE A 1 22  ? -3.059  -12.520 -3.445  1.00 71.98  ? 23  ILE A CG2 1 
ATOM   108 C  CD1 . ILE A 1 22  ? -0.812  -14.154 -2.325  1.00 76.36  ? 23  ILE A CD1 1 
ATOM   109 N  N   . GLU A 1 23  ? -5.977  -12.128 -1.419  1.00 93.25  ? 24  GLU A N   1 
ATOM   110 C  CA  . GLU A 1 23  ? -7.344  -11.871 -1.875  1.00 97.36  ? 24  GLU A CA  1 
ATOM   111 C  C   . GLU A 1 23  ? -7.876  -10.508 -1.425  1.00 96.83  ? 24  GLU A C   1 
ATOM   112 O  O   . GLU A 1 23  ? -8.435  -9.762  -2.229  1.00 99.39  ? 24  GLU A O   1 
ATOM   113 C  CB  . GLU A 1 23  ? -8.283  -12.981 -1.390  1.00 101.54 ? 24  GLU A CB  1 
ATOM   114 C  CG  . GLU A 1 23  ? -9.680  -12.940 -2.000  1.00 107.95 ? 24  GLU A CG  1 
ATOM   115 C  CD  . GLU A 1 23  ? -10.560 -14.090 -1.530  1.00 116.89 ? 24  GLU A CD  1 
ATOM   116 O  OE1 . GLU A 1 23  ? -10.925 -14.113 -0.335  1.00 118.02 ? 24  GLU A OE1 1 
ATOM   117 O  OE2 . GLU A 1 23  ? -10.885 -14.975 -2.352  1.00 122.56 ? 24  GLU A OE2 1 
ATOM   118 N  N   . ASN A 1 24  ? -7.697  -10.188 -0.145  1.00 93.87  ? 25  ASN A N   1 
ATOM   119 C  CA  . ASN A 1 24  ? -8.228  -8.947  0.420   1.00 92.25  ? 25  ASN A CA  1 
ATOM   120 C  C   . ASN A 1 24  ? -7.578  -7.703  -0.170  1.00 86.63  ? 25  ASN A C   1 
ATOM   121 O  O   . ASN A 1 24  ? -8.264  -6.818  -0.683  1.00 89.02  ? 25  ASN A O   1 
ATOM   122 C  CB  . ASN A 1 24  ? -8.084  -8.936  1.942   1.00 95.67  ? 25  ASN A CB  1 
ATOM   123 C  CG  . ASN A 1 24  ? -8.794  -10.102 2.601   1.00 102.50 ? 25  ASN A CG  1 
ATOM   124 O  OD1 . ASN A 1 24  ? -8.216  -10.808 3.425   1.00 105.60 ? 25  ASN A OD1 1 
ATOM   125 N  ND2 . ASN A 1 24  ? -10.056 -10.311 2.235   1.00 103.79 ? 25  ASN A ND2 1 
ATOM   126 N  N   . ILE A 1 25  ? -6.253  -7.641  -0.075  1.00 79.42  ? 26  ILE A N   1 
ATOM   127 C  CA  . ILE A 1 25  ? -5.477  -6.579  -0.697  1.00 75.14  ? 26  ILE A CA  1 
ATOM   128 C  C   . ILE A 1 25  ? -5.876  -6.417  -2.154  1.00 75.86  ? 26  ILE A C   1 
ATOM   129 O  O   . ILE A 1 25  ? -6.065  -5.301  -2.634  1.00 77.98  ? 26  ILE A O   1 
ATOM   130 C  CB  . ILE A 1 25  ? -3.974  -6.898  -0.653  1.00 75.34  ? 26  ILE A CB  1 
ATOM   131 C  CG1 . ILE A 1 25  ? -3.506  -7.097  0.785   1.00 77.31  ? 26  ILE A CG1 1 
ATOM   132 C  CG2 . ILE A 1 25  ? -3.171  -5.799  -1.323  1.00 70.79  ? 26  ILE A CG2 1 
ATOM   133 C  CD1 . ILE A 1 25  ? -2.148  -7.749  0.879   1.00 80.43  ? 26  ILE A CD1 1 
ATOM   134 N  N   . MET A 1 26  ? -6.016  -7.545  -2.846  1.00 76.49  ? 27  MET A N   1 
ATOM   135 C  CA  . MET A 1 26  ? -6.320  -7.557  -4.273  1.00 75.50  ? 27  MET A CA  1 
ATOM   136 C  C   . MET A 1 26  ? -7.616  -6.822  -4.606  1.00 73.13  ? 27  MET A C   1 
ATOM   137 O  O   . MET A 1 26  ? -7.680  -6.068  -5.581  1.00 69.25  ? 27  MET A O   1 
ATOM   138 C  CB  . MET A 1 26  ? -6.411  -8.996  -4.776  1.00 77.27  ? 27  MET A CB  1 
ATOM   139 C  CG  . MET A 1 26  ? -6.071  -9.144  -6.233  1.00 77.72  ? 27  MET A CG  1 
ATOM   140 S  SD  . MET A 1 26  ? -4.401  -8.560  -6.576  1.00 84.65  ? 27  MET A SD  1 
ATOM   141 C  CE  . MET A 1 26  ? -4.440  -8.630  -8.363  1.00 124.69 ? 27  MET A CE  1 
ATOM   142 N  N   . LYS A 1 27  ? -8.647  -7.054  -3.802  1.00 74.55  ? 28  LYS A N   1 
ATOM   143 C  CA  . LYS A 1 27  ? -9.923  -6.385  -4.003  1.00 76.52  ? 28  LYS A CA  1 
ATOM   144 C  C   . LYS A 1 27  ? -9.713  -4.883  -3.893  1.00 72.58  ? 28  LYS A C   1 
ATOM   145 O  O   . LYS A 1 27  ? -10.151 -4.114  -4.754  1.00 75.10  ? 28  LYS A O   1 
ATOM   146 C  CB  . LYS A 1 27  ? -10.946 -6.857  -2.969  1.00 76.46  ? 28  LYS A CB  1 
ATOM   147 N  N   . ARG A 1 28  ? -9.015  -4.484  -2.836  1.00 68.47  ? 29  ARG A N   1 
ATOM   148 C  CA  . ARG A 1 28  ? -8.708  -3.081  -2.578  1.00 62.26  ? 29  ARG A CA  1 
ATOM   149 C  C   . ARG A 1 28  ? -7.961  -2.420  -3.734  1.00 61.57  ? 29  ARG A C   1 
ATOM   150 O  O   . ARG A 1 28  ? -8.252  -1.283  -4.096  1.00 66.41  ? 29  ARG A O   1 
ATOM   151 C  CB  . ARG A 1 28  ? -7.925  -2.951  -1.275  1.00 60.04  ? 29  ARG A CB  1 
ATOM   152 C  CG  . ARG A 1 28  ? -8.722  -3.388  -0.050  1.00 68.61  ? 29  ARG A CG  1 
ATOM   153 C  CD  . ARG A 1 28  ? -7.890  -3.335  1.223   1.00 77.70  ? 29  ARG A CD  1 
ATOM   154 N  NE  . ARG A 1 28  ? -8.723  -3.319  2.424   1.00 82.88  ? 29  ARG A NE  1 
ATOM   155 C  CZ  . ARG A 1 28  ? -9.145  -2.207  3.020   1.00 84.16  ? 29  ARG A CZ  1 
ATOM   156 N  NH1 . ARG A 1 28  ? -8.811  -1.022  2.526   1.00 83.34  ? 29  ARG A NH1 1 
ATOM   157 N  NH2 . ARG A 1 28  ? -9.902  -2.274  4.108   1.00 86.12  ? 29  ARG A NH2 1 
ATOM   158 N  N   . LEU A 1 29  ? -7.017  -3.139  -4.330  1.00 61.18  ? 30  LEU A N   1 
ATOM   159 C  CA  . LEU A 1 29  ? -6.293  -2.630  -5.491  1.00 59.72  ? 30  LEU A CA  1 
ATOM   160 C  C   . LEU A 1 29  ? -7.163  -2.648  -6.751  1.00 65.54  ? 30  LEU A C   1 
ATOM   161 O  O   . LEU A 1 29  ? -7.050  -1.762  -7.605  1.00 65.75  ? 30  LEU A O   1 
ATOM   162 C  CB  . LEU A 1 29  ? -5.011  -3.428  -5.720  1.00 62.25  ? 30  LEU A CB  1 
ATOM   163 C  CG  . LEU A 1 29  ? -4.050  -3.584  -4.539  1.00 61.81  ? 30  LEU A CG  1 
ATOM   164 C  CD1 . LEU A 1 29  ? -2.833  -4.398  -4.956  1.00 60.61  ? 30  LEU A CD1 1 
ATOM   165 C  CD2 . LEU A 1 29  ? -3.629  -2.237  -3.981  1.00 56.88  ? 30  LEU A CD2 1 
ATOM   166 N  N   . LYS A 1 30  ? -8.027  -3.657  -6.874  1.00 66.49  ? 31  LYS A N   1 
ATOM   167 C  CA  . LYS A 1 30  ? -8.979  -3.693  -7.978  1.00 68.07  ? 31  LYS A CA  1 
ATOM   168 C  C   . LYS A 1 30  ? -9.916  -2.489  -7.894  1.00 64.98  ? 31  LYS A C   1 
ATOM   169 O  O   . LYS A 1 30  ? -10.056 -1.739  -8.862  1.00 63.82  ? 31  LYS A O   1 
ATOM   170 C  CB  . LYS A 1 30  ? -9.783  -4.998  -7.979  1.00 72.38  ? 31  LYS A CB  1 
ATOM   171 C  CG  . LYS A 1 30  ? -9.011  -6.217  -8.487  1.00 74.64  ? 31  LYS A CG  1 
ATOM   172 C  CD  . LYS A 1 30  ? -8.580  -6.061  -9.938  1.00 72.08  ? 31  LYS A CD  1 
ATOM   173 C  CE  . LYS A 1 30  ? -7.694  -7.214  -10.379 1.00 72.83  ? 31  LYS A CE  1 
ATOM   174 N  NZ  . LYS A 1 30  ? -8.384  -8.528  -10.266 1.00 80.61  ? 31  LYS A NZ  1 
ATOM   175 N  N   . ARG A 1 31  ? -10.548 -2.303  -6.736  1.00 60.56  ? 32  ARG A N   1 
ATOM   176 C  CA  . ARG A 1 31  ? -11.431 -1.159  -6.526  1.00 62.23  ? 32  ARG A CA  1 
ATOM   177 C  C   . ARG A 1 31  ? -10.694 0.124   -6.896  1.00 64.11  ? 32  ARG A C   1 
ATOM   178 O  O   . ARG A 1 31  ? -11.202 0.950   -7.658  1.00 63.89  ? 32  ARG A O   1 
ATOM   179 C  CB  . ARG A 1 31  ? -11.911 -1.095  -5.076  1.00 58.75  ? 32  ARG A CB  1 
ATOM   180 N  N   . ILE A 1 32  ? -9.475  0.265   -6.380  1.00 62.77  ? 33  ILE A N   1 
ATOM   181 C  CA  . ILE A 1 32  ? -8.636  1.404   -6.724  1.00 58.49  ? 33  ILE A CA  1 
ATOM   182 C  C   . ILE A 1 32  ? -8.363  1.481   -8.233  1.00 61.24  ? 33  ILE A C   1 
ATOM   183 O  O   . ILE A 1 32  ? -8.436  2.565   -8.813  1.00 63.05  ? 33  ILE A O   1 
ATOM   184 C  CB  . ILE A 1 32  ? -7.325  1.408   -5.919  1.00 58.84  ? 33  ILE A CB  1 
ATOM   185 C  CG1 . ILE A 1 32  ? -7.594  1.769   -4.457  1.00 55.47  ? 33  ILE A CG1 1 
ATOM   186 C  CG2 . ILE A 1 32  ? -6.343  2.408   -6.492  1.00 61.88  ? 33  ILE A CG2 1 
ATOM   187 C  CD1 . ILE A 1 32  ? -6.331  1.813   -3.603  1.00 51.61  ? 33  ILE A CD1 1 
ATOM   188 N  N   . GLU A 1 33  ? -8.072  0.342   -8.867  1.00 59.59  ? 34  GLU A N   1 
ATOM   189 C  CA  . GLU A 1 33  ? -7.888  0.303   -10.323 1.00 60.52  ? 34  GLU A CA  1 
ATOM   190 C  C   . GLU A 1 33  ? -9.141  0.828   -11.021 1.00 64.23  ? 34  GLU A C   1 
ATOM   191 O  O   . GLU A 1 33  ? -9.057  1.614   -11.972 1.00 69.66  ? 34  GLU A O   1 
ATOM   192 C  CB  . GLU A 1 33  ? -7.552  -1.119  -10.826 1.00 57.73  ? 34  GLU A CB  1 
ATOM   193 C  CG  . GLU A 1 33  ? -7.325  -1.188  -12.345 1.00 57.47  ? 34  GLU A CG  1 
ATOM   194 C  CD  . GLU A 1 33  ? -7.258  -2.610  -12.923 1.00 62.24  ? 34  GLU A CD  1 
ATOM   195 O  OE1 . GLU A 1 33  ? -6.983  -3.566  -12.170 1.00 65.48  ? 34  GLU A OE1 1 
ATOM   196 O  OE2 . GLU A 1 33  ? -7.476  -2.760  -14.146 1.00 55.95  ? 34  GLU A OE2 1 
ATOM   197 N  N   . GLY A 1 34  ? -10.303 0.394   -10.540 1.00 62.07  ? 35  GLY A N   1 
ATOM   198 C  CA  . GLY A 1 34  ? -11.566 0.857   -11.089 1.00 65.99  ? 35  GLY A CA  1 
ATOM   199 C  C   . GLY A 1 34  ? -11.689 2.366   -10.986 1.00 63.52  ? 35  GLY A C   1 
ATOM   200 O  O   . GLY A 1 34  ? -11.961 3.043   -11.986 1.00 60.77  ? 35  GLY A O   1 
ATOM   201 N  N   . GLN A 1 35  ? -11.479 2.882   -9.773  1.00 56.70  ? 36  GLN A N   1 
ATOM   202 C  CA  . GLN A 1 35  ? -11.502 4.314   -9.521  1.00 54.23  ? 36  GLN A CA  1 
ATOM   203 C  C   . GLN A 1 35  ? -10.615 5.036   -10.525 1.00 57.27  ? 36  GLN A C   1 
ATOM   204 O  O   . GLN A 1 35  ? -11.032 6.022   -11.138 1.00 64.90  ? 36  GLN A O   1 
ATOM   205 C  CB  . GLN A 1 35  ? -11.044 4.610   -8.093  1.00 57.21  ? 36  GLN A CB  1 
ATOM   206 C  CG  . GLN A 1 35  ? -11.954 4.045   -7.009  1.00 60.92  ? 36  GLN A CG  1 
ATOM   207 C  CD  . GLN A 1 35  ? -11.427 4.294   -5.611  1.00 64.26  ? 36  GLN A CD  1 
ATOM   208 O  OE1 . GLN A 1 35  ? -10.335 3.854   -5.259  1.00 63.56  ? 36  GLN A OE1 1 
ATOM   209 N  NE2 . GLN A 1 35  ? -12.207 5.004   -4.804  1.00 68.54  ? 36  GLN A NE2 1 
ATOM   210 N  N   . VAL A 1 36  ? -9.403  4.523   -10.716 1.00 53.43  ? 37  VAL A N   1 
ATOM   211 C  CA  . VAL A 1 36  ? -8.464  5.116   -11.666 1.00 56.22  ? 37  VAL A CA  1 
ATOM   212 C  C   . VAL A 1 36  ? -9.011  5.152   -13.103 1.00 61.50  ? 37  VAL A C   1 
ATOM   213 O  O   . VAL A 1 36  ? -8.854  6.153   -13.813 1.00 67.31  ? 37  VAL A O   1 
ATOM   214 C  CB  . VAL A 1 36  ? -7.082  4.426   -11.616 1.00 54.88  ? 37  VAL A CB  1 
ATOM   215 C  CG1 . VAL A 1 36  ? -6.158  4.994   -12.673 1.00 53.01  ? 37  VAL A CG1 1 
ATOM   216 C  CG2 . VAL A 1 36  ? -6.457  4.606   -10.241 1.00 54.79  ? 37  VAL A CG2 1 
ATOM   217 N  N   . ARG A 1 37  ? -9.666  4.081   -13.535 1.00 60.20  ? 38  ARG A N   1 
ATOM   218 C  CA  . ARG A 1 37  ? -10.256 4.080   -14.872 1.00 61.25  ? 38  ARG A CA  1 
ATOM   219 C  C   . ARG A 1 37  ? -11.544 4.894   -14.897 1.00 59.46  ? 38  ARG A C   1 
ATOM   220 O  O   . ARG A 1 37  ? -11.883 5.504   -15.912 1.00 61.95  ? 38  ARG A O   1 
ATOM   221 C  CB  . ARG A 1 37  ? -10.486 2.652   -15.373 1.00 62.74  ? 38  ARG A CB  1 
ATOM   222 C  CG  . ARG A 1 37  ? -9.187  1.893   -15.567 1.00 61.77  ? 38  ARG A CG  1 
ATOM   223 C  CD  . ARG A 1 37  ? -9.411  0.442   -15.876 1.00 60.10  ? 38  ARG A CD  1 
ATOM   224 N  NE  . ARG A 1 37  ? -10.221 0.251   -17.068 1.00 58.35  ? 38  ARG A NE  1 
ATOM   225 C  CZ  . ARG A 1 37  ? -10.433 -0.934  -17.624 1.00 61.92  ? 38  ARG A CZ  1 
ATOM   226 N  NH1 . ARG A 1 37  ? -9.882  -2.009  -17.086 1.00 60.51  ? 38  ARG A NH1 1 
ATOM   227 N  NH2 . ARG A 1 37  ? -11.183 -1.044  -18.712 1.00 64.56  ? 38  ARG A NH2 1 
ATOM   228 N  N   . GLY A 1 38  ? -12.257 4.908   -13.775 1.00 58.04  ? 39  GLY A N   1 
ATOM   229 C  CA  . GLY A 1 38  ? -13.407 5.781   -13.646 1.00 59.69  ? 39  GLY A CA  1 
ATOM   230 C  C   . GLY A 1 38  ? -12.964 7.203   -13.932 1.00 62.56  ? 39  GLY A C   1 
ATOM   231 O  O   . GLY A 1 38  ? -13.607 7.923   -14.700 1.00 66.61  ? 39  GLY A O   1 
ATOM   232 N  N   . VAL A 1 39  ? -11.842 7.592   -13.329 1.00 59.27  ? 40  VAL A N   1 
ATOM   233 C  CA  . VAL A 1 39  ? -11.295 8.933   -13.495 1.00 56.95  ? 40  VAL A CA  1 
ATOM   234 C  C   . VAL A 1 39  ? -10.898 9.148   -14.947 1.00 57.58  ? 40  VAL A C   1 
ATOM   235 O  O   . VAL A 1 39  ? -11.129 10.219  -15.514 1.00 62.16  ? 40  VAL A O   1 
ATOM   236 C  CB  . VAL A 1 39  ? -10.104 9.168   -12.546 1.00 51.70  ? 40  VAL A CB  1 
ATOM   237 C  CG1 . VAL A 1 39  ? -9.350  10.426  -12.920 1.00 45.57  ? 40  VAL A CG1 1 
ATOM   238 C  CG2 . VAL A 1 39  ? -10.600 9.260   -11.122 1.00 54.11  ? 40  VAL A CG2 1 
ATOM   239 N  N   . GLN A 1 40  ? -10.320 8.113   -15.546 1.00 58.36  ? 41  GLN A N   1 
ATOM   240 C  CA  . GLN A 1 40  ? -10.027 8.108   -16.972 1.00 64.36  ? 41  GLN A CA  1 
ATOM   241 C  C   . GLN A 1 40  ? -11.271 8.419   -17.810 1.00 65.34  ? 41  GLN A C   1 
ATOM   242 O  O   . GLN A 1 40  ? -11.243 9.306   -18.662 1.00 66.54  ? 41  GLN A O   1 
ATOM   243 C  CB  . GLN A 1 40  ? -9.430  6.760   -17.376 1.00 72.95  ? 41  GLN A CB  1 
ATOM   244 C  CG  . GLN A 1 40  ? -7.991  6.549   -16.905 1.00 77.66  ? 41  GLN A CG  1 
ATOM   245 C  CD  . GLN A 1 40  ? -7.477  5.154   -17.194 1.00 85.64  ? 41  GLN A CD  1 
ATOM   246 O  OE1 . GLN A 1 40  ? -8.249  4.249   -17.513 1.00 92.19  ? 41  GLN A OE1 1 
ATOM   247 N  NE2 . GLN A 1 40  ? -6.167  4.974   -17.088 1.00 88.76  ? 41  GLN A NE2 1 
ATOM   248 N  N   . LYS A 1 41  ? -12.364 7.701   -17.560 1.00 66.56  ? 42  LYS A N   1 
ATOM   249 C  CA  . LYS A 1 41  ? -13.602 7.936   -18.302 1.00 69.61  ? 42  LYS A CA  1 
ATOM   250 C  C   . LYS A 1 41  ? -14.112 9.356   -18.081 1.00 70.95  ? 42  LYS A C   1 
ATOM   251 O  O   . LYS A 1 41  ? -14.572 10.007  -19.023 1.00 75.57  ? 42  LYS A O   1 
ATOM   252 C  CB  . LYS A 1 41  ? -14.678 6.917   -17.923 1.00 67.13  ? 42  LYS A CB  1 
ATOM   253 N  N   . MET A 1 42  ? -14.015 9.833   -16.841 1.00 65.30  ? 43  MET A N   1 
ATOM   254 C  CA  . MET A 1 42  ? -14.423 11.193  -16.491 1.00 63.75  ? 43  MET A CA  1 
ATOM   255 C  C   . MET A 1 42  ? -13.685 12.239  -17.321 1.00 65.80  ? 43  MET A C   1 
ATOM   256 O  O   . MET A 1 42  ? -14.300 13.169  -17.846 1.00 66.86  ? 43  MET A O   1 
ATOM   257 C  CB  . MET A 1 42  ? -14.203 11.465  -15.001 1.00 58.06  ? 43  MET A CB  1 
ATOM   258 C  CG  . MET A 1 42  ? -15.114 10.666  -14.086 1.00 56.80  ? 43  MET A CG  1 
ATOM   259 S  SD  . MET A 1 42  ? -14.911 11.081  -12.344 1.00 60.63  ? 43  MET A SD  1 
ATOM   260 C  CE  . MET A 1 42  ? -15.655 12.707  -12.329 1.00 64.29  ? 43  MET A CE  1 
ATOM   261 N  N   . VAL A 1 43  ? -12.369 12.083  -17.440 1.00 63.52  ? 44  VAL A N   1 
ATOM   262 C  CA  . VAL A 1 43  ? -11.550 13.017  -18.207 1.00 67.15  ? 44  VAL A CA  1 
ATOM   263 C  C   . VAL A 1 43  ? -11.943 12.983  -19.680 1.00 80.86  ? 44  VAL A C   1 
ATOM   264 O  O   . VAL A 1 43  ? -12.051 14.027  -20.331 1.00 85.76  ? 44  VAL A O   1 
ATOM   265 C  CB  . VAL A 1 43  ? -10.049 12.698  -18.069 1.00 66.99  ? 44  VAL A CB  1 
ATOM   266 C  CG1 . VAL A 1 43  ? -9.216  13.621  -18.941 1.00 69.56  ? 44  VAL A CG1 1 
ATOM   267 C  CG2 . VAL A 1 43  ? -9.612  12.811  -16.615 1.00 61.60  ? 44  VAL A CG2 1 
ATOM   268 N  N   . GLU A 1 44  ? -12.160 11.776  -20.198 1.00 86.01  ? 45  GLU A N   1 
ATOM   269 C  CA  . GLU A 1 44  ? -12.562 11.591  -21.591 1.00 91.63  ? 45  GLU A CA  1 
ATOM   270 C  C   . GLU A 1 44  ? -13.924 12.222  -21.864 1.00 93.76  ? 45  GLU A C   1 
ATOM   271 O  O   . GLU A 1 44  ? -14.127 12.875  -22.890 1.00 99.52  ? 45  GLU A O   1 
ATOM   272 C  CB  . GLU A 1 44  ? -12.601 10.101  -21.951 1.00 94.03  ? 45  GLU A CB  1 
ATOM   273 C  CG  . GLU A 1 44  ? -11.228 9.438   -22.082 1.00 95.78  ? 45  GLU A CG  1 
ATOM   274 C  CD  . GLU A 1 44  ? -11.317 7.953   -22.407 1.00 99.52  ? 45  GLU A CD  1 
ATOM   275 O  OE1 . GLU A 1 44  ? -12.404 7.360   -22.240 1.00 101.53 ? 45  GLU A OE1 1 
ATOM   276 O  OE2 . GLU A 1 44  ? -10.296 7.375   -22.833 1.00 101.32 ? 45  GLU A OE2 1 
ATOM   277 N  N   . ASP A 1 45  ? -14.856 12.033  -20.936 1.00 86.00  ? 46  ASP A N   1 
ATOM   278 C  CA  . ASP A 1 45  ? -16.201 12.567  -21.090 1.00 75.34  ? 46  ASP A CA  1 
ATOM   279 C  C   . ASP A 1 45  ? -16.218 14.065  -20.820 1.00 69.52  ? 46  ASP A C   1 
ATOM   280 O  O   . ASP A 1 45  ? -17.277 14.689  -20.809 1.00 68.06  ? 46  ASP A O   1 
ATOM   281 C  CB  . ASP A 1 45  ? -17.167 11.830  -20.162 1.00 75.86  ? 46  ASP A CB  1 
ATOM   282 C  CG  . ASP A 1 45  ? -17.262 10.351  -20.486 1.00 85.14  ? 46  ASP A CG  1 
ATOM   283 O  OD1 . ASP A 1 45  ? -16.355 9.841   -21.178 1.00 90.77  ? 46  ASP A OD1 1 
ATOM   284 O  OD2 . ASP A 1 45  ? -18.234 9.697   -20.050 1.00 86.95  ? 46  ASP A OD2 1 
ATOM   285 N  N   . ASN A 1 46  ? -15.032 14.631  -20.612 1.00 74.67  ? 47  ASN A N   1 
ATOM   286 C  CA  . ASN A 1 46  ? -14.874 16.050  -20.307 1.00 79.97  ? 47  ASN A CA  1 
ATOM   287 C  C   . ASN A 1 46  ? -15.713 16.496  -19.101 1.00 72.67  ? 47  ASN A C   1 
ATOM   288 O  O   . ASN A 1 46  ? -16.335 17.556  -19.123 1.00 71.58  ? 47  ASN A O   1 
ATOM   289 C  CB  . ASN A 1 46  ? -15.195 16.906  -21.540 1.00 86.11  ? 47  ASN A CB  1 
ATOM   290 C  CG  . ASN A 1 46  ? -14.121 17.945  -21.831 1.00 87.38  ? 47  ASN A CG  1 
ATOM   291 O  OD1 . ASN A 1 46  ? -13.533 18.522  -20.917 1.00 82.68  ? 47  ASN A OD1 1 
ATOM   292 N  ND2 . ASN A 1 46  ? -13.865 18.189  -23.113 1.00 91.37  ? 47  ASN A ND2 1 
ATOM   293 N  N   . ARG A 1 47  ? -15.727 15.678  -18.052 1.00 65.78  ? 48  ARG A N   1 
ATOM   294 C  CA  . ARG A 1 47  ? -16.495 15.998  -16.855 1.00 62.55  ? 48  ARG A CA  1 
ATOM   295 C  C   . ARG A 1 47  ? -15.841 17.122  -16.055 1.00 57.36  ? 48  ARG A C   1 
ATOM   296 O  O   . ARG A 1 47  ? -14.671 17.450  -16.273 1.00 57.88  ? 48  ARG A O   1 
ATOM   297 C  CB  . ARG A 1 47  ? -16.729 14.747  -15.998 1.00 61.14  ? 48  ARG A CB  1 
ATOM   298 C  CG  . ARG A 1 47  ? -17.813 13.824  -16.573 1.00 67.53  ? 48  ARG A CG  1 
ATOM   299 C  CD  . ARG A 1 47  ? -18.393 12.866  -15.536 1.00 73.07  ? 48  ARG A CD  1 
ATOM   300 N  NE  . ARG A 1 47  ? -19.046 13.569  -14.434 1.00 78.17  ? 48  ARG A NE  1 
ATOM   301 C  CZ  . ARG A 1 47  ? -19.460 12.982  -13.314 1.00 82.50  ? 48  ARG A CZ  1 
ATOM   302 N  NH1 . ARG A 1 47  ? -19.297 11.679  -13.142 1.00 84.11  ? 48  ARG A NH1 1 
ATOM   303 N  NH2 . ARG A 1 47  ? -20.037 13.700  -12.359 1.00 84.67  ? 48  ARG A NH2 1 
ATOM   304 N  N   . TYR A 1 48  ? -16.617 17.719  -15.153 1.00 52.01  ? 49  TYR A N   1 
ATOM   305 C  CA  . TYR A 1 48  ? -16.183 18.872  -14.368 1.00 50.48  ? 49  TYR A CA  1 
ATOM   306 C  C   . TYR A 1 48  ? -14.941 18.569  -13.542 1.00 48.58  ? 49  TYR A C   1 
ATOM   307 O  O   . TYR A 1 48  ? -14.876 17.534  -12.870 1.00 45.65  ? 49  TYR A O   1 
ATOM   308 C  CB  . TYR A 1 48  ? -17.317 19.321  -13.446 1.00 54.64  ? 49  TYR A CB  1 
ATOM   309 C  CG  . TYR A 1 48  ? -17.146 20.702  -12.838 1.00 59.71  ? 49  TYR A CG  1 
ATOM   310 C  CD1 . TYR A 1 48  ? -17.475 20.939  -11.507 1.00 55.87  ? 49  TYR A CD1 1 
ATOM   311 C  CD2 . TYR A 1 48  ? -16.674 21.768  -13.596 1.00 58.90  ? 49  TYR A CD2 1 
ATOM   312 C  CE1 . TYR A 1 48  ? -17.343 22.190  -10.951 1.00 53.56  ? 49  TYR A CE1 1 
ATOM   313 C  CE2 . TYR A 1 48  ? -16.533 23.024  -13.043 1.00 63.00  ? 49  TYR A CE2 1 
ATOM   314 C  CZ  . TYR A 1 48  ? -16.868 23.228  -11.720 1.00 61.22  ? 49  TYR A CZ  1 
ATOM   315 O  OH  . TYR A 1 48  ? -16.728 24.482  -11.170 1.00 63.52  ? 49  TYR A OH  1 
ATOM   316 N  N   . CYS A 1 49  ? -13.964 19.478  -13.593 1.00 50.32  ? 50  CYS A N   1 
ATOM   317 C  CA  . CYS A 1 49  ? -12.692 19.314  -12.887 1.00 49.34  ? 50  CYS A CA  1 
ATOM   318 C  C   . CYS A 1 49  ? -12.863 19.013  -11.396 1.00 48.74  ? 50  CYS A C   1 
ATOM   319 O  O   . CYS A 1 49  ? -12.081 18.257  -10.824 1.00 46.89  ? 50  CYS A O   1 
ATOM   320 C  CB  . CYS A 1 49  ? -11.813 20.561  -13.042 1.00 52.90  ? 50  CYS A CB  1 
ATOM   321 S  SG  . CYS A 1 49  ? -11.422 21.073  -14.739 1.00 62.96  ? 50  CYS A SG  1 
ATOM   322 N  N   . ILE A 1 50  ? -13.878 19.609  -10.774 1.00 51.64  ? 51  ILE A N   1 
ATOM   323 C  CA  . ILE A 1 50  ? -14.112 19.423  -9.346  1.00 48.17  ? 51  ILE A CA  1 
ATOM   324 C  C   . ILE A 1 50  ? -14.528 17.982  -9.053  1.00 51.72  ? 51  ILE A C   1 
ATOM   325 O  O   . ILE A 1 50  ? -13.997 17.350  -8.132  1.00 57.87  ? 51  ILE A O   1 
ATOM   326 C  CB  . ILE A 1 50  ? -15.162 20.417  -8.812  1.00 46.15  ? 51  ILE A CB  1 
ATOM   327 C  CG1 . ILE A 1 50  ? -14.600 21.842  -8.800  1.00 48.22  ? 51  ILE A CG1 1 
ATOM   328 C  CG2 . ILE A 1 50  ? -15.626 20.019  -7.423  1.00 43.59  ? 51  ILE A CG2 1 
ATOM   329 C  CD1 . ILE A 1 50  ? -13.487 22.074  -7.781  1.00 45.43  ? 51  ILE A CD1 1 
ATOM   330 N  N   . ASP A 1 51  ? -15.468 17.467  -9.842  1.00 51.40  ? 52  ASP A N   1 
ATOM   331 C  CA  . ASP A 1 51  ? -15.906 16.081  -9.720  1.00 49.93  ? 52  ASP A CA  1 
ATOM   332 C  C   . ASP A 1 51  ? -14.716 15.131  -9.826  1.00 51.37  ? 52  ASP A C   1 
ATOM   333 O  O   . ASP A 1 51  ? -14.589 14.176  -9.056  1.00 56.52  ? 52  ASP A O   1 
ATOM   334 C  CB  . ASP A 1 51  ? -16.923 15.749  -10.807 1.00 50.59  ? 52  ASP A CB  1 
ATOM   335 C  CG  . ASP A 1 51  ? -18.192 16.556  -10.682 1.00 60.51  ? 52  ASP A CG  1 
ATOM   336 O  OD1 . ASP A 1 51  ? -18.490 17.027  -9.566  1.00 64.23  ? 52  ASP A OD1 1 
ATOM   337 O  OD2 . ASP A 1 51  ? -18.906 16.714  -11.695 1.00 70.74  ? 52  ASP A OD2 1 
ATOM   338 N  N   . ILE A 1 52  ? -13.840 15.405  -10.781 1.00 48.33  ? 53  ILE A N   1 
ATOM   339 C  CA  . ILE A 1 52  ? -12.652 14.588  -10.978 1.00 51.43  ? 53  ILE A CA  1 
ATOM   340 C  C   . ILE A 1 52  ? -11.723 14.650  -9.762  1.00 52.74  ? 53  ILE A C   1 
ATOM   341 O  O   . ILE A 1 52  ? -11.221 13.623  -9.301  1.00 52.93  ? 53  ILE A O   1 
ATOM   342 C  CB  . ILE A 1 52  ? -11.927 14.994  -12.268 1.00 51.80  ? 53  ILE A CB  1 
ATOM   343 C  CG1 . ILE A 1 52  ? -12.778 14.580  -13.468 1.00 56.59  ? 53  ILE A CG1 1 
ATOM   344 C  CG2 . ILE A 1 52  ? -10.545 14.377  -12.338 1.00 49.99  ? 53  ILE A CG2 1 
ATOM   345 C  CD1 . ILE A 1 52  ? -12.129 14.814  -14.806 1.00 60.38  ? 53  ILE A CD1 1 
ATOM   346 N  N   . LEU A 1 53  ? -11.523 15.851  -9.228  1.00 53.62  ? 54  LEU A N   1 
ATOM   347 C  CA  . LEU A 1 53  ? -10.648 16.035  -8.073  1.00 49.76  ? 54  LEU A CA  1 
ATOM   348 C  C   . LEU A 1 53  ? -11.178 15.293  -6.847  1.00 46.85  ? 54  LEU A C   1 
ATOM   349 O  O   . LEU A 1 53  ? -10.410 14.674  -6.105  1.00 39.94  ? 54  LEU A O   1 
ATOM   350 C  CB  . LEU A 1 53  ? -10.454 17.521  -7.776  1.00 48.05  ? 54  LEU A CB  1 
ATOM   351 C  CG  . LEU A 1 53  ? -9.571  18.250  -8.787  1.00 43.57  ? 54  LEU A CG  1 
ATOM   352 C  CD1 . LEU A 1 53  ? -9.775  19.752  -8.700  1.00 43.66  ? 54  LEU A CD1 1 
ATOM   353 C  CD2 . LEU A 1 53  ? -8.115  17.901  -8.559  1.00 40.97  ? 54  LEU A CD2 1 
ATOM   354 N  N   . VAL A 1 54  ? -12.490 15.344  -6.649  1.00 51.15  ? 55  VAL A N   1 
ATOM   355 C  CA  . VAL A 1 54  ? -13.121 14.576  -5.583  1.00 52.89  ? 55  VAL A CA  1 
ATOM   356 C  C   . VAL A 1 54  ? -12.754 13.091  -5.698  1.00 55.46  ? 55  VAL A C   1 
ATOM   357 O  O   . VAL A 1 54  ? -12.335 12.476  -4.716  1.00 55.78  ? 55  VAL A O   1 
ATOM   358 C  CB  . VAL A 1 54  ? -14.648 14.761  -5.583  1.00 46.68  ? 55  VAL A CB  1 
ATOM   359 C  CG1 . VAL A 1 54  ? -15.311 13.776  -4.634  1.00 41.45  ? 55  VAL A CG1 1 
ATOM   360 C  CG2 . VAL A 1 54  ? -15.001 16.185  -5.189  1.00 38.73  ? 55  VAL A CG2 1 
ATOM   361 N  N   . GLN A 1 55  ? -12.878 12.529  -6.899  1.00 53.24  ? 56  GLN A N   1 
ATOM   362 C  CA  . GLN A 1 55  ? -12.530 11.123  -7.109  1.00 54.76  ? 56  GLN A CA  1 
ATOM   363 C  C   . GLN A 1 55  ? -11.052 10.861  -6.905  1.00 51.20  ? 56  GLN A C   1 
ATOM   364 O  O   . GLN A 1 55  ? -10.673 9.811   -6.391  1.00 53.15  ? 56  GLN A O   1 
ATOM   365 C  CB  . GLN A 1 55  ? -12.958 10.639  -8.492  1.00 56.20  ? 56  GLN A CB  1 
ATOM   366 C  CG  . GLN A 1 55  ? -14.428 10.300  -8.555  1.00 62.79  ? 56  GLN A CG  1 
ATOM   367 C  CD  . GLN A 1 55  ? -14.845 9.375   -7.431  1.00 65.36  ? 56  GLN A CD  1 
ATOM   368 O  OE1 . GLN A 1 55  ? -14.329 8.261   -7.306  1.00 69.39  ? 56  GLN A OE1 1 
ATOM   369 N  NE2 . GLN A 1 55  ? -15.776 9.833   -6.598  1.00 60.76  ? 56  GLN A NE2 1 
ATOM   370 N  N   . ILE A 1 56  ? -10.214 11.806  -7.310  1.00 45.58  ? 57  ILE A N   1 
ATOM   371 C  CA  . ILE A 1 56  ? -8.788  11.662  -7.061  1.00 47.32  ? 57  ILE A CA  1 
ATOM   372 C  C   . ILE A 1 56  ? -8.519  11.657  -5.562  1.00 50.79  ? 57  ILE A C   1 
ATOM   373 O  O   . ILE A 1 56  ? -7.702  10.878  -5.073  1.00 54.88  ? 57  ILE A O   1 
ATOM   374 C  CB  . ILE A 1 56  ? -7.967  12.755  -7.759  1.00 47.35  ? 57  ILE A CB  1 
ATOM   375 C  CG1 . ILE A 1 56  ? -7.974  12.520  -9.274  1.00 45.71  ? 57  ILE A CG1 1 
ATOM   376 C  CG2 . ILE A 1 56  ? -6.538  12.774  -7.231  1.00 35.92  ? 57  ILE A CG2 1 
ATOM   377 C  CD1 . ILE A 1 56  ? -7.054  13.423  -10.039 1.00 45.07  ? 57  ILE A CD1 1 
ATOM   378 N  N   . SER A 1 57  ? -9.222  12.513  -4.832  1.00 49.74  ? 58  SER A N   1 
ATOM   379 C  CA  . SER A 1 57  ? -9.084  12.546  -3.386  1.00 51.77  ? 58  SER A CA  1 
ATOM   380 C  C   . SER A 1 57  ? -9.477  11.200  -2.790  1.00 52.78  ? 58  SER A C   1 
ATOM   381 O  O   . SER A 1 57  ? -8.817  10.694  -1.877  1.00 53.14  ? 58  SER A O   1 
ATOM   382 C  CB  . SER A 1 57  ? -9.937  13.655  -2.785  1.00 53.74  ? 58  SER A CB  1 
ATOM   383 O  OG  . SER A 1 57  ? -9.821  13.636  -1.379  1.00 56.81  ? 58  SER A OG  1 
ATOM   384 N  N   . ALA A 1 58  ? -10.550 10.620  -3.321  1.00 48.70  ? 59  ALA A N   1 
ATOM   385 C  CA  . ALA A 1 58  ? -10.973 9.287   -2.914  1.00 46.77  ? 59  ALA A CA  1 
ATOM   386 C  C   . ALA A 1 58  ? -9.839  8.284   -3.122  1.00 51.70  ? 59  ALA A C   1 
ATOM   387 O  O   . ALA A 1 58  ? -9.475  7.559   -2.197  1.00 54.46  ? 59  ALA A O   1 
ATOM   388 C  CB  . ALA A 1 58  ? -12.212 8.859   -3.679  1.00 40.87  ? 59  ALA A CB  1 
ATOM   389 N  N   . ILE A 1 59  ? -9.279  8.258   -4.331  1.00 48.84  ? 60  ILE A N   1 
ATOM   390 C  CA  . ILE A 1 59  ? -8.199  7.329   -4.658  1.00 47.38  ? 60  ILE A CA  1 
ATOM   391 C  C   . ILE A 1 59  ? -7.007  7.435   -3.705  1.00 47.53  ? 60  ILE A C   1 
ATOM   392 O  O   . ILE A 1 59  ? -6.605  6.434   -3.115  1.00 53.60  ? 60  ILE A O   1 
ATOM   393 C  CB  . ILE A 1 59  ? -7.727  7.490   -6.106  1.00 44.45  ? 60  ILE A CB  1 
ATOM   394 C  CG1 . ILE A 1 59  ? -8.903  7.294   -7.054  1.00 46.18  ? 60  ILE A CG1 1 
ATOM   395 C  CG2 . ILE A 1 59  ? -6.648  6.472   -6.421  1.00 43.37  ? 60  ILE A CG2 1 
ATOM   396 C  CD1 . ILE A 1 59  ? -8.576  7.542   -8.505  1.00 48.34  ? 60  ILE A CD1 1 
ATOM   397 N  N   . GLN A 1 60  ? -6.449  8.635   -3.558  1.00 47.27  ? 61  GLN A N   1 
ATOM   398 C  CA  . GLN A 1 60  ? -5.350  8.872   -2.616  1.00 49.58  ? 61  GLN A CA  1 
ATOM   399 C  C   . GLN A 1 60  ? -5.678  8.352   -1.214  1.00 48.09  ? 61  GLN A C   1 
ATOM   400 O  O   . GLN A 1 60  ? -4.836  7.755   -0.545  1.00 49.96  ? 61  GLN A O   1 
ATOM   401 C  CB  . GLN A 1 60  ? -5.015  10.358  -2.543  1.00 45.57  ? 61  GLN A CB  1 
ATOM   402 C  CG  . GLN A 1 60  ? -4.331  10.910  -3.774  1.00 51.32  ? 61  GLN A CG  1 
ATOM   403 C  CD  . GLN A 1 60  ? -4.046  12.389  -3.640  1.00 67.72  ? 61  GLN A CD  1 
ATOM   404 O  OE1 . GLN A 1 60  ? -4.757  13.107  -2.935  1.00 74.86  ? 61  GLN A OE1 1 
ATOM   405 N  NE2 . GLN A 1 60  ? -2.997  12.854  -4.306  1.00 73.60  ? 61  GLN A NE2 1 
ATOM   406 N  N   . ALA A 1 61  ? -6.910  8.584   -0.785  1.00 48.72  ? 62  ALA A N   1 
ATOM   407 C  CA  . ALA A 1 61  ? -7.386  8.081   0.496   1.00 47.99  ? 62  ALA A CA  1 
ATOM   408 C  C   . ALA A 1 61  ? -7.322  6.556   0.548   1.00 50.36  ? 62  ALA A C   1 
ATOM   409 O  O   . ALA A 1 61  ? -6.827  5.984   1.516   1.00 54.54  ? 62  ALA A O   1 
ATOM   410 C  CB  . ALA A 1 61  ? -8.804  8.559   0.756   1.00 37.43  ? 62  ALA A CB  1 
ATOM   411 N  N   . ALA A 1 62  ? -7.835  5.902   -0.489  1.00 46.44  ? 63  ALA A N   1 
ATOM   412 C  CA  . ALA A 1 62  ? -7.838  4.443   -0.533  1.00 51.07  ? 63  ALA A CA  1 
ATOM   413 C  C   . ALA A 1 62  ? -6.416  3.878   -0.573  1.00 56.65  ? 63  ALA A C   1 
ATOM   414 O  O   . ALA A 1 62  ? -6.170  2.782   -0.072  1.00 61.35  ? 63  ALA A O   1 
ATOM   415 C  CB  . ALA A 1 62  ? -8.640  3.945   -1.720  1.00 42.80  ? 63  ALA A CB  1 
ATOM   416 N  N   . LEU A 1 63  ? -5.490  4.626   -1.172  1.00 52.50  ? 64  LEU A N   1 
ATOM   417 C  CA  . LEU A 1 63  ? -4.097  4.205   -1.257  1.00 54.41  ? 64  LEU A CA  1 
ATOM   418 C  C   . LEU A 1 63  ? -3.371  4.309   0.080   1.00 53.05  ? 64  LEU A C   1 
ATOM   419 O  O   . LEU A 1 63  ? -2.581  3.427   0.426   1.00 52.85  ? 64  LEU A O   1 
ATOM   420 C  CB  . LEU A 1 63  ? -3.350  5.018   -2.309  1.00 56.30  ? 64  LEU A CB  1 
ATOM   421 C  CG  . LEU A 1 63  ? -3.358  4.424   -3.708  1.00 59.41  ? 64  LEU A CG  1 
ATOM   422 C  CD1 . LEU A 1 63  ? -2.697  5.380   -4.664  1.00 64.55  ? 64  LEU A CD1 1 
ATOM   423 C  CD2 . LEU A 1 63  ? -2.643  3.086   -3.712  1.00 55.86  ? 64  LEU A CD2 1 
ATOM   424 N  N   . ARG A 1 64  ? -3.624  5.391   0.813   1.00 49.52  ? 65  ARG A N   1 
ATOM   425 C  CA  . ARG A 1 64  ? -3.084  5.535   2.160   1.00 51.76  ? 65  ARG A CA  1 
ATOM   426 C  C   . ARG A 1 64  ? -3.544  4.370   3.029   1.00 58.34  ? 65  ARG A C   1 
ATOM   427 O  O   . ARG A 1 64  ? -2.773  3.824   3.822   1.00 60.15  ? 65  ARG A O   1 
ATOM   428 C  CB  . ARG A 1 64  ? -3.529  6.852   2.790   1.00 48.65  ? 65  ARG A CB  1 
ATOM   429 C  CG  . ARG A 1 64  ? -2.611  8.021   2.511   1.00 58.93  ? 65  ARG A CG  1 
ATOM   430 C  CD  . ARG A 1 64  ? -2.992  9.242   3.349   1.00 70.02  ? 65  ARG A CD  1 
ATOM   431 N  NE  . ARG A 1 64  ? -4.285  9.809   2.968   1.00 75.78  ? 65  ARG A NE  1 
ATOM   432 C  CZ  . ARG A 1 64  ? -4.452  10.707  1.998   1.00 80.25  ? 65  ARG A CZ  1 
ATOM   433 N  NH1 . ARG A 1 64  ? -3.406  11.134  1.297   1.00 82.24  ? 65  ARG A NH1 1 
ATOM   434 N  NH2 . ARG A 1 64  ? -5.665  11.173  1.720   1.00 79.61  ? 65  ARG A NH2 1 
ATOM   435 N  N   . GLN A 1 65  ? -4.806  3.987   2.858   1.00 60.87  ? 66  GLN A N   1 
ATOM   436 C  CA  . GLN A 1 65  ? -5.401  2.915   3.642   1.00 61.81  ? 66  GLN A CA  1 
ATOM   437 C  C   . GLN A 1 65  ? -4.689  1.591   3.370   1.00 56.52  ? 66  GLN A C   1 
ATOM   438 O  O   . GLN A 1 65  ? -4.204  0.942   4.294   1.00 60.29  ? 66  GLN A O   1 
ATOM   439 C  CB  . GLN A 1 65  ? -6.896  2.803   3.334   1.00 67.95  ? 66  GLN A CB  1 
ATOM   440 C  CG  . GLN A 1 65  ? -7.713  2.069   4.390   1.00 77.81  ? 66  GLN A CG  1 
ATOM   441 C  CD  . GLN A 1 65  ? -9.205  2.110   4.099   1.00 90.11  ? 66  GLN A CD  1 
ATOM   442 O  OE1 . GLN A 1 65  ? -9.962  1.235   4.523   1.00 96.76  ? 66  GLN A OE1 1 
ATOM   443 N  NE2 . GLN A 1 65  ? -9.635  3.136   3.369   1.00 91.86  ? 66  GLN A NE2 1 
ATOM   444 N  N   . VAL A 1 66  ? -4.612  1.193   2.108   1.00 44.47  ? 67  VAL A N   1 
ATOM   445 C  CA  . VAL A 1 66  ? -3.951  -0.064  1.791   1.00 49.19  ? 67  VAL A CA  1 
ATOM   446 C  C   . VAL A 1 66  ? -2.452  -0.004  2.122   1.00 49.41  ? 67  VAL A C   1 
ATOM   447 O  O   . VAL A 1 66  ? -1.873  -0.987  2.571   1.00 53.64  ? 67  VAL A O   1 
ATOM   448 C  CB  . VAL A 1 66  ? -4.220  -0.518  0.331   1.00 55.06  ? 67  VAL A CB  1 
ATOM   449 C  CG1 . VAL A 1 66  ? -3.502  0.377   -0.661  1.00 59.82  ? 67  VAL A CG1 1 
ATOM   450 C  CG2 . VAL A 1 66  ? -3.802  -1.956  0.138   1.00 54.71  ? 67  VAL A CG2 1 
ATOM   451 N  N   . GLY A 1 67  ? -1.838  1.161   1.937   1.00 47.84  ? 68  GLY A N   1 
ATOM   452 C  CA  . GLY A 1 67  ? -0.430  1.335   2.251   1.00 46.50  ? 68  GLY A CA  1 
ATOM   453 C  C   . GLY A 1 67  ? -0.127  1.184   3.733   1.00 47.82  ? 68  GLY A C   1 
ATOM   454 O  O   . GLY A 1 67  ? 0.824   0.494   4.124   1.00 48.39  ? 68  GLY A O   1 
ATOM   455 N  N   . MET A 1 68  ? -0.934  1.836   4.564   1.00 48.23  ? 69  MET A N   1 
ATOM   456 C  CA  . MET A 1 68  ? -0.784  1.725   6.008   1.00 47.98  ? 69  MET A CA  1 
ATOM   457 C  C   . MET A 1 68  ? -0.984  0.279   6.441   1.00 49.39  ? 69  MET A C   1 
ATOM   458 O  O   . MET A 1 68  ? -0.273  -0.223  7.312   1.00 53.28  ? 69  MET A O   1 
ATOM   459 C  CB  . MET A 1 68  ? -1.789  2.630   6.716   1.00 50.48  ? 69  MET A CB  1 
ATOM   460 C  CG  . MET A 1 68  ? -1.668  2.653   8.236   1.00 56.06  ? 69  MET A CG  1 
ATOM   461 S  SD  . MET A 1 68  ? -0.090  3.330   8.803   1.00 84.06  ? 69  MET A SD  1 
ATOM   462 C  CE  . MET A 1 68  ? -0.013  4.823   7.816   1.00 44.70  ? 69  MET A CE  1 
ATOM   463 N  N   . GLN A 1 69  ? -1.942  -0.397  5.815   1.00 47.33  ? 70  GLN A N   1 
ATOM   464 C  CA  . GLN A 1 69  ? -2.241  -1.772  6.168   1.00 46.46  ? 70  GLN A CA  1 
ATOM   465 C  C   . GLN A 1 69  ? -1.025  -2.645  5.916   1.00 52.54  ? 70  GLN A C   1 
ATOM   466 O  O   . GLN A 1 69  ? -0.657  -3.469  6.754   1.00 55.39  ? 70  GLN A O   1 
ATOM   467 C  CB  . GLN A 1 69  ? -3.438  -2.288  5.373   1.00 43.90  ? 70  GLN A CB  1 
ATOM   468 N  N   . LEU A 1 70  ? -0.390  -2.448  4.765   1.00 53.05  ? 71  LEU A N   1 
ATOM   469 C  CA  . LEU A 1 70  ? 0.785   -3.229  4.405   1.00 50.33  ? 71  LEU A CA  1 
ATOM   470 C  C   . LEU A 1 70  ? 1.939   -2.879  5.326   1.00 48.28  ? 71  LEU A C   1 
ATOM   471 O  O   . LEU A 1 70  ? 2.753   -3.733  5.670   1.00 48.65  ? 71  LEU A O   1 
ATOM   472 C  CB  . LEU A 1 70  ? 1.182   -2.976  2.953   1.00 53.64  ? 71  LEU A CB  1 
ATOM   473 C  CG  . LEU A 1 70  ? 0.131   -3.298  1.892   1.00 60.47  ? 71  LEU A CG  1 
ATOM   474 C  CD1 . LEU A 1 70  ? 0.768   -3.399  0.525   1.00 60.90  ? 71  LEU A CD1 1 
ATOM   475 C  CD2 . LEU A 1 70  ? -0.609  -4.582  2.228   1.00 66.21  ? 71  LEU A CD2 1 
ATOM   476 N  N   . LEU A 1 71  ? 2.000   -1.617  5.732   1.00 47.67  ? 72  LEU A N   1 
ATOM   477 C  CA  . LEU A 1 71  ? 3.057   -1.160  6.622   1.00 46.80  ? 72  LEU A CA  1 
ATOM   478 C  C   . LEU A 1 71  ? 2.951   -1.869  7.967   1.00 45.95  ? 72  LEU A C   1 
ATOM   479 O  O   . LEU A 1 71  ? 3.935   -2.426  8.471   1.00 44.25  ? 72  LEU A O   1 
ATOM   480 C  CB  . LEU A 1 71  ? 2.953   0.349   6.822   1.00 48.79  ? 72  LEU A CB  1 
ATOM   481 C  CG  . LEU A 1 71  ? 4.131   1.044   7.491   1.00 44.44  ? 72  LEU A CG  1 
ATOM   482 C  CD1 . LEU A 1 71  ? 5.396   0.722   6.744   1.00 51.17  ? 72  LEU A CD1 1 
ATOM   483 C  CD2 . LEU A 1 71  ? 3.897   2.523   7.475   1.00 42.38  ? 72  LEU A CD2 1 
ATOM   484 N  N   . GLU A 1 72  ? 1.748   -1.850  8.535   1.00 45.56  ? 73  GLU A N   1 
ATOM   485 C  CA  . GLU A 1 72  ? 1.499   -2.475  9.825   1.00 50.08  ? 73  GLU A CA  1 
ATOM   486 C  C   . GLU A 1 72  ? 1.737   -3.976  9.751   1.00 48.44  ? 73  GLU A C   1 
ATOM   487 O  O   . GLU A 1 72  ? 2.365   -4.556  10.635  1.00 52.25  ? 73  GLU A O   1 
ATOM   488 C  CB  . GLU A 1 72  ? 0.074   -2.191  10.302  1.00 55.59  ? 73  GLU A CB  1 
ATOM   489 C  CG  . GLU A 1 72  ? -0.217  -0.722  10.590  1.00 66.30  ? 73  GLU A CG  1 
ATOM   490 C  CD  . GLU A 1 72  ? -1.593  -0.513  11.203  1.00 79.25  ? 73  GLU A CD  1 
ATOM   491 O  OE1 . GLU A 1 72  ? -2.513  -0.094  10.471  1.00 81.95  ? 73  GLU A OE1 1 
ATOM   492 O  OE2 . GLU A 1 72  ? -1.752  -0.764  12.419  1.00 86.23  ? 73  GLU A OE2 1 
ATOM   493 N  N   . ARG A 1 73  ? 1.236   -4.597  8.692   1.00 41.68  ? 74  ARG A N   1 
ATOM   494 C  CA  . ARG A 1 73  ? 1.416   -6.025  8.507   1.00 45.13  ? 74  ARG A CA  1 
ATOM   495 C  C   . ARG A 1 73  ? 2.904   -6.352  8.518   1.00 50.41  ? 74  ARG A C   1 
ATOM   496 O  O   . ARG A 1 73  ? 3.343   -7.235  9.256   1.00 53.99  ? 74  ARG A O   1 
ATOM   497 C  CB  . ARG A 1 73  ? 0.762   -6.488  7.203   1.00 43.61  ? 74  ARG A CB  1 
ATOM   498 C  CG  . ARG A 1 73  ? 0.461   -7.973  7.132   1.00 47.22  ? 74  ARG A CG  1 
ATOM   499 C  CD  . ARG A 1 73  ? 1.691   -8.785  6.750   1.00 53.08  ? 74  ARG A CD  1 
ATOM   500 N  NE  . ARG A 1 73  ? 1.333   -10.111 6.262   1.00 58.51  ? 74  ARG A NE  1 
ATOM   501 C  CZ  . ARG A 1 73  ? 2.211   -10.995 5.803   1.00 61.56  ? 74  ARG A CZ  1 
ATOM   502 N  NH1 . ARG A 1 73  ? 3.504   -10.694 5.779   1.00 61.10  ? 74  ARG A NH1 1 
ATOM   503 N  NH2 . ARG A 1 73  ? 1.797   -12.178 5.370   1.00 65.66  ? 74  ARG A NH2 1 
ATOM   504 N  N   . HIS A 1 74  ? 3.681   -5.625  7.722   1.00 48.93  ? 75  HIS A N   1 
ATOM   505 C  CA  . HIS A 1 74  ? 5.111   -5.900  7.613   1.00 49.19  ? 75  HIS A CA  1 
ATOM   506 C  C   . HIS A 1 74  ? 5.808   -5.739  8.962   1.00 52.70  ? 75  HIS A C   1 
ATOM   507 O  O   . HIS A 1 74  ? 6.641   -6.560  9.342   1.00 56.53  ? 75  HIS A O   1 
ATOM   508 C  CB  . HIS A 1 74  ? 5.755   -4.987  6.566   1.00 45.41  ? 75  HIS A CB  1 
ATOM   509 C  CG  . HIS A 1 74  ? 7.207   -5.262  6.332   1.00 46.89  ? 75  HIS A CG  1 
ATOM   510 N  ND1 . HIS A 1 74  ? 7.675   -6.454  5.822   1.00 49.37  ? 75  HIS A ND1 1 
ATOM   511 C  CD2 . HIS A 1 74  ? 8.308   -4.492  6.540   1.00 44.44  ? 75  HIS A CD2 1 
ATOM   512 C  CE1 . HIS A 1 74  ? 8.985   -6.412  5.726   1.00 50.54  ? 75  HIS A CE1 1 
ATOM   513 N  NE2 . HIS A 1 74  ? 9.399   -5.225  6.157   1.00 45.90  ? 75  HIS A NE2 1 
ATOM   514 N  N   . ALA A 1 75  ? 5.454   -4.685  9.690   1.00 52.27  ? 76  ALA A N   1 
ATOM   515 C  CA  . ALA A 1 75  ? 6.065   -4.417  10.991  1.00 52.03  ? 76  ALA A CA  1 
ATOM   516 C  C   . ALA A 1 75  ? 5.660   -5.437  12.058  1.00 54.83  ? 76  ALA A C   1 
ATOM   517 O  O   . ALA A 1 75  ? 6.509   -5.941  12.792  1.00 54.31  ? 76  ALA A O   1 
ATOM   518 C  CB  . ALA A 1 75  ? 5.737   -3.003  11.451  1.00 46.43  ? 76  ALA A CB  1 
ATOM   519 N  N   . ASN A 1 76  ? 4.362   -5.728  12.143  1.00 61.23  ? 77  ASN A N   1 
ATOM   520 C  CA  . ASN A 1 76  ? 3.828   -6.666  13.134  1.00 61.80  ? 77  ASN A CA  1 
ATOM   521 C  C   . ASN A 1 76  ? 4.312   -8.097  12.956  1.00 59.99  ? 77  ASN A C   1 
ATOM   522 O  O   . ASN A 1 76  ? 4.435   -8.835  13.926  1.00 66.43  ? 77  ASN A O   1 
ATOM   523 C  CB  . ASN A 1 76  ? 2.299   -6.677  13.103  1.00 68.21  ? 77  ASN A CB  1 
ATOM   524 C  CG  . ASN A 1 76  ? 1.688   -5.375  13.578  1.00 74.11  ? 77  ASN A CG  1 
ATOM   525 O  OD1 . ASN A 1 76  ? 2.378   -4.363  13.725  1.00 74.75  ? 77  ASN A OD1 1 
ATOM   526 N  ND2 . ASN A 1 76  ? 0.378   -5.393  13.814  1.00 78.00  ? 77  ASN A ND2 1 
ATOM   527 N  N   . HIS A 1 77  ? 4.560   -8.501  11.717  1.00 55.89  ? 78  HIS A N   1 
ATOM   528 C  CA  . HIS A 1 77  ? 4.920   -9.886  11.441  1.00 55.60  ? 78  HIS A CA  1 
ATOM   529 C  C   . HIS A 1 77  ? 6.346   -10.057 10.944  1.00 56.73  ? 78  HIS A C   1 
ATOM   530 O  O   . HIS A 1 77  ? 7.182   -10.646 11.634  1.00 62.19  ? 78  HIS A O   1 
ATOM   531 C  CB  . HIS A 1 77  ? 3.936   -10.490 10.447  1.00 60.11  ? 78  HIS A CB  1 
ATOM   532 C  CG  . HIS A 1 77  ? 2.530   -10.542 10.965  1.00 70.21  ? 78  HIS A CG  1 
ATOM   533 N  ND1 . HIS A 1 77  ? 1.469   -9.991  10.286  1.00 72.80  ? 78  HIS A ND1 1 
ATOM   534 C  CD2 . HIS A 1 77  ? 2.026   -11.061 12.107  1.00 74.05  ? 78  HIS A CD2 1 
ATOM   535 C  CE1 . HIS A 1 77  ? 0.360   -10.177 10.987  1.00 75.06  ? 78  HIS A CE1 1 
ATOM   536 N  NE2 . HIS A 1 77  ? 0.674   -10.824 12.094  1.00 75.74  ? 78  HIS A NE2 1 
ATOM   537 N  N   . CYS A 1 78  ? 6.627   -9.541  9.754   1.00 54.21  ? 79  CYS A N   1 
ATOM   538 C  CA  . CYS A 1 78  ? 7.937   -9.729  9.130   1.00 52.50  ? 79  CYS A CA  1 
ATOM   539 C  C   . CYS A 1 78  ? 9.090   -9.118  9.941   1.00 52.79  ? 79  CYS A C   1 
ATOM   540 O  O   . CYS A 1 78  ? 10.052  -9.812  10.274  1.00 50.35  ? 79  CYS A O   1 
ATOM   541 C  CB  . CYS A 1 78  ? 7.944   -9.184  7.697   1.00 50.06  ? 79  CYS A CB  1 
ATOM   542 S  SG  . CYS A 1 78  ? 6.693   -9.907  6.596   1.00 60.99  ? 79  CYS A SG  1 
ATOM   543 N  N   . VAL A 1 79  ? 8.997   -7.829  10.258  1.00 51.33  ? 80  VAL A N   1 
ATOM   544 C  CA  . VAL A 1 79  ? 10.042  -7.166  11.034  1.00 50.95  ? 80  VAL A CA  1 
ATOM   545 C  C   . VAL A 1 79  ? 10.135  -7.757  12.447  1.00 56.85  ? 80  VAL A C   1 
ATOM   546 O  O   . VAL A 1 79  ? 11.232  -7.973  12.977  1.00 56.76  ? 80  VAL A O   1 
ATOM   547 C  CB  . VAL A 1 79  ? 9.833   -5.643  11.083  1.00 49.66  ? 80  VAL A CB  1 
ATOM   548 C  CG1 . VAL A 1 79  ? 10.891  -4.989  11.950  1.00 47.04  ? 80  VAL A CG1 1 
ATOM   549 C  CG2 . VAL A 1 79  ? 9.888   -5.061  9.677   1.00 48.61  ? 80  VAL A CG2 1 
ATOM   550 N  N   . ALA A 1 80  ? 8.982   -8.039  13.048  1.00 55.87  ? 81  ALA A N   1 
ATOM   551 C  CA  . ALA A 1 80  ? 8.950   -8.703  14.348  1.00 55.53  ? 81  ALA A CA  1 
ATOM   552 C  C   . ALA A 1 80  ? 9.667   -10.061 14.314  1.00 58.03  ? 81  ALA A C   1 
ATOM   553 O  O   . ALA A 1 80  ? 10.390  -10.407 15.250  1.00 61.04  ? 81  ALA A O   1 
ATOM   554 C  CB  . ALA A 1 80  ? 7.524   -8.859  14.827  1.00 53.89  ? 81  ALA A CB  1 
ATOM   555 N  N   . LYS A 1 81  ? 9.467   -10.827 13.242  1.00 54.57  ? 82  LYS A N   1 
ATOM   556 C  CA  . LYS A 1 81  ? 10.149  -12.110 13.101  1.00 55.77  ? 82  LYS A CA  1 
ATOM   557 C  C   . LYS A 1 81  ? 11.666  -11.918 13.031  1.00 54.45  ? 82  LYS A C   1 
ATOM   558 O  O   . LYS A 1 81  ? 12.424  -12.637 13.686  1.00 54.99  ? 82  LYS A O   1 
ATOM   559 C  CB  . LYS A 1 81  ? 9.644   -12.876 11.872  1.00 56.73  ? 82  LYS A CB  1 
ATOM   560 C  CG  . LYS A 1 81  ? 10.329  -14.222 11.666  1.00 61.27  ? 82  LYS A CG  1 
ATOM   561 C  CD  . LYS A 1 81  ? 9.683   -15.038 10.557  1.00 65.35  ? 82  LYS A CD  1 
ATOM   562 N  N   . ALA A 1 82  ? 12.102  -10.938 12.246  1.00 48.55  ? 83  ALA A N   1 
ATOM   563 C  CA  . ALA A 1 82  ? 13.528  -10.679 12.078  1.00 48.97  ? 83  ALA A CA  1 
ATOM   564 C  C   . ALA A 1 82  ? 14.187  -10.302 13.404  1.00 48.65  ? 83  ALA A C   1 
ATOM   565 O  O   . ALA A 1 82  ? 15.321  -10.693 13.683  1.00 49.74  ? 83  ALA A O   1 
ATOM   566 C  CB  . ALA A 1 82  ? 13.748  -9.593  11.047  1.00 40.87  ? 83  ALA A CB  1 
ATOM   567 N  N   . ILE A 1 83  ? 13.470  -9.526  14.205  1.00 46.96  ? 84  ILE A N   1 
ATOM   568 C  CA  . ILE A 1 83  ? 13.936  -9.161  15.532  1.00 50.50  ? 84  ILE A CA  1 
ATOM   569 C  C   . ILE A 1 83  ? 14.135  -10.401 16.394  1.00 52.70  ? 84  ILE A C   1 
ATOM   570 O  O   . ILE A 1 83  ? 15.116  -10.504 17.131  1.00 57.10  ? 84  ILE A O   1 
ATOM   571 C  CB  . ILE A 1 83  ? 12.946  -8.215  16.209  1.00 47.90  ? 84  ILE A CB  1 
ATOM   572 C  CG1 . ILE A 1 83  ? 12.902  -6.888  15.456  1.00 46.30  ? 84  ILE A CG1 1 
ATOM   573 C  CG2 . ILE A 1 83  ? 13.335  -7.970  17.647  1.00 47.53  ? 84  ILE A CG2 1 
ATOM   574 C  CD1 . ILE A 1 83  ? 11.951  -5.894  16.054  1.00 47.08  ? 84  ILE A CD1 1 
ATOM   575 N  N   . ARG A 1 84  ? 13.204  -11.341 16.298  1.00 54.23  ? 85  ARG A N   1 
ATOM   576 C  CA  . ARG A 1 84  ? 13.326  -12.592 17.029  1.00 56.46  ? 85  ARG A CA  1 
ATOM   577 C  C   . ARG A 1 84  ? 14.477  -13.412 16.474  1.00 63.88  ? 85  ARG A C   1 
ATOM   578 O  O   . ARG A 1 84  ? 15.261  -13.975 17.231  1.00 70.94  ? 85  ARG A O   1 
ATOM   579 C  CB  . ARG A 1 84  ? 12.030  -13.401 16.956  1.00 55.75  ? 85  ARG A CB  1 
ATOM   580 C  CG  . ARG A 1 84  ? 10.873  -12.767 17.699  1.00 53.74  ? 85  ARG A CG  1 
ATOM   581 C  CD  . ARG A 1 84  ? 9.729   -13.747 17.935  1.00 56.16  ? 85  ARG A CD  1 
ATOM   582 N  NE  . ARG A 1 84  ? 9.113   -14.191 16.690  1.00 61.40  ? 85  ARG A NE  1 
ATOM   583 C  CZ  . ARG A 1 84  ? 8.145   -13.534 16.062  1.00 62.15  ? 85  ARG A CZ  1 
ATOM   584 N  NH1 . ARG A 1 84  ? 7.675   -12.397 16.558  1.00 59.61  ? 85  ARG A NH1 1 
ATOM   585 N  NH2 . ARG A 1 84  ? 7.644   -14.012 14.931  1.00 66.61  ? 85  ARG A NH2 1 
ATOM   586 N  N   . GLU A 1 85  ? 14.582  -13.464 15.149  1.00 66.04  ? 86  GLU A N   1 
ATOM   587 C  CA  . GLU A 1 85  ? 15.590  -14.287 14.486  1.00 63.62  ? 86  GLU A CA  1 
ATOM   588 C  C   . GLU A 1 85  ? 16.998  -13.702 14.569  1.00 57.51  ? 86  GLU A C   1 
ATOM   589 O  O   . GLU A 1 85  ? 17.978  -14.426 14.418  1.00 58.69  ? 86  GLU A O   1 
ATOM   590 C  CB  . GLU A 1 85  ? 15.210  -14.530 13.023  1.00 71.31  ? 86  GLU A CB  1 
ATOM   591 C  CG  . GLU A 1 85  ? 13.885  -15.251 12.838  1.00 79.46  ? 86  GLU A CG  1 
ATOM   592 C  CD  . GLU A 1 85  ? 13.789  -16.511 13.673  1.00 90.75  ? 86  GLU A CD  1 
ATOM   593 O  OE1 . GLU A 1 85  ? 14.652  -17.402 13.512  1.00 96.28  ? 86  GLU A OE1 1 
ATOM   594 O  OE2 . GLU A 1 85  ? 12.856  -16.612 14.496  1.00 93.38  ? 86  GLU A OE2 1 
ATOM   595 N  N   . GLY A 1 86  ? 17.101  -12.398 14.802  1.00 54.67  ? 87  GLY A N   1 
ATOM   596 C  CA  . GLY A 1 86  ? 18.399  -11.768 14.956  1.00 49.37  ? 87  GLY A CA  1 
ATOM   597 C  C   . GLY A 1 86  ? 18.780  -10.837 13.824  1.00 49.82  ? 87  GLY A C   1 
ATOM   598 O  O   . GLY A 1 86  ? 19.911  -10.360 13.776  1.00 50.90  ? 87  GLY A O   1 
ATOM   599 N  N   . SER A 1 87  ? 17.847  -10.569 12.915  1.00 48.48  ? 88  SER A N   1 
ATOM   600 C  CA  . SER A 1 87  ? 18.119  -9.654  11.814  1.00 53.36  ? 88  SER A CA  1 
ATOM   601 C  C   . SER A 1 87  ? 17.236  -8.412  11.904  1.00 56.03  ? 88  SER A C   1 
ATOM   602 O  O   . SER A 1 87  ? 16.892  -7.800  10.886  1.00 57.78  ? 88  SER A O   1 
ATOM   603 C  CB  . SER A 1 87  ? 17.945  -10.356 10.460  1.00 54.38  ? 88  SER A CB  1 
ATOM   604 O  OG  . SER A 1 87  ? 16.658  -10.936 10.338  1.00 57.33  ? 88  SER A OG  1 
ATOM   605 N  N   . GLY A 1 88  ? 16.887  -8.038  13.132  1.00 59.18  ? 89  GLY A N   1 
ATOM   606 C  CA  . GLY A 1 88  ? 16.023  -6.898  13.387  1.00 60.67  ? 89  GLY A CA  1 
ATOM   607 C  C   . GLY A 1 88  ? 16.557  -5.556  12.909  1.00 57.17  ? 89  GLY A C   1 
ATOM   608 O  O   . GLY A 1 88  ? 15.827  -4.789  12.275  1.00 55.35  ? 89  GLY A O   1 
ATOM   609 N  N   . GLU A 1 89  ? 17.819  -5.259  13.210  1.00 53.04  ? 90  GLU A N   1 
ATOM   610 C  CA  . GLU A 1 89  ? 18.403  -3.994  12.779  1.00 54.07  ? 90  GLU A CA  1 
ATOM   611 C  C   . GLU A 1 89  ? 18.384  -3.860  11.254  1.00 52.19  ? 90  GLU A C   1 
ATOM   612 O  O   . GLU A 1 89  ? 18.133  -2.779  10.723  1.00 53.85  ? 90  GLU A O   1 
ATOM   613 C  CB  . GLU A 1 89  ? 19.815  -3.819  13.336  1.00 59.46  ? 90  GLU A CB  1 
ATOM   614 C  CG  . GLU A 1 89  ? 19.868  -3.677  14.853  1.00 66.79  ? 90  GLU A CG  1 
ATOM   615 C  CD  . GLU A 1 89  ? 21.246  -3.286  15.359  1.00 75.81  ? 90  GLU A CD  1 
ATOM   616 O  OE1 . GLU A 1 89  ? 21.794  -4.026  16.198  1.00 80.07  ? 90  GLU A OE1 1 
ATOM   617 O  OE2 . GLU A 1 89  ? 21.778  -2.239  14.927  1.00 77.10  ? 90  GLU A OE2 1 
ATOM   618 N  N   . GLN A 1 90  ? 18.633  -4.965  10.557  1.00 51.73  ? 91  GLN A N   1 
ATOM   619 C  CA  . GLN A 1 90  ? 18.524  -4.991  9.102   1.00 51.20  ? 91  GLN A CA  1 
ATOM   620 C  C   . GLN A 1 90  ? 17.113  -4.582  8.694   1.00 51.38  ? 91  GLN A C   1 
ATOM   621 O  O   . GLN A 1 90  ? 16.930  -3.643  7.914   1.00 51.74  ? 91  GLN A O   1 
ATOM   622 C  CB  . GLN A 1 90  ? 18.835  -6.391  8.562   1.00 58.89  ? 91  GLN A CB  1 
ATOM   623 C  CG  . GLN A 1 90  ? 18.792  -6.504  7.035   1.00 67.25  ? 91  GLN A CG  1 
ATOM   624 C  CD  . GLN A 1 90  ? 18.884  -7.944  6.529   1.00 70.94  ? 91  GLN A CD  1 
ATOM   625 O  OE1 . GLN A 1 90  ? 18.152  -8.826  6.981   1.00 66.80  ? 91  GLN A OE1 1 
ATOM   626 N  NE2 . GLN A 1 90  ? 19.784  -8.181  5.580   1.00 76.34  ? 91  GLN A NE2 1 
ATOM   627 N  N   . SER A 1 91  ? 16.119  -5.278  9.241   1.00 49.10  ? 92  SER A N   1 
ATOM   628 C  CA  . SER A 1 91  ? 14.720  -5.005  8.922   1.00 50.83  ? 92  SER A CA  1 
ATOM   629 C  C   . SER A 1 91  ? 14.259  -3.625  9.384   1.00 52.15  ? 92  SER A C   1 
ATOM   630 O  O   . SER A 1 91  ? 13.419  -3.001  8.732   1.00 55.83  ? 92  SER A O   1 
ATOM   631 C  CB  . SER A 1 91  ? 13.816  -6.077  9.519   1.00 54.16  ? 92  SER A CB  1 
ATOM   632 O  OG  . SER A 1 91  ? 13.959  -7.293  8.815   1.00 64.89  ? 92  SER A OG  1 
ATOM   633 N  N   . LEU A 1 92  ? 14.804  -3.152  10.501  1.00 46.19  ? 93  LEU A N   1 
ATOM   634 C  CA  . LEU A 1 92  ? 14.427  -1.845  11.024  1.00 47.53  ? 93  LEU A CA  1 
ATOM   635 C  C   . LEU A 1 92  ? 14.898  -0.726  10.094  1.00 51.38  ? 93  LEU A C   1 
ATOM   636 O  O   . LEU A 1 92  ? 14.172  0.243   9.858   1.00 54.60  ? 93  LEU A O   1 
ATOM   637 C  CB  . LEU A 1 92  ? 14.989  -1.637  12.432  1.00 45.73  ? 93  LEU A CB  1 
ATOM   638 C  CG  . LEU A 1 92  ? 14.769  -0.245  13.026  1.00 47.36  ? 93  LEU A CG  1 
ATOM   639 C  CD1 . LEU A 1 92  ? 13.288  0.060   13.140  1.00 47.21  ? 93  LEU A CD1 1 
ATOM   640 C  CD2 . LEU A 1 92  ? 15.446  -0.109  14.382  1.00 50.86  ? 93  LEU A CD2 1 
ATOM   641 N  N   . ARG A 1 93  ? 16.111  -0.864  9.570   1.00 49.62  ? 94  ARG A N   1 
ATOM   642 C  CA  . ARG A 1 93  ? 16.669  0.137   8.668   1.00 52.60  ? 94  ARG A CA  1 
ATOM   643 C  C   . ARG A 1 93  ? 15.857  0.222   7.371   1.00 57.24  ? 94  ARG A C   1 
ATOM   644 O  O   . ARG A 1 93  ? 15.584  1.324   6.880   1.00 61.72  ? 94  ARG A O   1 
ATOM   645 C  CB  . ARG A 1 93  ? 18.142  -0.157  8.376   1.00 55.50  ? 94  ARG A CB  1 
ATOM   646 C  CG  . ARG A 1 93  ? 18.845  0.928   7.580   1.00 65.85  ? 94  ARG A CG  1 
ATOM   647 C  CD  . ARG A 1 93  ? 20.350  0.910   7.821   1.00 78.72  ? 94  ARG A CD  1 
ATOM   648 N  NE  . ARG A 1 93  ? 20.727  1.536   9.089   1.00 85.04  ? 94  ARG A NE  1 
ATOM   649 C  CZ  . ARG A 1 93  ? 21.144  2.794   9.209   1.00 88.54  ? 94  ARG A CZ  1 
ATOM   650 N  NH1 . ARG A 1 93  ? 21.254  3.570   8.136   1.00 89.26  ? 94  ARG A NH1 1 
ATOM   651 N  NH2 . ARG A 1 93  ? 21.466  3.276   10.402  1.00 89.37  ? 94  ARG A NH2 1 
ATOM   652 N  N   . GLU A 1 94  ? 15.471  -0.935  6.829   1.00 52.21  ? 95  GLU A N   1 
ATOM   653 C  CA  . GLU A 1 94  ? 14.585  -0.978  5.673   1.00 49.15  ? 95  GLU A CA  1 
ATOM   654 C  C   . GLU A 1 94  ? 13.325  -0.187  5.996   1.00 50.05  ? 95  GLU A C   1 
ATOM   655 O  O   . GLU A 1 94  ? 12.946  0.712   5.252   1.00 54.88  ? 95  GLU A O   1 
ATOM   656 C  CB  . GLU A 1 94  ? 14.196  -2.420  5.326   1.00 53.66  ? 95  GLU A CB  1 
ATOM   657 C  CG  . GLU A 1 94  ? 15.204  -3.214  4.506   1.00 56.06  ? 95  GLU A CG  1 
ATOM   658 C  CD  . GLU A 1 94  ? 14.808  -4.681  4.369   1.00 60.99  ? 95  GLU A CD  1 
ATOM   659 O  OE1 . GLU A 1 94  ? 13.849  -5.099  5.052   1.00 58.79  ? 95  GLU A OE1 1 
ATOM   660 O  OE2 . GLU A 1 94  ? 15.457  -5.416  3.589   1.00 65.60  ? 95  GLU A OE2 1 
ATOM   661 N  N   . LEU A 1 95  ? 12.688  -0.523  7.115   1.00 49.14  ? 96  LEU A N   1 
ATOM   662 C  CA  . LEU A 1 95  ? 11.430  0.105   7.509   1.00 50.03  ? 96  LEU A CA  1 
ATOM   663 C  C   . LEU A 1 95  ? 11.557  1.623   7.616   1.00 60.13  ? 96  LEU A C   1 
ATOM   664 O  O   . LEU A 1 95  ? 10.665  2.357   7.182   1.00 61.75  ? 96  LEU A O   1 
ATOM   665 C  CB  . LEU A 1 95  ? 10.931  -0.471  8.835   1.00 48.47  ? 96  LEU A CB  1 
ATOM   666 C  CG  . LEU A 1 95  ? 9.532   -0.043  9.294   1.00 48.44  ? 96  LEU A CG  1 
ATOM   667 C  CD1 . LEU A 1 95  ? 8.455   -0.534  8.334   1.00 39.73  ? 96  LEU A CD1 1 
ATOM   668 C  CD2 . LEU A 1 95  ? 9.245   -0.532  10.708  1.00 50.07  ? 96  LEU A CD2 1 
ATOM   669 N  N   . MET A 1 96  ? 12.662  2.099   8.182   1.00 58.76  ? 97  MET A N   1 
ATOM   670 C  CA  . MET A 1 96  ? 12.866  3.536   8.297   1.00 59.39  ? 97  MET A CA  1 
ATOM   671 C  C   . MET A 1 96  ? 13.024  4.198   6.933   1.00 56.42  ? 97  MET A C   1 
ATOM   672 O  O   . MET A 1 96  ? 12.586  5.331   6.734   1.00 55.88  ? 97  MET A O   1 
ATOM   673 C  CB  . MET A 1 96  ? 14.064  3.854   9.191   1.00 66.78  ? 97  MET A CB  1 
ATOM   674 C  CG  . MET A 1 96  ? 13.807  3.581   10.662  1.00 67.65  ? 97  MET A CG  1 
ATOM   675 S  SD  . MET A 1 96  ? 12.261  4.333   11.234  1.00 63.77  ? 97  MET A SD  1 
ATOM   676 C  CE  . MET A 1 96  ? 12.657  6.074   11.060  1.00 49.38  ? 97  MET A CE  1 
ATOM   677 N  N   . ASP A 1 97  ? 13.636  3.489   5.991   1.00 56.85  ? 98  ASP A N   1 
ATOM   678 C  CA  . ASP A 1 97  ? 13.805  4.035   4.649   1.00 59.05  ? 98  ASP A CA  1 
ATOM   679 C  C   . ASP A 1 97  ? 12.470  4.285   3.948   1.00 57.93  ? 98  ASP A C   1 
ATOM   680 O  O   . ASP A 1 97  ? 12.287  5.336   3.338   1.00 59.74  ? 98  ASP A O   1 
ATOM   681 C  CB  . ASP A 1 97  ? 14.725  3.157   3.798   1.00 62.89  ? 98  ASP A CB  1 
ATOM   682 C  CG  . ASP A 1 97  ? 16.196  3.415   4.081   1.00 75.51  ? 98  ASP A CG  1 
ATOM   683 O  OD1 . ASP A 1 97  ? 16.535  4.562   4.453   1.00 80.79  ? 98  ASP A OD1 1 
ATOM   684 O  OD2 . ASP A 1 97  ? 17.011  2.475   3.934   1.00 78.84  ? 98  ASP A OD2 1 
ATOM   685 N  N   . VAL A 1 98  ? 11.536  3.339   4.038   1.00 53.79  ? 99  VAL A N   1 
ATOM   686 C  CA  . VAL A 1 98  ? 10.238  3.535   3.397   1.00 56.25  ? 99  VAL A CA  1 
ATOM   687 C  C   . VAL A 1 98  ? 9.406   4.603   4.104   1.00 61.79  ? 99  VAL A C   1 
ATOM   688 O  O   . VAL A 1 98  ? 8.615   5.291   3.465   1.00 70.02  ? 99  VAL A O   1 
ATOM   689 C  CB  . VAL A 1 98  ? 9.420   2.221   3.220   1.00 59.51  ? 99  VAL A CB  1 
ATOM   690 C  CG1 . VAL A 1 98  ? 10.214  1.212   2.435   1.00 61.94  ? 99  VAL A CG1 1 
ATOM   691 C  CG2 . VAL A 1 98  ? 9.001   1.642   4.552   1.00 54.65  ? 99  VAL A CG2 1 
ATOM   692 N  N   . ILE A 1 99  ? 9.588   4.748   5.414   1.00 62.18  ? 100 ILE A N   1 
ATOM   693 C  CA  . ILE A 1 99  ? 8.930   5.825   6.152   1.00 61.51  ? 100 ILE A CA  1 
ATOM   694 C  C   . ILE A 1 99  ? 9.375   7.190   5.610   1.00 65.37  ? 100 ILE A C   1 
ATOM   695 O  O   . ILE A 1 99  ? 8.544   8.033   5.261   1.00 66.70  ? 100 ILE A O   1 
ATOM   696 C  CB  . ILE A 1 99  ? 9.211   5.735   7.665   1.00 58.55  ? 100 ILE A CB  1 
ATOM   697 C  CG1 . ILE A 1 99  ? 8.598   4.464   8.251   1.00 57.57  ? 100 ILE A CG1 1 
ATOM   698 C  CG2 . ILE A 1 99  ? 8.684   6.960   8.382   1.00 57.47  ? 100 ILE A CG2 1 
ATOM   699 C  CD1 . ILE A 1 99  ? 7.144   4.252   7.879   1.00 58.59  ? 100 ILE A CD1 1 
ATOM   700 N  N   . LYS A 1 100 ? 10.689  7.390   5.523   1.00 65.47  ? 101 LYS A N   1 
ATOM   701 C  CA  . LYS A 1 100 ? 11.250  8.610   4.946   1.00 70.38  ? 101 LYS A CA  1 
ATOM   702 C  C   . LYS A 1 100 ? 10.835  8.795   3.484   1.00 79.55  ? 101 LYS A C   1 
ATOM   703 O  O   . LYS A 1 100 ? 10.687  9.922   3.013   1.00 87.20  ? 101 LYS A O   1 
ATOM   704 C  CB  . LYS A 1 100 ? 12.777  8.613   5.070   1.00 69.32  ? 101 LYS A CB  1 
ATOM   705 N  N   . GLN A 1 101 ? 10.650  7.689   2.770   1.00 79.41  ? 102 GLN A N   1 
ATOM   706 C  CA  . GLN A 1 101 ? 10.210  7.739   1.380   1.00 78.54  ? 102 GLN A CA  1 
ATOM   707 C  C   . GLN A 1 101 ? 8.787   8.282   1.284   1.00 74.40  ? 102 GLN A C   1 
ATOM   708 O  O   . GLN A 1 101 ? 8.487   9.112   0.426   1.00 77.39  ? 102 GLN A O   1 
ATOM   709 C  CB  . GLN A 1 101 ? 10.290  6.348   0.743   1.00 81.70  ? 102 GLN A CB  1 
ATOM   710 C  CG  . GLN A 1 101 ? 9.824   6.290   -0.712  1.00 87.20  ? 102 GLN A CG  1 
ATOM   711 C  CD  . GLN A 1 101 ? 10.788  6.970   -1.671  1.00 95.54  ? 102 GLN A CD  1 
ATOM   712 O  OE1 . GLN A 1 101 ? 12.002  6.780   -1.586  1.00 98.84  ? 102 GLN A OE1 1 
ATOM   713 N  NE2 . GLN A 1 101 ? 10.250  7.762   -2.594  1.00 98.12  ? 102 GLN A NE2 1 
ATOM   714 N  N   . PHE A 1 102 ? 7.915   7.812   2.173   1.00 69.63  ? 103 PHE A N   1 
ATOM   715 C  CA  . PHE A 1 102 ? 6.535   8.282   2.214   1.00 70.09  ? 103 PHE A CA  1 
ATOM   716 C  C   . PHE A 1 102 ? 6.464   9.729   2.692   1.00 77.15  ? 103 PHE A C   1 
ATOM   717 O  O   . PHE A 1 102 ? 5.418   10.371  2.593   1.00 76.60  ? 103 PHE A O   1 
ATOM   718 C  CB  . PHE A 1 102 ? 5.687   7.394   3.126   1.00 68.58  ? 103 PHE A CB  1 
ATOM   719 C  CG  . PHE A 1 102 ? 5.121   6.175   2.445   1.00 77.14  ? 103 PHE A CG  1 
ATOM   720 C  CD1 . PHE A 1 102 ? 4.207   6.301   1.404   1.00 76.97  ? 103 PHE A CD1 1 
ATOM   721 C  CD2 . PHE A 1 102 ? 5.477   4.899   2.865   1.00 79.56  ? 103 PHE A CD2 1 
ATOM   722 C  CE1 . PHE A 1 102 ? 3.676   5.182   0.785   1.00 72.65  ? 103 PHE A CE1 1 
ATOM   723 C  CE2 . PHE A 1 102 ? 4.948   3.776   2.250   1.00 77.95  ? 103 PHE A CE2 1 
ATOM   724 C  CZ  . PHE A 1 102 ? 4.049   3.919   1.208   1.00 74.48  ? 103 PHE A CZ  1 
ATOM   725 N  N   . ALA A 1 103 ? 7.581   10.232  3.215   1.00 84.78  ? 104 ALA A N   1 
ATOM   726 C  CA  . ALA A 1 103 ? 7.665   11.609  3.694   1.00 90.23  ? 104 ALA A CA  1 
ATOM   727 C  C   . ALA A 1 103 ? 8.295   12.529  2.645   1.00 100.69 ? 104 ALA A C   1 
ATOM   728 O  O   . ALA A 1 103 ? 8.094   13.747  2.672   1.00 104.04 ? 104 ALA A O   1 
ATOM   729 C  CB  . ALA A 1 103 ? 8.447   11.668  4.993   1.00 86.45  ? 104 ALA A CB  1 
ATOM   730 N  N   . LYS A 1 104 ? 9.061   11.938  1.728   1.00 104.18 ? 105 LYS A N   1 
ATOM   731 C  CA  . LYS A 1 104 ? 9.699   12.690  0.650   1.00 106.11 ? 105 LYS A CA  1 
ATOM   732 C  C   . LYS A 1 104 ? 8.768   12.857  -0.548  1.00 107.42 ? 105 LYS A C   1 
ATOM   733 O  O   . LYS A 1 104 ? 8.368   13.974  -0.888  1.00 109.32 ? 105 LYS A O   1 
ATOM   734 C  CB  . LYS A 1 104 ? 10.990  12.000  0.206   1.00 104.16 ? 105 LYS A CB  1 
ATOM   735 O  OXT . LYS A 1 104 ? 8.399   11.878  -1.200  1.00 105.17 ? 105 LYS A OXT 1 
HETATM 736 CU CU  . CU1 B 2 .   ? 6.467   -8.081  5.215   1.00 58.45  ? 201 CU1 A CU  1 
HETATM 737 NA NA  . NA  C 3 .   ? 24.128  -3.620  15.393  1.00 66.95  ? 202 NA  A NA  1 
HETATM 738 NA NA  . NA  D 3 .   ? 15.654  -9.525  8.241   1.00 68.64  ? 203 NA  A NA  1 
HETATM 739 O  O   . HOH E 4 .   ? 11.872  -4.191  6.824   1.00 44.10  ? 301 HOH A O   1 
HETATM 740 O  O   . HOH E 4 .   ? 11.961  -7.795  7.582   1.00 56.50  ? 302 HOH A O   1 
HETATM 741 O  O   . HOH E 4 .   ? 24.489  -6.162  15.524  1.00 44.20  ? 303 HOH A O   1 
HETATM 742 O  O   . HOH E 4 .   ? -7.411  12.603  0.585   1.00 49.92  ? 304 HOH A O   1 
# 
loop_
_atom_site_anisotrop.id 
_atom_site_anisotrop.type_symbol 
_atom_site_anisotrop.pdbx_label_atom_id 
_atom_site_anisotrop.pdbx_label_alt_id 
_atom_site_anisotrop.pdbx_label_comp_id 
_atom_site_anisotrop.pdbx_label_asym_id 
_atom_site_anisotrop.pdbx_label_seq_id 
_atom_site_anisotrop.pdbx_PDB_ins_code 
_atom_site_anisotrop.U[1][1] 
_atom_site_anisotrop.U[2][2] 
_atom_site_anisotrop.U[3][3] 
_atom_site_anisotrop.U[1][2] 
_atom_site_anisotrop.U[1][3] 
_atom_site_anisotrop.U[2][3] 
_atom_site_anisotrop.pdbx_auth_seq_id 
_atom_site_anisotrop.pdbx_auth_comp_id 
_atom_site_anisotrop.pdbx_auth_asym_id 
_atom_site_anisotrop.pdbx_auth_atom_id 
1   N  N   . VAL A 9   ? 1.5692 1.6992 1.4368 0.3214  0.0025  -0.0695 10  VAL A N   
2   C  CA  . VAL A 9   ? 1.5080 1.6307 1.4234 0.2664  0.0102  -0.0587 10  VAL A CA  
3   C  C   . VAL A 9   ? 1.4505 1.6254 1.3867 0.2496  0.0345  -0.0164 10  VAL A C   
4   O  O   . VAL A 9   ? 1.4422 1.6431 1.3885 0.2440  0.0398  -0.0025 10  VAL A O   
5   C  CB  . VAL A 9   ? 1.5170 1.6042 1.4425 0.2536  0.0042  -0.0696 10  VAL A CB  
6   C  CG1 . VAL A 9   ? 1.4572 1.5331 1.4277 0.2021  0.0091  -0.0635 10  VAL A CG1 
7   C  CG2 . VAL A 9   ? 1.5638 1.5991 1.4710 0.2757  -0.0244 -0.1084 10  VAL A CG2 
8   N  N   . LEU A 10  ? 1.4054 1.5950 1.3511 0.2417  0.0466  0.0047  11  LEU A N   
9   C  CA  . LEU A 10  ? 1.3250 1.5601 1.2977 0.2226  0.0640  0.0452  11  LEU A CA  
10  C  C   . LEU A 10  ? 1.2708 1.4990 1.2806 0.1774  0.0619  0.0476  11  LEU A C   
11  O  O   . LEU A 10  ? 1.2973 1.5571 1.3254 0.1694  0.0674  0.0720  11  LEU A O   
12  C  CB  . LEU A 10  ? 1.3081 1.5983 1.2676 0.2580  0.0763  0.0765  11  LEU A CB  
13  C  CG  . LEU A 10  ? 1.2627 1.6068 1.2546 0.2459  0.0924  0.1261  11  LEU A CG  
14  C  CD1 . LEU A 10  ? 1.2793 1.6401 1.2622 0.2623  0.1017  0.1424  11  LEU A CD1 
15  C  CD2 . LEU A 10  ? 1.2695 1.6666 1.2661 0.2687  0.1023  0.1595  11  LEU A CD2 
16  N  N   . HIS A 11  ? 1.1673 1.3544 1.1892 0.1502  0.0533  0.0242  12  HIS A N   
17  C  CA  . HIS A 11  ? 0.9903 1.1684 1.0407 0.1132  0.0511  0.0240  12  HIS A CA  
18  C  C   . HIS A 11  ? 0.9242 1.0749 0.9888 0.0879  0.0496  0.0146  12  HIS A C   
19  O  O   . HIS A 11  ? 0.9711 1.1079 1.0273 0.0970  0.0498  0.0080  12  HIS A O   
20  C  CB  . HIS A 11  ? 0.8822 1.0435 0.9305 0.1130  0.0416  0.0034  12  HIS A CB  
21  C  CG  . HIS A 11  ? 0.8554 0.9791 0.8903 0.1249  0.0283  -0.0289 12  HIS A CG  
22  N  ND1 . HIS A 11  ? 0.8399 0.9312 0.8891 0.1072  0.0230  -0.0429 12  HIS A ND1 
23  C  CD2 . HIS A 11  ? 0.8886 1.0019 0.9002 0.1536  0.0167  -0.0486 12  HIS A CD2 
24  C  CE1 . HIS A 11  ? 0.8536 0.9146 0.8953 0.1212  0.0070  -0.0683 12  HIS A CE1 
25  N  NE2 . HIS A 11  ? 0.8965 0.9676 0.9127 0.1499  0.0011  -0.0750 12  HIS A NE2 
26  N  N   . GLY A 12  ? 0.8151 0.9586 0.8997 0.0596  0.0480  0.0148  13  GLY A N   
27  C  CA  . GLY A 12  ? 0.7848 0.9076 0.8809 0.0400  0.0484  0.0085  13  GLY A CA  
28  C  C   . GLY A 12  ? 0.7764 0.8678 0.8729 0.0435  0.0434  -0.0130 13  GLY A C   
29  O  O   . GLY A 12  ? 0.7504 0.8297 0.8392 0.0580  0.0350  -0.0285 13  GLY A O   
30  N  N   . THR A 13  ? 0.7940 0.8731 0.9023 0.0310  0.0468  -0.0124 14  THR A N   
31  C  CA  . THR A 13  ? 0.7789 0.8307 0.9001 0.0306  0.0415  -0.0255 14  THR A CA  
32  C  C   . THR A 13  ? 0.7619 0.7995 0.8959 0.0245  0.0323  -0.0399 14  THR A C   
33  O  O   . THR A 13  ? 0.7403 0.7865 0.8780 0.0127  0.0349  -0.0374 14  THR A O   
34  C  CB  . THR A 13  ? 0.7974 0.8471 0.9346 0.0166  0.0500  -0.0156 14  THR A CB  
35  O  OG1 . THR A 13  ? 0.8639 0.9300 0.9897 0.0200  0.0582  -0.0011 14  THR A OG1 
36  C  CG2 . THR A 13  ? 0.8228 0.8485 0.9819 0.0172  0.0449  -0.0212 14  THR A CG2 
37  N  N   . MET A 14  ? 0.7462 0.7600 0.8880 0.0330  0.0189  -0.0551 15  MET A N   
38  C  CA  . MET A 14  ? 0.7146 0.7146 0.8759 0.0257  0.0078  -0.0673 15  MET A CA  
39  C  C   . MET A 14  ? 0.7400 0.7146 0.9358 0.0195  -0.0032 -0.0711 15  MET A C   
40  O  O   . MET A 14  ? 0.7570 0.7117 0.9531 0.0312  -0.0144 -0.0781 15  MET A O   
41  C  CB  . MET A 14  ? 0.6630 0.6605 0.8038 0.0435  -0.0052 -0.0838 15  MET A CB  
42  C  CG  . MET A 14  ? 0.6545 0.6394 0.8157 0.0359  -0.0183 -0.0964 15  MET A CG  
43  S  SD  . MET A 14  ? 0.8565 0.8349 0.9911 0.0623  -0.0376 -0.1190 15  MET A SD  
44  C  CE  . MET A 14  ? 0.7478 0.7147 0.9167 0.0451  -0.0507 -0.1284 15  MET A CE  
45  N  N   . ILE A 15  ? 0.7486 0.7248 0.9762 0.0024  -0.0008 -0.0641 16  ILE A N   
46  C  CA  . ILE A 15  ? 0.7743 0.7303 1.0464 -0.0051 -0.0142 -0.0632 16  ILE A CA  
47  C  C   . ILE A 15  ? 0.7814 0.7201 1.0600 -0.0005 -0.0381 -0.0841 16  ILE A C   
48  O  O   . ILE A 15  ? 0.7515 0.7030 1.0252 -0.0046 -0.0353 -0.0869 16  ILE A O   
49  C  CB  . ILE A 15  ? 0.7602 0.7332 1.0672 -0.0221 0.0004  -0.0409 16  ILE A CB  
50  C  CG1 . ILE A 15  ? 0.6844 0.6800 0.9721 -0.0229 0.0246  -0.0236 16  ILE A CG1 
51  C  CG2 . ILE A 15  ? 0.8107 0.7688 1.1746 -0.0302 -0.0116 -0.0301 16  ILE A CG2 
52  C  CD1 . ILE A 15  ? 0.6613 0.6577 0.9768 -0.0254 0.0322  -0.0035 16  ILE A CD1 
53  N  N   . PRO A 16  ? 0.8263 0.7336 1.1141 0.0101  -0.0640 -0.1003 17  PRO A N   
54  C  CA  . PRO A 16  ? 0.8537 0.7404 1.1417 0.0196  -0.0924 -0.1247 17  PRO A CA  
55  C  C   . PRO A 16  ? 0.8906 0.7797 1.2284 -0.0006 -0.0997 -0.1175 17  PRO A C   
56  O  O   . PRO A 16  ? 0.9148 0.8110 1.2990 -0.0189 -0.0911 -0.0939 17  PRO A O   
57  C  CB  . PRO A 16  ? 0.8223 0.6690 1.1176 0.0337  -0.1217 -0.1411 17  PRO A CB  
58  C  CG  . PRO A 16  ? 0.8206 0.6729 1.0993 0.0386  -0.1034 -0.1280 17  PRO A CG  
59  C  CD  . PRO A 16  ? 0.8119 0.6983 1.1086 0.0161  -0.0710 -0.0981 17  PRO A CD  
60  N  N   . ARG A 17  ? 0.8816 0.7687 1.2108 0.0049  -0.1142 -0.1346 18  ARG A N   
61  C  CA  . ARG A 17  ? 0.8558 0.7475 1.2326 -0.0128 -0.1221 -0.1272 18  ARG A CA  
62  C  C   . ARG A 17  ? 0.9237 0.7831 1.3573 -0.0195 -0.1575 -0.1316 18  ARG A C   
63  O  O   . ARG A 17  ? 0.9987 0.8229 1.4205 -0.0034 -0.1867 -0.1551 18  ARG A O   
64  C  CB  . ARG A 17  ? 0.8247 0.7259 1.1741 -0.0043 -0.1266 -0.1436 18  ARG A CB  
65  C  CG  . ARG A 17  ? 0.7725 0.7048 1.0785 -0.0015 -0.0952 -0.1354 18  ARG A CG  
66  C  CD  . ARG A 17  ? 0.7804 0.7221 1.0600 0.0088  -0.0995 -0.1494 18  ARG A CD  
67  N  NE  . ARG A 17  ? 0.8252 0.7919 1.0649 0.0133  -0.0735 -0.1404 18  ARG A NE  
68  C  CZ  . ARG A 17  ? 0.8505 0.8219 1.0476 0.0337  -0.0711 -0.1468 18  ARG A CZ  
69  N  NH1 . ARG A 17  ? 0.7695 0.7218 0.9493 0.0562  -0.0917 -0.1657 18  ARG A NH1 
70  N  NH2 . ARG A 17  ? 0.8725 0.8683 1.0458 0.0336  -0.0495 -0.1331 18  ARG A NH2 
71  N  N   . THR A 18  ? 0.9238 0.7957 1.4209 -0.0417 -0.1564 -0.1074 19  THR A N   
72  C  CA  . THR A 18  ? 0.9190 0.7647 1.4871 -0.0535 -0.1919 -0.1039 19  THR A CA  
73  C  C   . THR A 18  ? 0.9386 0.7647 1.5093 -0.0472 -0.2281 -0.1318 19  THR A C   
74  O  O   . THR A 18  ? 0.9587 0.7972 1.4774 -0.0343 -0.2198 -0.1493 19  THR A O   
75  C  CB  . THR A 18  ? 0.8355 0.7120 1.4760 -0.0776 -0.1748 -0.0603 19  THR A CB  
76  O  OG1 . THR A 18  ? 0.7689 0.6791 1.4029 -0.0818 -0.1559 -0.0525 19  THR A OG1 
77  C  CG2 . THR A 18  ? 0.7850 0.6829 1.4212 -0.0802 -0.1396 -0.0321 19  THR A CG2 
78  N  N   . LYS A 19  ? 0.9367 0.7422 1.5555 -0.0504 -0.2634 -0.1297 20  LYS A N   
79  C  CA  . LYS A 19  ? 0.8829 0.6820 1.5036 -0.0426 -0.2932 -0.1466 20  LYS A CA  
80  C  C   . LYS A 19  ? 0.8461 0.6835 1.4921 -0.0595 -0.2705 -0.1253 20  LYS A C   
81  O  O   . LYS A 19  ? 0.8005 0.6425 1.4225 -0.0519 -0.2778 -0.1436 20  LYS A O   
82  C  CB  . LYS A 19  ? 0.8866 0.6642 1.5613 -0.0440 -0.3320 -0.1390 20  LYS A CB  
83  N  N   . GLU A 20  ? 0.9200 0.7874 1.6117 -0.0794 -0.2414 -0.0853 21  GLU A N   
84  C  CA  . GLU A 20  ? 1.0273 0.9364 1.7454 -0.0929 -0.2157 -0.0584 21  GLU A CA  
85  C  C   . GLU A 20  ? 1.0402 0.9686 1.6987 -0.0865 -0.1886 -0.0744 21  GLU A C   
86  O  O   . GLU A 20  ? 1.0588 1.0003 1.7093 -0.0849 -0.1902 -0.0818 21  GLU A O   
87  C  CB  . GLU A 20  ? 1.1037 1.0430 1.8721 -0.1066 -0.1876 -0.0105 21  GLU A CB  
88  C  CG  . GLU A 20  ? 1.1585 1.1448 1.9556 -0.1146 -0.1595 0.0239  21  GLU A CG  
89  C  CD  . GLU A 20  ? 1.2071 1.2216 2.0584 -0.1206 -0.1399 0.0744  21  GLU A CD  
90  O  OE1 . GLU A 20  ? 1.2132 1.2705 2.0797 -0.1212 -0.1108 0.1062  21  GLU A OE1 
91  O  OE2 . GLU A 20  ? 1.2243 1.2198 2.1012 -0.1217 -0.1535 0.0830  21  GLU A OE2 
92  N  N   . GLU A 21  ? 0.9962 0.9295 1.5999 -0.0770 -0.1602 -0.0756 22  GLU A N   
93  C  CA  . GLU A 21  ? 0.9341 0.8874 1.4687 -0.0654 -0.1311 -0.0844 22  GLU A CA  
94  C  C   . GLU A 21  ? 0.9033 0.8428 1.3937 -0.0496 -0.1502 -0.1186 22  GLU A C   
95  O  O   . GLU A 21  ? 0.9019 0.8613 1.3699 -0.0469 -0.1373 -0.1201 22  GLU A O   
96  C  CB  . GLU A 21  ? 0.9085 0.8626 1.3970 -0.0575 -0.1078 -0.0831 22  GLU A CB  
97  C  CG  . GLU A 21  ? 0.8511 0.8295 1.3620 -0.0672 -0.0786 -0.0489 22  GLU A CG  
98  C  CD  . GLU A 21  ? 0.8433 0.8240 1.3025 -0.0583 -0.0571 -0.0506 22  GLU A CD  
99  O  OE1 . GLU A 21  ? 0.8498 0.8526 1.2752 -0.0554 -0.0318 -0.0440 22  GLU A OE1 
100 O  OE2 . GLU A 21  ? 0.8141 0.7730 1.2675 -0.0534 -0.0679 -0.0590 22  GLU A OE2 
101 N  N   . ILE A 22  ? 0.8732 0.7786 1.3487 -0.0359 -0.1808 -0.1456 23  ILE A N   
102 C  CA  . ILE A 22  ? 0.9043 0.7975 1.3342 -0.0139 -0.2007 -0.1782 23  ILE A CA  
103 C  C   . ILE A 22  ? 0.9906 0.8883 1.4543 -0.0207 -0.2204 -0.1818 23  ILE A C   
104 O  O   . ILE A 22  ? 0.9926 0.9060 1.4214 -0.0102 -0.2131 -0.1913 23  ILE A O   
105 C  CB  . ILE A 22  ? 0.8913 0.7442 1.3002 0.0076  -0.2347 -0.2074 23  ILE A CB  
106 C  CG1 . ILE A 22  ? 0.8880 0.7421 1.2524 0.0194  -0.2120 -0.2044 23  ILE A CG1 
107 C  CG2 . ILE A 22  ? 0.8425 0.6844 1.2079 0.0351  -0.2596 -0.2405 23  ILE A CG2 
108 C  CD1 . ILE A 22  ? 0.9162 0.7319 1.2533 0.0457  -0.2426 -0.2322 23  ILE A CD1 
109 N  N   . GLU A 23  ? 1.0402 0.9265 1.5765 -0.0389 -0.2449 -0.1708 24  GLU A N   
110 C  CA  . GLU A 23  ? 1.0762 0.9706 1.6524 -0.0464 -0.2635 -0.1673 24  GLU A CA  
111 C  C   . GLU A 23  ? 1.0554 0.9918 1.6318 -0.0559 -0.2299 -0.1478 24  GLU A C   
112 O  O   . GLU A 23  ? 1.0901 1.0342 1.6521 -0.0488 -0.2375 -0.1606 24  GLU A O   
113 C  CB  . GLU A 23  ? 1.1079 0.9962 1.7541 -0.0602 -0.2802 -0.1395 24  GLU A CB  
114 C  CG  . GLU A 23  ? 1.1758 1.0670 1.8589 -0.0626 -0.3038 -0.1348 24  GLU A CG  
115 C  CD  . GLU A 23  ? 1.2668 1.1510 2.0234 -0.0751 -0.3228 -0.1053 24  GLU A CD  
116 O  OE1 . GLU A 23  ? 1.2564 1.1686 2.0592 -0.0926 -0.2970 -0.0648 24  GLU A OE1 
117 O  OE2 . GLU A 23  ? 1.3453 1.1975 2.1140 -0.0650 -0.3641 -0.1211 24  GLU A OE2 
118 N  N   . ASN A 24  ? 1.0059 0.9691 1.5915 -0.0673 -0.1921 -0.1162 25  ASN A N   
119 C  CA  . ASN A 24  ? 0.9743 0.9754 1.5554 -0.0715 -0.1594 -0.0952 25  ASN A CA  
120 C  C   . ASN A 24  ? 0.9257 0.9327 1.4330 -0.0551 -0.1428 -0.1145 25  ASN A C   
121 O  O   . ASN A 24  ? 0.9533 0.9740 1.4550 -0.0521 -0.1424 -0.1181 25  ASN A O   
122 C  CB  . ASN A 24  ? 1.0036 1.0290 1.6022 -0.0804 -0.1251 -0.0601 25  ASN A CB  
123 C  CG  . ASN A 24  ? 1.0619 1.0903 1.7424 -0.0966 -0.1371 -0.0312 25  ASN A CG  
124 O  OD1 . ASN A 24  ? 1.0982 1.1244 1.7897 -0.0999 -0.1270 -0.0159 25  ASN A OD1 
125 N  ND2 . ASN A 24  ? 1.0553 1.0904 1.7978 -0.1070 -0.1597 -0.0208 25  ASN A ND2 
126 N  N   . ILE A 25  ? 0.8542 0.8532 1.3100 -0.0448 -0.1289 -0.1235 26  ILE A N   
127 C  CA  . ILE A 25  ? 0.8192 0.8238 1.2120 -0.0293 -0.1162 -0.1380 26  ILE A CA  
128 C  C   . ILE A 25  ? 0.8360 0.8321 1.2144 -0.0149 -0.1420 -0.1629 26  ILE A C   
129 O  O   . ILE A 25  ? 0.8658 0.8776 1.2197 -0.0080 -0.1326 -0.1652 26  ILE A O   
130 C  CB  . ILE A 25  ? 0.8395 0.8335 1.1896 -0.0186 -0.1085 -0.1452 26  ILE A CB  
131 C  CG1 . ILE A 25  ? 0.8582 0.8600 1.2192 -0.0307 -0.0848 -0.1223 26  ILE A CG1 
132 C  CG2 . ILE A 25  ? 0.7963 0.8016 1.0917 -0.0030 -0.0959 -0.1532 26  ILE A CG2 
133 C  CD1 . ILE A 25  ? 0.9114 0.9005 1.2442 -0.0225 -0.0825 -0.1278 26  ILE A CD1 
134 N  N   . MET A 26  ? 0.8478 0.8173 1.2413 -0.0086 -0.1766 -0.1819 27  MET A N   
135 C  CA  . MET A 26  ? 0.8459 0.8032 1.2195 0.0113  -0.2068 -0.2102 27  MET A CA  
136 C  C   . MET A 26  ? 0.8015 0.7754 1.2014 0.0043  -0.2124 -0.2065 27  MET A C   
137 O  O   . MET A 26  ? 0.7615 0.7436 1.1260 0.0219  -0.2154 -0.2206 27  MET A O   
138 C  CB  . MET A 26  ? 0.8742 0.7935 1.2682 0.0180  -0.2496 -0.2317 27  MET A CB  
139 C  CG  . MET A 26  ? 0.9028 0.8039 1.2461 0.0524  -0.2778 -0.2670 27  MET A CG  
140 S  SD  . MET A 26  ? 1.0130 0.9299 1.2734 0.0817  -0.2466 -0.2697 27  MET A SD  
141 C  CE  . MET A 26  ? 1.5412 1.4463 1.7500 0.1265  -0.2812 -0.3069 27  MET A CE  
142 N  N   . LYS A 27  ? 0.7955 0.7778 1.2594 -0.0196 -0.2131 -0.1845 28  LYS A N   
143 C  CA  . LYS A 27  ? 0.8034 0.8057 1.2984 -0.0271 -0.2164 -0.1760 28  LYS A CA  
144 C  C   . LYS A 27  ? 0.7589 0.7884 1.2103 -0.0209 -0.1806 -0.1678 28  LYS A C   
145 O  O   . LYS A 27  ? 0.7939 0.8324 1.2272 -0.0102 -0.1857 -0.1783 28  LYS A O   
146 C  CB  . LYS A 27  ? 0.7720 0.7877 1.3453 -0.0522 -0.2153 -0.1441 28  LYS A CB  
147 N  N   . ARG A 28  ? 0.7089 0.7490 1.1437 -0.0264 -0.1471 -0.1497 29  ARG A N   
148 C  CA  . ARG A 28  ? 0.6367 0.6961 1.0328 -0.0216 -0.1162 -0.1414 29  ARG A CA  
149 C  C   . ARG A 28  ? 0.6471 0.7039 0.9885 -0.0015 -0.1185 -0.1611 29  ARG A C   
150 O  O   . ARG A 28  ? 0.7090 0.7808 1.0334 0.0041  -0.1084 -0.1590 29  ARG A O   
151 C  CB  . ARG A 28  ? 0.6107 0.6745 0.9959 -0.0283 -0.0880 -0.1235 29  ARG A CB  
152 C  CG  . ARG A 28  ? 0.6982 0.7747 1.1339 -0.0428 -0.0787 -0.0974 29  ARG A CG  
153 C  CD  . ARG A 28  ? 0.8180 0.8978 1.2367 -0.0446 -0.0531 -0.0823 29  ARG A CD  
154 N  NE  . ARG A 28  ? 0.8641 0.9663 1.3186 -0.0502 -0.0362 -0.0534 29  ARG A NE  
155 C  CZ  . ARG A 28  ? 0.8793 0.9999 1.3183 -0.0436 -0.0153 -0.0417 29  ARG A CZ  
156 N  NH1 . ARG A 28  ? 0.8858 1.0012 1.2795 -0.0351 -0.0110 -0.0567 29  ARG A NH1 
157 N  NH2 . ARG A 28  ? 0.8860 1.0308 1.3552 -0.0427 0.0009  -0.0135 29  ARG A NH2 
158 N  N   . LEU A 29  ? 0.6563 0.6966 0.9717 0.0118  -0.1315 -0.1777 30  LEU A N   
159 C  CA  . LEU A 29  ? 0.6532 0.6971 0.9188 0.0363  -0.1333 -0.1921 30  LEU A CA  
160 C  C   . LEU A 29  ? 0.7271 0.7700 0.9931 0.0515  -0.1606 -0.2114 30  LEU A C   
161 O  O   . LEU A 29  ? 0.7354 0.7936 0.9693 0.0691  -0.1554 -0.2147 30  LEU A O   
162 C  CB  . LEU A 29  ? 0.6998 0.7305 0.9350 0.0513  -0.1375 -0.2016 30  LEU A CB  
163 C  CG  . LEU A 29  ? 0.6948 0.7249 0.9288 0.0383  -0.1148 -0.1848 30  LEU A CG  
164 C  CD1 . LEU A 29  ? 0.6937 0.7128 0.8964 0.0573  -0.1212 -0.1950 30  LEU A CD1 
165 C  CD2 . LEU A 29  ? 0.6305 0.6810 0.8497 0.0313  -0.0852 -0.1651 30  LEU A CD2 
166 N  N   . LYS A 30  ? 0.7322 0.7571 1.0370 0.0451  -0.1915 -0.2228 31  LYS A N   
167 C  CA  . LYS A 30  ? 0.7508 0.7730 1.0626 0.0573  -0.2221 -0.2417 31  LYS A CA  
168 C  C   . LYS A 30  ? 0.6979 0.7469 1.0242 0.0480  -0.2057 -0.2262 31  LYS A C   
169 O  O   . LYS A 30  ? 0.6889 0.7504 0.9856 0.0669  -0.2076 -0.2351 31  LYS A O   
170 C  CB  . LYS A 30  ? 0.7969 0.7925 1.1607 0.0469  -0.2624 -0.2531 31  LYS A CB  
171 C  CG  . LYS A 30  ? 0.8441 0.8054 1.1866 0.0657  -0.2919 -0.2789 31  LYS A CG  
172 C  CD  . LYS A 30  ? 0.8340 0.7910 1.1137 0.1067  -0.3097 -0.3087 31  LYS A CD  
173 C  CE  . LYS A 30  ? 0.8651 0.7890 1.1130 0.1319  -0.3351 -0.3338 31  LYS A CE  
174 N  NZ  . LYS A 30  ? 0.9586 0.8484 1.2558 0.1213  -0.3706 -0.3367 31  LYS A NZ  
175 N  N   . ARG A 31  ? 0.6238 0.6836 0.9936 0.0222  -0.1888 -0.2018 32  ARG A N   
176 C  CA  . ARG A 31  ? 0.6325 0.7175 1.0144 0.0154  -0.1711 -0.1855 32  ARG A CA  
177 C  C   . ARG A 31  ? 0.6702 0.7679 0.9980 0.0306  -0.1464 -0.1844 32  ARG A C   
178 O  O   . ARG A 31  ? 0.6665 0.7781 0.9827 0.0412  -0.1476 -0.1876 32  ARG A O   
179 C  CB  . ARG A 31  ? 0.5708 0.6680 0.9933 -0.0068 -0.1490 -0.1565 32  ARG A CB  
180 N  N   . ILE A 32  ? 0.6642 0.7581 0.9628 0.0313  -0.1261 -0.1783 33  ILE A N   
181 C  CA  . ILE A 32  ? 0.6205 0.7257 0.8763 0.0439  -0.1060 -0.1733 33  ILE A CA  
182 C  C   . ILE A 32  ? 0.6644 0.7751 0.8874 0.0713  -0.1208 -0.1896 33  ILE A C   
183 O  O   . ILE A 32  ? 0.6875 0.8156 0.8928 0.0819  -0.1110 -0.1837 33  ILE A O   
184 C  CB  . ILE A 32  ? 0.6329 0.7327 0.8700 0.0389  -0.0867 -0.1629 33  ILE A CB  
185 C  CG1 . ILE A 32  ? 0.5833 0.6832 0.8409 0.0188  -0.0677 -0.1451 33  ILE A CG1 
186 C  CG2 . ILE A 32  ? 0.6797 0.7917 0.8799 0.0533  -0.0730 -0.1562 33  ILE A CG2 
187 C  CD1 . ILE A 32  ? 0.5426 0.6362 0.7821 0.0140  -0.0517 -0.1359 33  ILE A CD1 
188 N  N   . GLU A 33  ? 0.6513 0.7475 0.8653 0.0857  -0.1451 -0.2096 34  GLU A N   
189 C  CA  . GLU A 33  ? 0.6735 0.7751 0.8511 0.1192  -0.1623 -0.2277 34  GLU A CA  
190 C  C   . GLU A 33  ? 0.7127 0.8250 0.9027 0.1238  -0.1759 -0.2342 34  GLU A C   
191 O  O   . GLU A 33  ? 0.7850 0.9170 0.9448 0.1470  -0.1714 -0.2340 34  GLU A O   
192 C  CB  . GLU A 33  ? 0.6501 0.7270 0.8163 0.1367  -0.1932 -0.2533 34  GLU A CB  
193 C  CG  . GLU A 33  ? 0.6605 0.7435 0.7795 0.1802  -0.2125 -0.2742 34  GLU A CG  
194 C  CD  . GLU A 33  ? 0.7358 0.7868 0.8422 0.2020  -0.2527 -0.3067 34  GLU A CD  
195 O  OE1 . GLU A 33  ? 0.7783 0.8039 0.9056 0.1858  -0.2603 -0.3095 34  GLU A OE1 
196 O  OE2 . GLU A 33  ? 0.6672 0.7176 0.7410 0.2381  -0.2785 -0.3300 34  GLU A OE2 
197 N  N   . GLY A 34  ? 0.6727 0.7754 0.9104 0.1022  -0.1916 -0.2363 35  GLY A N   
198 C  CA  . GLY A 34  ? 0.7118 0.8263 0.9690 0.1032  -0.2050 -0.2398 35  GLY A CA  
199 C  C   . GLY A 34  ? 0.6759 0.8162 0.9217 0.1017  -0.1736 -0.2191 35  GLY A C   
200 O  O   . GLY A 34  ? 0.6427 0.7991 0.8671 0.1219  -0.1767 -0.2237 35  GLY A O   
201 N  N   . GLN A 35  ? 0.5843 0.7270 0.8430 0.0802  -0.1451 -0.1970 36  GLN A N   
202 C  CA  . GLN A 35  ? 0.5510 0.7105 0.7991 0.0782  -0.1176 -0.1781 36  GLN A CA  
203 C  C   . GLN A 35  ? 0.5997 0.7716 0.8046 0.1026  -0.1098 -0.1775 36  GLN A C   
204 O  O   . GLN A 35  ? 0.6934 0.8823 0.8902 0.1129  -0.1043 -0.1717 36  GLN A O   
205 C  CB  . GLN A 35  ? 0.5884 0.7413 0.8441 0.0584  -0.0930 -0.1598 36  GLN A CB  
206 C  CG  . GLN A 35  ? 0.6219 0.7715 0.9211 0.0380  -0.0941 -0.1523 36  GLN A CG  
207 C  CD  . GLN A 35  ? 0.6665 0.8104 0.9647 0.0253  -0.0707 -0.1361 36  GLN A CD  
208 O  OE1 . GLN A 35  ? 0.6668 0.7988 0.9496 0.0234  -0.0666 -0.1375 36  GLN A OE1 
209 N  NE2 . GLN A 35  ? 0.7131 0.8661 1.0251 0.0196  -0.0559 -0.1211 36  GLN A NE2 
210 N  N   . VAL A 36  ? 0.5613 0.7281 0.7409 0.1135  -0.1091 -0.1807 37  VAL A N   
211 C  CA  . VAL A 36  ? 0.6026 0.7883 0.7452 0.1397  -0.1000 -0.1737 37  VAL A CA  
212 C  C   . VAL A 36  ? 0.6707 0.8721 0.7938 0.1704  -0.1176 -0.1877 37  VAL A C   
213 O  O   . VAL A 36  ? 0.7419 0.9676 0.8481 0.1876  -0.1053 -0.1738 37  VAL A O   
214 C  CB  . VAL A 36  ? 0.5946 0.7756 0.7151 0.1490  -0.0966 -0.1728 37  VAL A CB  
215 C  CG1 . VAL A 36  ? 0.5728 0.7818 0.6595 0.1805  -0.0865 -0.1598 37  VAL A CG1 
216 C  CG2 . VAL A 36  ? 0.5918 0.7614 0.7284 0.1211  -0.0776 -0.1561 37  VAL A CG2 
217 N  N   . ARG A 37  ? 0.6577 0.8447 0.7850 0.1782  -0.1486 -0.2145 38  ARG A N   
218 C  CA  . ARG A 37  ? 0.6739 0.8728 0.7808 0.2094  -0.1705 -0.2318 38  ARG A CA  
219 C  C   . ARG A 37  ? 0.6384 0.8487 0.7723 0.1973  -0.1704 -0.2264 38  ARG A C   
220 O  O   . ARG A 37  ? 0.6694 0.9008 0.7838 0.2217  -0.1733 -0.2277 38  ARG A O   
221 C  CB  . ARG A 37  ? 0.7026 0.8770 0.8042 0.2245  -0.2108 -0.2655 38  ARG A CB  
222 C  CG  . ARG A 37  ? 0.7054 0.8716 0.7700 0.2467  -0.2116 -0.2724 38  ARG A CG  
223 C  CD  . ARG A 37  ? 0.6960 0.8286 0.7589 0.2584  -0.2541 -0.3070 38  ARG A CD  
224 N  NE  . ARG A 37  ? 0.6796 0.8113 0.7261 0.2886  -0.2897 -0.3340 38  ARG A NE  
225 C  CZ  . ARG A 37  ? 0.7388 0.8392 0.7749 0.3091  -0.3352 -0.3696 38  ARG A CZ  
226 N  NH1 . ARG A 37  ? 0.7293 0.7982 0.7715 0.3015  -0.3476 -0.3798 38  ARG A NH1 
227 N  NH2 . ARG A 37  ? 0.7783 0.8769 0.7978 0.3383  -0.3707 -0.3957 38  ARG A NH2 
228 N  N   . GLY A 38  ? 0.6096 0.8087 0.7869 0.1625  -0.1654 -0.2182 39  GLY A N   
229 C  CA  . GLY A 38  ? 0.6176 0.8303 0.8201 0.1513  -0.1593 -0.2078 39  GLY A CA  
230 C  C   . GLY A 38  ? 0.6548 0.8891 0.8331 0.1620  -0.1310 -0.1869 39  GLY A C   
231 O  O   . GLY A 38  ? 0.7016 0.9546 0.8746 0.1763  -0.1324 -0.1851 39  GLY A O   
232 N  N   . VAL A 39  ? 0.6181 0.8491 0.7847 0.1553  -0.1075 -0.1700 40  VAL A N   
233 C  CA  . VAL A 39  ? 0.5879 0.8354 0.7407 0.1616  -0.0831 -0.1461 40  VAL A CA  
234 C  C   . VAL A 39  ? 0.5978 0.8714 0.7186 0.1980  -0.0867 -0.1456 40  VAL A C   
235 O  O   . VAL A 39  ? 0.6502 0.9446 0.7669 0.2095  -0.0762 -0.1303 40  VAL A O   
236 C  CB  . VAL A 39  ? 0.5253 0.7616 0.6773 0.1461  -0.0639 -0.1289 40  VAL A CB  
237 C  CG1 . VAL A 39  ? 0.4452 0.6990 0.5872 0.1556  -0.0452 -0.1025 40  VAL A CG1 
238 C  CG2 . VAL A 39  ? 0.5542 0.7696 0.7323 0.1164  -0.0571 -0.1261 40  VAL A CG2 
239 N  N   . GLN A 40  ? 0.6160 0.8886 0.7128 0.2192  -0.1018 -0.1619 41  GLN A N   
240 C  CA  . GLN A 40  ? 0.6955 0.9945 0.7554 0.2623  -0.1089 -0.1655 41  GLN A CA  
241 C  C   . GLN A 40  ? 0.7039 1.0152 0.7635 0.2771  -0.1247 -0.1778 41  GLN A C   
242 O  O   . GLN A 40  ? 0.7146 1.0560 0.7576 0.3013  -0.1137 -0.1622 41  GLN A O   
243 C  CB  . GLN A 40  ? 0.8172 1.1050 0.8495 0.2847  -0.1295 -0.1892 41  GLN A CB  
244 C  CG  . GLN A 40  ? 0.8803 1.1684 0.9022 0.2833  -0.1111 -0.1723 41  GLN A CG  
245 C  CD  . GLN A 40  ? 0.9957 1.2677 0.9907 0.3046  -0.1328 -0.1981 41  GLN A CD  
246 O  OE1 . GLN A 40  ? 1.0867 1.3371 1.0790 0.3121  -0.1657 -0.2312 41  GLN A OE1 
247 N  NE2 . GLN A 40  ? 1.0379 1.3192 1.0152 0.3152  -0.1169 -0.1821 41  GLN A NE2 
248 N  N   . LYS A 41  ? 0.7188 1.0090 0.8013 0.2622  -0.1507 -0.2027 42  LYS A N   
249 C  CA  . LYS A 41  ? 0.7519 1.0533 0.8397 0.2736  -0.1693 -0.2148 42  LYS A CA  
250 C  C   . LYS A 41  ? 0.7569 1.0770 0.8620 0.2613  -0.1437 -0.1884 42  LYS A C   
251 O  O   . LYS A 41  ? 0.8118 1.1564 0.9032 0.2849  -0.1448 -0.1854 42  LYS A O   
252 C  CB  . LYS A 41  ? 0.7170 0.9932 0.8404 0.2534  -0.2027 -0.2397 42  LYS A CB  
253 N  N   . MET A 42  ? 0.6806 0.9876 0.8128 0.2275  -0.1219 -0.1701 43  MET A N   
254 C  CA  . MET A 42  ? 0.6529 0.9699 0.7994 0.2163  -0.0989 -0.1462 43  MET A CA  
255 C  C   . MET A 42  ? 0.6782 1.0213 0.8005 0.2407  -0.0804 -0.1234 43  MET A C   
256 O  O   . MET A 42  ? 0.6851 1.0467 0.8087 0.2509  -0.0746 -0.1128 43  MET A O   
257 C  CB  . MET A 42  ? 0.5805 0.8753 0.7502 0.1828  -0.0810 -0.1330 43  MET A CB  
258 C  CG  . MET A 42  ? 0.5595 0.8373 0.7613 0.1589  -0.0932 -0.1453 43  MET A CG  
259 S  SD  . MET A 42  ? 0.6089 0.8654 0.8295 0.1288  -0.0704 -0.1286 43  MET A SD  
260 C  CE  . MET A 42  ? 0.6509 0.9181 0.8737 0.1323  -0.0535 -0.1107 43  MET A CE  
261 N  N   . VAL A 43  ? 0.6542 1.0015 0.7578 0.2507  -0.0707 -0.1126 44  VAL A N   
262 C  CA  . VAL A 43  ? 0.6951 1.0727 0.7836 0.2741  -0.0521 -0.0831 44  VAL A CA  
263 C  C   . VAL A 43  ? 0.8672 1.2776 0.9274 0.3163  -0.0626 -0.0899 44  VAL A C   
264 O  O   . VAL A 43  ? 0.9204 1.3586 0.9795 0.3326  -0.0493 -0.0666 44  VAL A O   
265 C  CB  . VAL A 43  ? 0.6955 1.0767 0.7733 0.2787  -0.0412 -0.0679 44  VAL A CB  
266 C  CG1 . VAL A 43  ? 0.7174 1.1382 0.7873 0.3055  -0.0221 -0.0306 44  VAL A CG1 
267 C  CG2 . VAL A 43  ? 0.6290 0.9784 0.7329 0.2390  -0.0319 -0.0606 44  VAL A CG2 
268 N  N   . GLU A 44  ? 0.9417 1.3471 0.9791 0.3357  -0.0885 -0.1223 45  GLU A N   
269 C  CA  . GLU A 44  ? 1.0153 1.4472 1.0190 0.3807  -0.1054 -0.1361 45  GLU A CA  
270 C  C   . GLU A 44  ? 1.0346 1.4735 1.0545 0.3769  -0.1128 -0.1408 45  GLU A C   
271 O  O   . GLU A 44  ? 1.1028 1.5750 1.1036 0.4093  -0.1086 -0.1300 45  GLU A O   
272 C  CB  . GLU A 44  ? 1.0604 1.4737 1.0387 0.3993  -0.1400 -0.1763 45  GLU A CB  
273 C  CG  . GLU A 44  ? 1.0919 1.5079 1.0393 0.4208  -0.1346 -0.1733 45  GLU A CG  
274 C  CD  . GLU A 44  ? 1.1566 1.5466 1.0781 0.4404  -0.1729 -0.2164 45  GLU A CD  
275 O  OE1 . GLU A 44  ? 1.1847 1.5469 1.1261 0.4241  -0.2046 -0.2469 45  GLU A OE1 
276 O  OE2 . GLU A 44  ? 1.1920 1.5851 1.0728 0.4687  -0.1714 -0.2177 45  GLU A OE2 
277 N  N   . ASP A 45  ? 0.9337 1.3445 0.9896 0.3392  -0.1225 -0.1538 46  ASP A N   
278 C  CA  . ASP A 45  ? 0.7896 1.2074 0.8655 0.3335  -0.1298 -0.1570 46  ASP A CA  
279 C  C   . ASP A 45  ? 0.7064 1.1381 0.7968 0.3237  -0.0979 -0.1222 46  ASP A C   
280 O  O   . ASP A 45  ? 0.6800 1.1175 0.7883 0.3171  -0.0977 -0.1194 46  ASP A O   
281 C  CB  . ASP A 45  ? 0.7929 1.1819 0.9075 0.2987  -0.1492 -0.1765 46  ASP A CB  
282 C  CG  . ASP A 45  ? 0.9184 1.2899 1.0266 0.3075  -0.1873 -0.2111 46  ASP A CG  
283 O  OD1 . ASP A 45  ? 1.0021 1.3765 1.0706 0.3377  -0.1944 -0.2212 46  ASP A OD1 
284 O  OD2 . ASP A 45  ? 0.9347 1.2898 1.0793 0.2857  -0.2111 -0.2266 46  ASP A OD2 
285 N  N   . ASN A 46  ? 0.7721 1.2084 0.8567 0.3234  -0.0731 -0.0950 47  ASN A N   
286 C  CA  . ASN A 46  ? 0.8313 1.2738 0.9334 0.3130  -0.0467 -0.0607 47  ASN A CA  
287 C  C   . ASN A 46  ? 0.7376 1.1516 0.8717 0.2766  -0.0429 -0.0620 47  ASN A C   
288 O  O   . ASN A 46  ? 0.7181 1.1381 0.8637 0.2756  -0.0331 -0.0474 47  ASN A O   
289 C  CB  . ASN A 46  ? 0.9006 1.3820 0.9894 0.3466  -0.0407 -0.0440 47  ASN A CB  
290 C  CG  . ASN A 46  ? 0.9082 1.4117 1.0000 0.3573  -0.0150 -0.0010 47  ASN A CG  
291 O  OD1 . ASN A 46  ? 0.8475 1.3301 0.9638 0.3298  -0.0012 0.0191  47  ASN A OD1 
292 N  ND2 . ASN A 46  ? 0.9595 1.4911 1.0209 0.3876  -0.0097 0.0144  47  ASN A ND2 
293 N  N   . ARG A 47  ? 0.6560 1.0406 0.8026 0.2504  -0.0501 -0.0784 48  ARG A N   
294 C  CA  . ARG A 47  ? 0.6140 0.9754 0.7870 0.2217  -0.0453 -0.0785 48  ARG A CA  
295 C  C   . ARG A 47  ? 0.5517 0.8963 0.7316 0.2078  -0.0241 -0.0540 48  ARG A C   
296 O  O   . ARG A 47  ? 0.5598 0.9074 0.7321 0.2131  -0.0152 -0.0367 48  ARG A O   
297 C  CB  . ARG A 47  ? 0.5985 0.9388 0.7856 0.2010  -0.0590 -0.0994 48  ARG A CB  
298 C  CG  . ARG A 47  ? 0.6729 1.0235 0.8696 0.2077  -0.0855 -0.1223 48  ARG A CG  
299 C  CD  . ARG A 47  ? 0.7386 1.0709 0.9668 0.1819  -0.0965 -0.1332 48  ARG A CD  
300 N  NE  . ARG A 47  ? 0.7975 1.1242 1.0484 0.1634  -0.0790 -0.1175 48  ARG A NE  
301 C  CZ  . ARG A 47  ? 0.8468 1.1622 1.1255 0.1424  -0.0793 -0.1167 48  ARG A CZ  
302 N  NH1 . ARG A 47  ? 0.8655 1.1718 1.1586 0.1328  -0.0972 -0.1301 48  ARG A NH1 
303 N  NH2 . ARG A 47  ? 0.8705 1.1844 1.1622 0.1337  -0.0617 -0.1012 48  ARG A NH2 
304 N  N   . TYR A 48  ? 0.4844 0.8120 0.6798 0.1926  -0.0184 -0.0516 49  TYR A N   
305 C  CA  . TYR A 48  ? 0.4710 0.7757 0.6711 0.1825  -0.0045 -0.0329 49  TYR A CA  
306 C  C   . TYR A 48  ? 0.4555 0.7359 0.6544 0.1669  -0.0019 -0.0302 49  TYR A C   
307 O  O   . TYR A 48  ? 0.4219 0.6910 0.6215 0.1547  -0.0073 -0.0459 49  TYR A O   
308 C  CB  . TYR A 48  ? 0.5254 0.8149 0.7357 0.1740  -0.0014 -0.0367 49  TYR A CB  
309 C  CG  . TYR A 48  ? 0.5981 0.8625 0.8083 0.1722  0.0082  -0.0209 49  TYR A CG  
310 C  CD1 . TYR A 48  ? 0.5595 0.7943 0.7692 0.1627  0.0110  -0.0258 49  TYR A CD1 
311 C  CD2 . TYR A 48  ? 0.5855 0.8558 0.7966 0.1828  0.0124  -0.0003 49  TYR A CD2 
312 C  CE1 . TYR A 48  ? 0.5411 0.7470 0.7468 0.1647  0.0143  -0.0158 49  TYR A CE1 
313 C  CE2 . TYR A 48  ? 0.6456 0.8870 0.8609 0.1805  0.0157  0.0130  49  TYR A CE2 
314 C  CZ  . TYR A 48  ? 0.6365 0.8427 0.8468 0.1720  0.0147  0.0026  49  TYR A CZ  
315 O  OH  . TYR A 48  ? 0.6773 0.8485 0.8875 0.1735  0.0128  0.0119  49  TYR A OH  
316 N  N   . CYS A 49  ? 0.4790 0.7523 0.6806 0.1669  0.0050  -0.0079 50  CYS A N   
317 C  CA  . CYS A 49  ? 0.4725 0.7251 0.6770 0.1525  0.0057  -0.0013 50  CYS A CA  
318 C  C   . CYS A 49  ? 0.4769 0.6939 0.6812 0.1332  0.0032  -0.0169 50  CYS A C   
319 O  O   . CYS A 49  ? 0.4579 0.6638 0.6601 0.1221  0.0012  -0.0226 50  CYS A O   
320 C  CB  . CYS A 49  ? 0.5148 0.7616 0.7336 0.1524  0.0098  0.0290  50  CYS A CB  
321 S  SG  . CYS A 49  ? 0.6242 0.9195 0.8484 0.1783  0.0173  0.0593  50  CYS A SG  
322 N  N   . ILE A 50  ? 0.5185 0.7202 0.7233 0.1326  0.0045  -0.0223 51  ILE A N   
323 C  CA  . ILE A 50  ? 0.4859 0.6581 0.6864 0.1215  0.0042  -0.0340 51  ILE A CA  
324 C  C   . ILE A 50  ? 0.5261 0.7106 0.7284 0.1156  0.0026  -0.0503 51  ILE A C   
325 O  O   . ILE A 50  ? 0.6102 0.7783 0.8102 0.1045  0.0021  -0.0565 51  ILE A O   
326 C  CB  . ILE A 50  ? 0.4664 0.6240 0.6634 0.1296  0.0072  -0.0340 51  ILE A CB  
327 C  CG1 . ILE A 50  ? 0.5012 0.6324 0.6985 0.1324  0.0037  -0.0194 51  ILE A CG1 
328 C  CG2 . ILE A 50  ? 0.4427 0.5820 0.6316 0.1262  0.0093  -0.0459 51  ILE A CG2 
329 C  CD1 . ILE A 50  ? 0.4800 0.5719 0.6741 0.1209  -0.0045 -0.0195 51  ILE A CD1 
330 N  N   . ASP A 51  ? 0.5102 0.7230 0.7197 0.1231  -0.0003 -0.0565 52  ASP A N   
331 C  CA  . ASP A 51  ? 0.4842 0.7085 0.7042 0.1168  -0.0073 -0.0701 52  ASP A CA  
332 C  C   . ASP A 51  ? 0.5060 0.7257 0.7203 0.1103  -0.0126 -0.0758 52  ASP A C   
333 O  O   . ASP A 51  ? 0.5720 0.7828 0.7929 0.0987  -0.0150 -0.0835 52  ASP A O   
334 C  CB  . ASP A 51  ? 0.4795 0.7331 0.7096 0.1273  -0.0165 -0.0760 52  ASP A CB  
335 C  CG  . ASP A 51  ? 0.5990 0.8618 0.8382 0.1336  -0.0111 -0.0694 52  ASP A CG  
336 O  OD1 . ASP A 51  ? 0.6514 0.8986 0.8907 0.1301  -0.0011 -0.0637 52  ASP A OD1 
337 O  OD2 . ASP A 51  ? 0.7192 1.0055 0.9629 0.1453  -0.0173 -0.0703 52  ASP A OD2 
338 N  N   . ILE A 52  ? 0.4680 0.6970 0.6713 0.1199  -0.0132 -0.0690 53  ILE A N   
339 C  CA  . ILE A 52  ? 0.5100 0.7390 0.7052 0.1186  -0.0165 -0.0713 53  ILE A CA  
340 C  C   . ILE A 52  ? 0.5355 0.7376 0.7307 0.1021  -0.0107 -0.0661 53  ILE A C   
341 O  O   . ILE A 52  ? 0.5406 0.7356 0.7349 0.0938  -0.0140 -0.0747 53  ILE A O   
342 C  CB  . ILE A 52  ? 0.5107 0.7629 0.6944 0.1378  -0.0149 -0.0583 53  ILE A CB  
343 C  CG1 . ILE A 52  ? 0.5648 0.8434 0.7420 0.1580  -0.0253 -0.0702 53  ILE A CG1 
344 C  CG2 . ILE A 52  ? 0.4904 0.7437 0.6654 0.1386  -0.0143 -0.0535 53  ILE A CG2 
345 C  CD1 . ILE A 52  ? 0.6087 0.9167 0.7687 0.1849  -0.0236 -0.0583 53  ILE A CD1 
346 N  N   . LEU A 53  ? 0.5521 0.7369 0.7481 0.0982  -0.0047 -0.0531 54  LEU A N   
347 C  CA  . LEU A 53  ? 0.5133 0.6692 0.7081 0.0847  -0.0037 -0.0496 54  LEU A CA  
348 C  C   . LEU A 53  ? 0.4819 0.6229 0.6752 0.0758  -0.0032 -0.0642 54  LEU A C   
349 O  O   . LEU A 53  ? 0.3996 0.5278 0.5902 0.0661  -0.0039 -0.0673 54  LEU A O   
350 C  CB  . LEU A 53  ? 0.4979 0.6327 0.6951 0.0847  -0.0040 -0.0357 54  LEU A CB  
351 C  CG  . LEU A 53  ? 0.4328 0.5816 0.6409 0.0897  -0.0042 -0.0123 54  LEU A CG  
352 C  CD1 . LEU A 53  ? 0.4375 0.5672 0.6543 0.0917  -0.0073 0.0012  54  LEU A CD1 
353 C  CD2 . LEU A 53  ? 0.3992 0.5441 0.6134 0.0799  -0.0067 -0.0016 54  LEU A CD2 
354 N  N   . VAL A 54  ? 0.5329 0.6800 0.7304 0.0805  -0.0009 -0.0697 55  VAL A N   
355 C  CA  . VAL A 54  ? 0.5544 0.6982 0.7570 0.0754  0.0019  -0.0770 55  VAL A CA  
356 C  C   . VAL A 54  ? 0.5804 0.7338 0.7929 0.0666  -0.0033 -0.0845 55  VAL A C   
357 O  O   . VAL A 54  ? 0.5885 0.7302 0.8008 0.0583  -0.0010 -0.0863 55  VAL A O   
358 C  CB  . VAL A 54  ? 0.4665 0.6268 0.6804 0.0835  0.0053  -0.0760 55  VAL A CB  
359 C  CG1 . VAL A 54  ? 0.3924 0.5606 0.6221 0.0787  0.0088  -0.0764 55  VAL A CG1 
360 C  CG2 . VAL A 54  ? 0.3757 0.5204 0.5753 0.0946  0.0109  -0.0701 55  VAL A CG2 
361 N  N   . GLN A 55  ? 0.5437 0.7165 0.7625 0.0709  -0.0119 -0.0899 56  GLN A N   
362 C  CA  . GLN A 55  ? 0.5593 0.7361 0.7852 0.0659  -0.0215 -0.0999 56  GLN A CA  
363 C  C   . GLN A 55  ? 0.5234 0.6876 0.7344 0.0618  -0.0196 -0.0984 56  GLN A C   
364 O  O   . GLN A 55  ? 0.5488 0.7061 0.7647 0.0536  -0.0226 -0.1041 56  GLN A O   
365 C  CB  . GLN A 55  ? 0.5700 0.7662 0.7991 0.0774  -0.0359 -0.1098 56  GLN A CB  
366 C  CG  . GLN A 55  ? 0.6404 0.8492 0.8960 0.0760  -0.0447 -0.1139 56  GLN A CG  
367 C  CD  . GLN A 55  ? 0.6659 0.8690 0.9484 0.0607  -0.0454 -0.1123 56  GLN A CD  
368 O  OE1 . GLN A 55  ? 0.7176 0.9124 1.0065 0.0539  -0.0547 -0.1199 56  GLN A OE1 
369 N  NE2 . GLN A 55  ? 0.6001 0.8097 0.8989 0.0576  -0.0345 -0.1000 56  GLN A NE2 
370 N  N   . ILE A 56  ? 0.4571 0.6201 0.6547 0.0671  -0.0149 -0.0878 57  ILE A N   
371 C  CA  . ILE A 56  ? 0.4848 0.6392 0.6741 0.0623  -0.0128 -0.0812 57  ILE A CA  
372 C  C   . ILE A 56  ? 0.5367 0.6666 0.7266 0.0484  -0.0087 -0.0811 57  ILE A C   
373 O  O   . ILE A 56  ? 0.5913 0.7145 0.7792 0.0413  -0.0092 -0.0831 57  ILE A O   
374 C  CB  . ILE A 56  ? 0.4841 0.6458 0.6694 0.0696  -0.0095 -0.0625 57  ILE A CB  
375 C  CG1 . ILE A 56  ? 0.4554 0.6472 0.6341 0.0894  -0.0120 -0.0609 57  ILE A CG1 
376 C  CG2 . ILE A 56  ? 0.3426 0.4939 0.5281 0.0607  -0.0079 -0.0507 57  ILE A CG2 
377 C  CD1 . ILE A 56  ? 0.4413 0.6501 0.6209 0.0996  -0.0062 -0.0356 57  ILE A CD1 
378 N  N   . SER A 57  ? 0.5276 0.6449 0.7174 0.0478  -0.0051 -0.0795 58  SER A N   
379 C  CA  . SER A 57  ? 0.5628 0.6578 0.7466 0.0416  -0.0021 -0.0813 58  SER A CA  
380 C  C   . SER A 57  ? 0.5702 0.6722 0.7631 0.0366  0.0002  -0.0881 58  SER A C   
381 O  O   . SER A 57  ? 0.5802 0.6704 0.7684 0.0303  0.0018  -0.0887 58  SER A O   
382 C  CB  . SER A 57  ? 0.5943 0.6766 0.7710 0.0496  0.0005  -0.0801 58  SER A CB  
383 O  OG  . SER A 57  ? 0.6440 0.7062 0.8084 0.0502  0.0025  -0.0833 58  SER A OG  
384 N  N   . ALA A 58  ? 0.5065 0.6279 0.7161 0.0390  -0.0015 -0.0915 59  ALA A N   
385 C  CA  . ALA A 58  ? 0.4727 0.6022 0.7022 0.0324  -0.0031 -0.0943 59  ALA A CA  
386 C  C   . ALA A 58  ? 0.5378 0.6619 0.7646 0.0260  -0.0092 -0.0999 59  ALA A C   
387 O  O   . ALA A 58  ? 0.5739 0.6908 0.8045 0.0189  -0.0060 -0.0986 59  ALA A O   
388 C  CB  . ALA A 58  ? 0.3827 0.5327 0.6373 0.0347  -0.0108 -0.0966 59  ALA A CB  
389 N  N   . ILE A 59  ? 0.5028 0.6326 0.7206 0.0318  -0.0169 -0.1048 60  ILE A N   
390 C  CA  . ILE A 59  ? 0.4873 0.6146 0.6982 0.0314  -0.0225 -0.1097 60  ILE A CA  
391 C  C   . ILE A 59  ? 0.4978 0.6109 0.6974 0.0237  -0.0144 -0.1024 60  ILE A C   
392 O  O   . ILE A 59  ? 0.5754 0.6823 0.7791 0.0172  -0.0150 -0.1054 60  ILE A O   
393 C  CB  . ILE A 59  ? 0.4507 0.5912 0.6471 0.0465  -0.0289 -0.1120 60  ILE A CB  
394 C  CG1 . ILE A 59  ? 0.4653 0.6185 0.6707 0.0561  -0.0408 -0.1226 60  ILE A CG1 
395 C  CG2 . ILE A 59  ? 0.4409 0.5806 0.6265 0.0513  -0.0341 -0.1170 60  ILE A CG2 
396 C  CD1 . ILE A 59  ? 0.4935 0.6634 0.6797 0.0774  -0.0467 -0.1247 60  ILE A CD1 
397 N  N   . GLN A 60  ? 0.5002 0.6072 0.6887 0.0242  -0.0094 -0.0925 61  GLN A N   
398 C  CA  . GLN A 60  ? 0.5374 0.6286 0.7180 0.0165  -0.0064 -0.0858 61  GLN A CA  
399 C  C   . GLN A 60  ? 0.5221 0.6008 0.7040 0.0101  -0.0022 -0.0899 61  GLN A C   
400 O  O   . GLN A 60  ? 0.5495 0.6210 0.7278 0.0043  -0.0012 -0.0892 61  GLN A O   
401 C  CB  . GLN A 60  ? 0.4916 0.5724 0.6676 0.0170  -0.0073 -0.0753 61  GLN A CB  
402 C  CG  . GLN A 60  ? 0.5581 0.6545 0.7373 0.0226  -0.0092 -0.0621 61  GLN A CG  
403 C  CD  . GLN A 60  ? 0.7685 0.8518 0.9528 0.0204  -0.0132 -0.0486 61  GLN A CD  
404 O  OE1 . GLN A 60  ? 0.8671 0.9301 1.0471 0.0202  -0.0155 -0.0546 61  GLN A OE1 
405 N  NE2 . GLN A 60  ? 0.8355 0.9304 1.0307 0.0207  -0.0152 -0.0284 61  GLN A NE2 
406 N  N   . ALA A 61  ? 0.5277 0.6080 0.7153 0.0136  0.0016  -0.0916 62  ALA A N   
407 C  CA  . ALA A 61  ? 0.5183 0.5957 0.7093 0.0130  0.0084  -0.0903 62  ALA A CA  
408 C  C   . ALA A 61  ? 0.5392 0.6256 0.7488 0.0060  0.0076  -0.0913 62  ALA A C   
409 O  O   . ALA A 61  ? 0.5946 0.6754 0.8021 0.0026  0.0121  -0.0883 62  ALA A O   
410 C  CB  . ALA A 61  ? 0.3792 0.4657 0.5772 0.0218  0.0140  -0.0870 62  ALA A CB  
411 N  N   . ALA A 62  ? 0.4794 0.5779 0.7073 0.0048  -0.0005 -0.0961 63  ALA A N   
412 C  CA  . ALA A 62  ? 0.5299 0.6316 0.7791 -0.0014 -0.0072 -0.0989 63  ALA A CA  
413 C  C   . ALA A 62  ? 0.6092 0.7005 0.8428 -0.0037 -0.0093 -0.1028 63  ALA A C   
414 O  O   . ALA A 62  ? 0.6658 0.7538 0.9114 -0.0092 -0.0104 -0.1022 63  ALA A O   
415 C  CB  . ALA A 62  ? 0.4154 0.5263 0.6845 0.0007  -0.0223 -0.1074 63  ALA A CB  
416 N  N   . LEU A 63  ? 0.5652 0.6541 0.7755 0.0011  -0.0094 -0.1037 64  LEU A N   
417 C  CA  . LEU A 63  ? 0.5954 0.6801 0.7919 0.0009  -0.0101 -0.1029 64  LEU A CA  
418 C  C   . LEU A 63  ? 0.5841 0.6577 0.7739 -0.0066 -0.0021 -0.0956 64  LEU A C   
419 O  O   . LEU A 63  ? 0.5829 0.6534 0.7717 -0.0098 -0.0018 -0.0953 64  LEU A O   
420 C  CB  . LEU A 63  ? 0.6216 0.7145 0.8028 0.0096  -0.0115 -0.0985 64  LEU A CB  
421 C  CG  . LEU A 63  ? 0.6585 0.7639 0.8350 0.0239  -0.0205 -0.1065 64  LEU A CG  
422 C  CD1 . LEU A 63  ? 0.7226 0.8436 0.8862 0.0357  -0.0176 -0.0950 64  LEU A CD1 
423 C  CD2 . LEU A 63  ? 0.6162 0.7174 0.7887 0.0268  -0.0256 -0.1132 64  LEU A CD2 
424 N  N   . ARG A 64  ? 0.5443 0.6105 0.7269 -0.0070 0.0025  -0.0911 65  ARG A N   
425 C  CA  . ARG A 64  ? 0.5804 0.6338 0.7524 -0.0097 0.0067  -0.0874 65  ARG A CA  
426 C  C   . ARG A 64  ? 0.6583 0.7160 0.8421 -0.0111 0.0132  -0.0862 65  ARG A C   
427 O  O   . ARG A 64  ? 0.6848 0.7375 0.8633 -0.0137 0.0159  -0.0836 65  ARG A O   
428 C  CB  . ARG A 64  ? 0.5493 0.5906 0.7084 -0.0039 0.0066  -0.0870 65  ARG A CB  
429 C  CG  . ARG A 64  ? 0.6873 0.7152 0.8365 -0.0057 -0.0028 -0.0839 65  ARG A CG  
430 C  CD  . ARG A 64  ? 0.8401 0.8468 0.9736 0.0020  -0.0079 -0.0872 65  ARG A CD  
431 N  NE  . ARG A 64  ? 0.9108 0.9225 1.0458 0.0108  -0.0041 -0.0894 65  ARG A NE  
432 C  CZ  . ARG A 64  ? 0.9655 0.9776 1.1060 0.0112  -0.0092 -0.0867 65  ARG A CZ  
433 N  NH1 . ARG A 64  ? 0.9887 0.9991 1.1368 0.0036  -0.0175 -0.0786 65  ARG A NH1 
434 N  NH2 . ARG A 64  ? 0.9552 0.9732 1.0965 0.0201  -0.0051 -0.0886 65  ARG A NH2 
435 N  N   . GLN A 65  ? 0.6796 0.7490 0.8841 -0.0094 0.0152  -0.0854 66  GLN A N   
436 C  CA  . GLN A 65  ? 0.6810 0.7593 0.9083 -0.0112 0.0212  -0.0774 66  GLN A CA  
437 C  C   . GLN A 65  ? 0.6107 0.6866 0.8503 -0.0188 0.0153  -0.0798 66  GLN A C   
438 O  O   . GLN A 65  ? 0.6586 0.7328 0.8993 -0.0207 0.0213  -0.0732 66  GLN A O   
439 C  CB  . GLN A 65  ? 0.7434 0.8380 1.0005 -0.0098 0.0210  -0.0721 66  GLN A CB  
440 C  CG  . GLN A 65  ? 0.8532 0.9642 1.1390 -0.0086 0.0312  -0.0540 66  GLN A CG  
441 C  CD  . GLN A 65  ? 0.9906 1.1222 1.3108 -0.0071 0.0310  -0.0437 66  GLN A CD  
442 O  OE1 . GLN A 65  ? 1.0547 1.2046 1.4173 -0.0105 0.0336  -0.0255 66  GLN A OE1 
443 N  NE2 . GLN A 65  ? 1.0176 1.1483 1.3243 -0.0021 0.0275  -0.0521 66  GLN A NE2 
444 N  N   . VAL A 66  ? 0.4565 0.5311 0.7020 -0.0200 0.0027  -0.0899 67  VAL A N   
445 C  CA  . VAL A 66  ? 0.5160 0.5845 0.7685 -0.0226 -0.0057 -0.0951 67  VAL A CA  
446 C  C   . VAL A 66  ? 0.5301 0.5919 0.7556 -0.0218 -0.0004 -0.0940 67  VAL A C   
447 O  O   . VAL A 66  ? 0.5835 0.6408 0.8137 -0.0245 0.0001  -0.0920 67  VAL A O   
448 C  CB  . VAL A 66  ? 0.5890 0.6558 0.8472 -0.0174 -0.0239 -0.1094 67  VAL A CB  
449 C  CG1 . VAL A 66  ? 0.6588 0.7287 0.8853 -0.0070 -0.0246 -0.1154 67  VAL A CG1 
450 C  CG2 . VAL A 66  ? 0.5846 0.6403 0.8539 -0.0174 -0.0362 -0.1163 67  VAL A CG2 
451 N  N   . GLY A 67  ? 0.5180 0.5797 0.7199 -0.0189 0.0026  -0.0930 68  GLY A N   
452 C  CA  . GLY A 67  ? 0.5083 0.5666 0.6920 -0.0198 0.0054  -0.0881 68  GLY A CA  
453 C  C   . GLY A 67  ? 0.5281 0.5803 0.7087 -0.0241 0.0131  -0.0816 68  GLY A C   
454 O  O   . GLY A 67  ? 0.5371 0.5876 0.7139 -0.0261 0.0145  -0.0786 68  GLY A O   
455 N  N   . MET A 68  ? 0.5342 0.5847 0.7139 -0.0222 0.0181  -0.0792 69  MET A N   
456 C  CA  . MET A 68  ? 0.5347 0.5819 0.7065 -0.0196 0.0257  -0.0733 69  MET A CA  
457 C  C   . MET A 68  ? 0.5429 0.5980 0.7357 -0.0219 0.0317  -0.0668 69  MET A C   
458 O  O   . MET A 68  ? 0.5947 0.6486 0.7812 -0.0214 0.0364  -0.0617 69  MET A O   
459 C  CB  . MET A 68  ? 0.5691 0.6161 0.7329 -0.0098 0.0304  -0.0719 69  MET A CB  
460 C  CG  . MET A 68  ? 0.6462 0.6911 0.7928 0.0010  0.0376  -0.0668 69  MET A CG  
461 S  SD  . MET A 68  ? 1.0182 1.0418 1.1341 0.0005  0.0258  -0.0734 69  MET A SD  
462 C  CE  . MET A 68  ? 0.5266 0.5352 0.6365 -0.0032 0.0111  -0.0812 69  MET A CE  
463 N  N   . GLN A 69  ? 0.5047 0.5674 0.7260 -0.0247 0.0292  -0.0663 70  GLN A N   
464 C  CA  . GLN A 69  ? 0.4818 0.5500 0.7335 -0.0286 0.0309  -0.0576 70  GLN A CA  
465 C  C   . GLN A 69  ? 0.5642 0.6227 0.8094 -0.0320 0.0257  -0.0625 70  GLN A C   
466 O  O   . GLN A 69  ? 0.5973 0.6570 0.8504 -0.0331 0.0318  -0.0532 70  GLN A O   
467 C  CB  . GLN A 69  ? 0.4353 0.5089 0.7240 -0.0328 0.0217  -0.0577 70  GLN A CB  
468 N  N   . LEU A 70  ? 0.5780 0.6297 0.8077 -0.0309 0.0156  -0.0751 71  LEU A N   
469 C  CA  . LEU A 70  ? 0.5490 0.5946 0.7688 -0.0293 0.0112  -0.0790 71  LEU A CA  
470 C  C   . LEU A 70  ? 0.5298 0.5764 0.7284 -0.0299 0.0204  -0.0713 71  LEU A C   
471 O  O   . LEU A 70  ? 0.5355 0.5801 0.7327 -0.0298 0.0222  -0.0679 71  LEU A O   
472 C  CB  . LEU A 70  ? 0.5961 0.6412 0.8007 -0.0214 0.0008  -0.0904 71  LEU A CB  
473 C  CG  . LEU A 70  ? 0.6785 0.7206 0.8983 -0.0173 -0.0132 -0.1022 71  LEU A CG  
474 C  CD1 . LEU A 70  ? 0.6912 0.7335 0.8892 -0.0020 -0.0235 -0.1136 71  LEU A CD1 
475 C  CD2 . LEU A 70  ? 0.7428 0.7756 0.9971 -0.0230 -0.0217 -0.1026 71  LEU A CD2 
476 N  N   . LEU A 71  ? 0.5268 0.5747 0.7096 -0.0298 0.0236  -0.0691 72  LEU A N   
477 C  CA  . LEU A 71  ? 0.5228 0.5683 0.6869 -0.0303 0.0264  -0.0635 72  LEU A CA  
478 C  C   . LEU A 71  ? 0.5106 0.5573 0.6778 -0.0284 0.0354  -0.0563 72  LEU A C   
479 O  O   . LEU A 71  ? 0.4911 0.5379 0.6522 -0.0290 0.0374  -0.0518 72  LEU A O   
480 C  CB  . LEU A 71  ? 0.5548 0.5948 0.7044 -0.0292 0.0222  -0.0651 72  LEU A CB  
481 C  CG  . LEU A 71  ? 0.5075 0.5401 0.6408 -0.0309 0.0160  -0.0616 72  LEU A CG  
482 C  CD1 . LEU A 71  ? 0.5889 0.6294 0.7259 -0.0354 0.0124  -0.0549 72  LEU A CD1 
483 C  CD2 . LEU A 71  ? 0.4880 0.5096 0.6125 -0.0298 0.0062  -0.0650 72  LEU A CD2 
484 N  N   . GLU A 72  ? 0.5004 0.5521 0.6786 -0.0243 0.0421  -0.0522 73  GLU A N   
485 C  CA  . GLU A 72  ? 0.5531 0.6132 0.7367 -0.0183 0.0536  -0.0399 73  GLU A CA  
486 C  C   . GLU A 72  ? 0.5228 0.5859 0.7318 -0.0238 0.0557  -0.0326 73  GLU A C   
487 O  O   . GLU A 72  ? 0.5714 0.6379 0.7761 -0.0208 0.0625  -0.0241 73  GLU A O   
488 C  CB  . GLU A 72  ? 0.6145 0.6869 0.8109 -0.0098 0.0623  -0.0312 73  GLU A CB  
489 C  CG  . GLU A 72  ? 0.7618 0.8286 0.9284 0.0009  0.0603  -0.0386 73  GLU A CG  
490 C  CD  . GLU A 72  ? 0.9172 1.0011 1.0928 0.0151  0.0722  -0.0266 73  GLU A CD  
491 O  OE1 . GLU A 72  ? 0.9455 1.0328 1.1351 0.0128  0.0700  -0.0285 73  GLU A OE1 
492 O  OE2 . GLU A 72  ? 1.0035 1.1008 1.1720 0.0309  0.0845  -0.0132 73  GLU A OE2 
493 N  N   . ARG A 73  ? 0.4298 0.4897 0.6643 -0.0304 0.0474  -0.0371 74  ARG A N   
494 C  CA  . ARG A 73  ? 0.4665 0.5221 0.7264 -0.0347 0.0435  -0.0334 74  ARG A CA  
495 C  C   . ARG A 73  ? 0.5437 0.5923 0.7794 -0.0333 0.0427  -0.0376 74  ARG A C   
496 O  O   . ARG A 73  ? 0.5859 0.6361 0.8292 -0.0328 0.0487  -0.0274 74  ARG A O   
497 C  CB  . ARG A 73  ? 0.4426 0.4888 0.7256 -0.0387 0.0270  -0.0445 74  ARG A CB  
498 C  CG  . ARG A 73  ? 0.4779 0.5157 0.8003 -0.0432 0.0177  -0.0393 74  ARG A CG  
499 C  CD  . ARG A 73  ? 0.5630 0.5855 0.8684 -0.0393 0.0106  -0.0488 74  ARG A CD  
500 N  NE  . ARG A 73  ? 0.6261 0.6307 0.9661 -0.0413 -0.0080 -0.0525 74  ARG A NE  
501 C  CZ  . ARG A 73  ? 0.6746 0.6612 1.0033 -0.0344 -0.0187 -0.0631 74  ARG A CZ  
502 N  NH1 . ARG A 73  ? 0.6818 0.6720 0.9680 -0.0257 -0.0095 -0.0673 74  ARG A NH1 
503 N  NH2 . ARG A 73  ? 0.7230 0.6873 1.0846 -0.0352 -0.0406 -0.0687 74  ARG A NH2 
504 N  N   . HIS A 74  ? 0.5350 0.5797 0.7446 -0.0318 0.0365  -0.0488 75  HIS A N   
505 C  CA  . HIS A 74  ? 0.5449 0.5886 0.7354 -0.0294 0.0358  -0.0489 75  HIS A CA  
506 C  C   . HIS A 74  ? 0.5918 0.6409 0.7698 -0.0293 0.0451  -0.0383 75  HIS A C   
507 O  O   . HIS A 74  ? 0.6404 0.6905 0.8171 -0.0279 0.0483  -0.0327 75  HIS A O   
508 C  CB  . HIS A 74  ? 0.5027 0.5491 0.6737 -0.0266 0.0293  -0.0551 75  HIS A CB  
509 C  CG  . HIS A 74  ? 0.5243 0.5765 0.6809 -0.0221 0.0294  -0.0502 75  HIS A CG  
510 N  ND1 . HIS A 74  ? 0.5569 0.6057 0.7134 -0.0140 0.0271  -0.0529 75  HIS A ND1 
511 C  CD2 . HIS A 74  ? 0.4944 0.5560 0.6382 -0.0237 0.0301  -0.0410 75  HIS A CD2 
512 C  CE1 . HIS A 74  ? 0.5727 0.6325 0.7150 -0.0090 0.0297  -0.0443 75  HIS A CE1 
513 N  NE2 . HIS A 74  ? 0.5123 0.5814 0.6502 -0.0165 0.0312  -0.0354 75  HIS A NE2 
514 N  N   . ALA A 75  ? 0.5892 0.6408 0.7560 -0.0281 0.0479  -0.0370 76  ALA A N   
515 C  CA  . ALA A 75  ? 0.5911 0.6455 0.7402 -0.0237 0.0525  -0.0307 76  ALA A CA  
516 C  C   . ALA A 75  ? 0.6196 0.6826 0.7813 -0.0179 0.0651  -0.0182 76  ALA A C   
517 O  O   . ALA A 75  ? 0.6145 0.6809 0.7680 -0.0148 0.0691  -0.0115 76  ALA A O   
518 C  CB  . ALA A 75  ? 0.5283 0.5780 0.6578 -0.0191 0.0476  -0.0361 76  ALA A CB  
519 N  N   . ASN A 76  ? 0.6906 0.7600 0.8758 -0.0160 0.0716  -0.0115 77  ASN A N   
520 C  CA  . ASN A 76  ? 0.6857 0.7694 0.8928 -0.0097 0.0852  0.0079  77  ASN A CA  
521 C  C   . ASN A 76  ? 0.6556 0.7364 0.8872 -0.0161 0.0852  0.0153  77  ASN A C   
522 O  O   . ASN A 76  ? 0.7301 0.8224 0.9714 -0.0103 0.0963  0.0325  77  ASN A O   
523 C  CB  . ASN A 76  ? 0.7528 0.8482 0.9906 -0.0080 0.0906  0.0187  77  ASN A CB  
524 C  CG  . ASN A 76  ? 0.8338 0.9356 1.0463 0.0049  0.0946  0.0159  77  ASN A CG  
525 O  OD1 . ASN A 76  ? 0.8590 0.9493 1.0318 0.0096  0.0878  0.0012  77  ASN A OD1 
526 N  ND2 . ASN A 76  ? 0.8685 0.9884 1.1065 0.0112  0.1038  0.0314  77  ASN A ND2 
527 N  N   . HIS A 77  ? 0.6057 0.6714 0.8463 -0.0250 0.0723  0.0026  78  HIS A N   
528 C  CA  . HIS A 77  ? 0.5975 0.6546 0.8607 -0.0281 0.0681  0.0063  78  HIS A CA  
529 C  C   . HIS A 77  ? 0.6240 0.6720 0.8596 -0.0262 0.0626  -0.0045 78  HIS A C   
530 O  O   . HIS A 77  ? 0.6938 0.7454 0.9236 -0.0229 0.0694  0.0044  78  HIS A O   
531 C  CB  . HIS A 77  ? 0.6464 0.6914 0.9462 -0.0346 0.0541  0.0011  78  HIS A CB  
532 C  CG  . HIS A 77  ? 0.7564 0.8151 1.0960 -0.0375 0.0597  0.0190  78  HIS A CG  
533 N  ND1 . HIS A 77  ? 0.7844 0.8433 1.1384 -0.0414 0.0517  0.0130  78  HIS A ND1 
534 C  CD2 . HIS A 77  ? 0.7887 0.8665 1.1582 -0.0352 0.0739  0.0466  78  HIS A CD2 
535 C  CE1 . HIS A 77  ? 0.7934 0.8716 1.1869 -0.0421 0.0606  0.0370  78  HIS A CE1 
536 N  NE2 . HIS A 77  ? 0.7941 0.8855 1.1981 -0.0375 0.0749  0.0590  78  HIS A NE2 
537 N  N   . CYS A 78  ? 0.6000 0.6401 0.8195 -0.0260 0.0516  -0.0207 79  CYS A N   
538 C  CA  . CYS A 78  ? 0.5868 0.6244 0.7835 -0.0204 0.0473  -0.0266 79  CYS A CA  
539 C  C   . CYS A 78  ? 0.5941 0.6447 0.7669 -0.0199 0.0553  -0.0180 79  CYS A C   
540 O  O   . CYS A 78  ? 0.5641 0.6176 0.7315 -0.0162 0.0588  -0.0114 79  CYS A O   
541 C  CB  . CYS A 78  ? 0.5614 0.5954 0.7454 -0.0159 0.0363  -0.0408 79  CYS A CB  
542 S  SG  . CYS A 78  ? 0.6982 0.7133 0.9059 -0.0134 0.0198  -0.0558 79  CYS A SG  
543 N  N   . VAL A 79  ? 0.5779 0.6346 0.7379 -0.0232 0.0553  -0.0187 80  VAL A N   
544 C  CA  . VAL A 79  ? 0.5766 0.6415 0.7176 -0.0234 0.0558  -0.0125 80  VAL A CA  
545 C  C   . VAL A 79  ? 0.6502 0.7194 0.7904 -0.0194 0.0652  -0.0027 80  VAL A C   
546 O  O   . VAL A 79  ? 0.6505 0.7259 0.7803 -0.0174 0.0660  0.0038  80  VAL A O   
547 C  CB  . VAL A 79  ? 0.5646 0.6279 0.6943 -0.0267 0.0482  -0.0174 80  VAL A CB  
548 C  CG1 . VAL A 79  ? 0.5355 0.6020 0.6497 -0.0273 0.0420  -0.0125 80  VAL A CG1 
549 C  CG2 . VAL A 79  ? 0.5503 0.6143 0.6824 -0.0294 0.0406  -0.0222 80  VAL A CG2 
550 N  N   . ALA A 80  ? 0.6331 0.7031 0.7866 -0.0165 0.0730  0.0012  81  ALA A N   
551 C  CA  . ALA A 80  ? 0.6246 0.7044 0.7807 -0.0087 0.0849  0.0153  81  ALA A CA  
552 C  C   . ALA A 80  ? 0.6521 0.7318 0.8212 -0.0090 0.0890  0.0237  81  ALA A C   
553 O  O   . ALA A 80  ? 0.6905 0.7792 0.8496 -0.0030 0.0955  0.0333  81  ALA A O   
554 C  CB  . ALA A 80  ? 0.5944 0.6816 0.7716 -0.0040 0.0945  0.0247  81  ALA A CB  
555 N  N   . LYS A 81  ? 0.6054 0.6737 0.7945 -0.0137 0.0833  0.0188  82  LYS A N   
556 C  CA  . LYS A 81  ? 0.6192 0.6818 0.8179 -0.0114 0.0838  0.0237  82  LYS A CA  
557 C  C   . LYS A 81  ? 0.6098 0.6784 0.7805 -0.0078 0.0826  0.0225  82  LYS A C   
558 O  O   . LYS A 81  ? 0.6156 0.6897 0.7841 -0.0033 0.0892  0.0329  82  LYS A O   
559 C  CB  . LYS A 81  ? 0.6309 0.6740 0.8504 -0.0129 0.0716  0.0133  82  LYS A CB  
560 C  CG  . LYS A 81  ? 0.6902 0.7211 0.9167 -0.0069 0.0683  0.0152  82  LYS A CG  
561 C  CD  . LYS A 81  ? 0.7434 0.7484 0.9913 -0.0054 0.0504  0.0021  82  LYS A CD  
562 N  N   . ALA A 82  ? 0.5404 0.6108 0.6936 -0.0097 0.0746  0.0132  83  ALA A N   
563 C  CA  . ALA A 82  ? 0.5479 0.6295 0.6832 -0.0072 0.0725  0.0176  83  ALA A CA  
564 C  C   . ALA A 82  ? 0.5436 0.6368 0.6679 -0.0080 0.0757  0.0272  83  ALA A C   
565 O  O   . ALA A 82  ? 0.5562 0.6594 0.6742 -0.0048 0.0775  0.0363  83  ALA A O   
566 C  CB  . ALA A 82  ? 0.4465 0.5324 0.5739 -0.0096 0.0636  0.0122  83  ALA A CB  
567 N  N   . ILE A 83  ? 0.5242 0.6162 0.6440 -0.0096 0.0752  0.0246  84  ILE A N   
568 C  CA  . ILE A 83  ? 0.5717 0.6713 0.6758 -0.0050 0.0751  0.0298  84  ILE A CA  
569 C  C   . ILE A 83  ? 0.5955 0.7028 0.7041 0.0032  0.0884  0.0424  84  ILE A C   
570 O  O   . ILE A 83  ? 0.6521 0.7689 0.7484 0.0076  0.0878  0.0491  84  ILE A O   
571 C  CB  . ILE A 83  ? 0.5437 0.6388 0.6374 -0.0006 0.0727  0.0229  84  ILE A CB  
572 C  CG1 . ILE A 83  ? 0.5282 0.6141 0.6169 -0.0088 0.0570  0.0113  84  ILE A CG1 
573 C  CG2 . ILE A 83  ? 0.5444 0.6458 0.6157 0.0115  0.0714  0.0260  84  ILE A CG2 
574 C  CD1 . ILE A 83  ? 0.5454 0.6233 0.6202 -0.0019 0.0525  0.0024  84  ILE A CD1 
575 N  N   . ARG A 84  ? 0.6088 0.7123 0.7394 0.0049  0.0989  0.0473  85  ARG A N   
576 C  CA  . ARG A 84  ? 0.6306 0.7408 0.7739 0.0117  0.1114  0.0630  85  ARG A CA  
577 C  C   . ARG A 84  ? 0.7254 0.8331 0.8688 0.0112  0.1096  0.0649  85  ARG A C   
578 O  O   . ARG A 84  ? 0.8134 0.9311 0.9509 0.0176  0.1161  0.0761  85  ARG A O   
579 C  CB  . ARG A 84  ? 0.6116 0.7171 0.7896 0.0111  0.1190  0.0715  85  ARG A CB  
580 C  CG  . ARG A 84  ? 0.5815 0.6981 0.7622 0.0167  0.1261  0.0776  85  ARG A CG  
581 C  CD  . ARG A 84  ? 0.5953 0.7177 0.8207 0.0174  0.1366  0.0979  85  ARG A CD  
582 N  NE  . ARG A 84  ? 0.6580 0.7603 0.9148 0.0043  0.1250  0.0896  85  ARG A NE  
583 C  CZ  . ARG A 84  ? 0.6662 0.7635 0.9316 -0.0015 0.1185  0.0804  85  ARG A CZ  
584 N  NH1 . ARG A 84  ? 0.6366 0.7467 0.8814 0.0049  0.1234  0.0789  85  ARG A NH1 
585 N  NH2 . ARG A 84  ? 0.7202 0.7980 1.0128 -0.0114 0.1048  0.0713  85  ARG A NH2 
586 N  N   . GLU A 85  ? 0.7556 0.8514 0.9024 0.0071  0.1010  0.0541  86  GLU A N   
587 C  CA  . GLU A 85  ? 0.7268 0.8202 0.8703 0.0126  0.0996  0.0555  86  GLU A CA  
588 C  C   . GLU A 85  ? 0.6503 0.7620 0.7730 0.0140  0.0973  0.0608  86  GLU A C   
589 O  O   . GLU A 85  ? 0.6646 0.7824 0.7829 0.0216  0.1003  0.0683  86  GLU A O   
590 C  CB  . GLU A 85  ? 0.8282 0.9046 0.9768 0.0145  0.0901  0.0416  86  GLU A CB  
591 C  CG  . GLU A 85  ? 0.9290 0.9845 1.1056 0.0120  0.0867  0.0368  86  GLU A CG  
592 C  CD  . GLU A 85  ? 1.0660 1.1167 1.2654 0.0144  0.0938  0.0511  86  GLU A CD  
593 O  OE1 . GLU A 85  ? 1.1398 1.1847 1.3337 0.0235  0.0933  0.0533  86  GLU A OE1 
594 O  OE2 . GLU A 85  ? 1.0897 1.1446 1.3137 0.0091  0.1005  0.0627  86  GLU A OE2 
595 N  N   . GLY A 86  ? 0.6148 0.7348 0.7276 0.0071  0.0902  0.0584  87  GLY A N   
596 C  CA  . GLY A 86  ? 0.5450 0.6827 0.6481 0.0054  0.0835  0.0667  87  GLY A CA  
597 C  C   . GLY A 86  ? 0.5479 0.6922 0.6528 0.0004  0.0733  0.0662  87  GLY A C   
598 O  O   . GLY A 86  ? 0.5550 0.7177 0.6612 -0.0019 0.0669  0.0788  87  GLY A O   
599 N  N   . SER A 87  ? 0.5338 0.6660 0.6424 -0.0009 0.0717  0.0548  88  SER A N   
600 C  CA  . SER A 87  ? 0.5915 0.7329 0.7029 -0.0034 0.0638  0.0567  88  SER A CA  
601 C  C   . SER A 87  ? 0.6280 0.7591 0.7418 -0.0141 0.0543  0.0467  88  SER A C   
602 O  O   . SER A 87  ? 0.6488 0.7801 0.7667 -0.0152 0.0502  0.0436  88  SER A O   
603 C  CB  . SER A 87  ? 0.6061 0.7452 0.7150 0.0098  0.0680  0.0522  88  SER A CB  
604 O  OG  . SER A 87  ? 0.6507 0.7654 0.7621 0.0110  0.0691  0.0353  88  SER A OG  
605 N  N   . GLY A 88  ? 0.6724 0.7952 0.7809 -0.0186 0.0509  0.0421  89  GLY A N   
606 C  CA  . GLY A 88  ? 0.6965 0.8065 0.8021 -0.0244 0.0416  0.0311  89  GLY A CA  
607 C  C   . GLY A 88  ? 0.6486 0.7623 0.7613 -0.0335 0.0244  0.0352  89  GLY A C   
608 O  O   . GLY A 88  ? 0.6270 0.7327 0.7435 -0.0372 0.0197  0.0281  89  GLY A O   
609 N  N   . GLU A 89  ? 0.5897 0.7165 0.7092 -0.0380 0.0137  0.0492  90  GLU A N   
610 C  CA  . GLU A 89  ? 0.5950 0.7269 0.7324 -0.0489 -0.0057 0.0591  90  GLU A CA  
611 C  C   . GLU A 89  ? 0.5611 0.7084 0.7136 -0.0484 0.0011  0.0696  90  GLU A C   
612 O  O   . GLU A 89  ? 0.5788 0.7231 0.7441 -0.0556 -0.0100 0.0716  90  GLU A O   
613 C  CB  . GLU A 89  ? 0.6538 0.8009 0.8044 -0.0547 -0.0199 0.0768  90  GLU A CB  
614 C  CG  . GLU A 89  ? 0.7582 0.8883 0.8912 -0.0529 -0.0335 0.0643  90  GLU A CG  
615 C  CD  . GLU A 89  ? 0.8624 1.0047 1.0134 -0.0610 -0.0556 0.0806  90  GLU A CD  
616 O  OE1 . GLU A 89  ? 0.9178 1.0670 1.0573 -0.0543 -0.0520 0.0825  90  GLU A OE1 
617 O  OE2 . GLU A 89  ? 0.8679 1.0132 1.0484 -0.0743 -0.0777 0.0933  90  GLU A OE2 
618 N  N   . GLN A 90  ? 0.5513 0.7140 0.7001 -0.0369 0.0186  0.0759  91  GLN A N   
619 C  CA  . GLN A 90  ? 0.5383 0.7153 0.6917 -0.0281 0.0262  0.0826  91  GLN A CA  
620 C  C   . GLN A 90  ? 0.5500 0.7056 0.6966 -0.0292 0.0257  0.0621  91  GLN A C   
621 O  O   . GLN A 90  ? 0.5489 0.7105 0.7064 -0.0320 0.0200  0.0676  91  GLN A O   
622 C  CB  . GLN A 90  ? 0.6367 0.8238 0.7771 -0.0096 0.0422  0.0842  91  GLN A CB  
623 C  CG  . GLN A 90  ? 0.7386 0.9414 0.8752 0.0078  0.0487  0.0893  91  GLN A CG  
624 C  CD  . GLN A 90  ? 0.7929 0.9937 0.9088 0.0308  0.0596  0.0819  91  GLN A CD  
625 O  OE1 . GLN A 90  ? 0.7529 0.9264 0.8590 0.0313  0.0611  0.0613  91  GLN A OE1 
626 N  NE2 . GLN A 90  ? 0.8528 1.0837 0.9641 0.0519  0.0661  0.1007  91  GLN A NE2 
627 N  N   . SER A 91  ? 0.5332 0.6666 0.6659 -0.0269 0.0320  0.0418  92  SER A N   
628 C  CA  . SER A 91  ? 0.5621 0.6777 0.6916 -0.0276 0.0321  0.0240  92  SER A CA  
629 C  C   . SER A 91  ? 0.5815 0.6859 0.7142 -0.0384 0.0197  0.0197  92  SER A C   
630 O  O   . SER A 91  ? 0.6293 0.7276 0.7642 -0.0392 0.0174  0.0124  92  SER A O   
631 C  CB  . SER A 91  ? 0.6116 0.7110 0.7352 -0.0237 0.0408  0.0105  92  SER A CB  
632 O  OG  . SER A 91  ? 0.7475 0.8484 0.8696 -0.0124 0.0475  0.0095  92  SER A OG  
633 N  N   . LEU A 92  ? 0.5081 0.6080 0.6391 -0.0446 0.0096  0.0226  93  LEU A N   
634 C  CA  . LEU A 92  ? 0.5310 0.6142 0.6608 -0.0512 -0.0072 0.0153  93  LEU A CA  
635 C  C   . LEU A 92  ? 0.5698 0.6611 0.7213 -0.0598 -0.0204 0.0285  93  LEU A C   
636 O  O   . LEU A 92  ? 0.6145 0.6922 0.7678 -0.0629 -0.0290 0.0210  93  LEU A O   
637 C  CB  . LEU A 92  ? 0.5147 0.5886 0.6342 -0.0515 -0.0200 0.0131  93  LEU A CB  
638 C  CG  . LEU A 92  ? 0.5445 0.5956 0.6593 -0.0547 -0.0445 0.0030  93  LEU A CG  
639 C  CD1 . LEU A 92  ? 0.5542 0.5882 0.6514 -0.0461 -0.0384 -0.0151 93  LEU A CD1 
640 C  CD2 . LEU A 92  ? 0.5968 0.6379 0.6976 -0.0510 -0.0615 -0.0012 93  LEU A CD2 
641 N  N   . ARG A 93  ? 0.5329 0.6492 0.7032 -0.0622 -0.0210 0.0516  94  ARG A N   
642 C  CA  . ARG A 93  ? 0.5556 0.6882 0.7549 -0.0693 -0.0315 0.0734  94  ARG A CA  
643 C  C   . ARG A 93  ? 0.6121 0.7523 0.8102 -0.0614 -0.0195 0.0717  94  ARG A C   
644 O  O   . ARG A 93  ? 0.6644 0.8023 0.8785 -0.0673 -0.0296 0.0774  94  ARG A O   
645 C  CB  . ARG A 93  ? 0.5733 0.7399 0.7957 -0.0699 -0.0309 0.1046  94  ARG A CB  
646 C  CG  . ARG A 93  ? 0.6829 0.8730 0.9461 -0.0782 -0.0430 0.1364  94  ARG A CG  
647 C  CD  . ARG A 93  ? 0.8258 1.0446 1.1206 -0.0848 -0.0516 0.1690  94  ARG A CD  
648 N  NE  . ARG A 93  ? 0.9107 1.1041 1.2165 -0.1014 -0.0808 0.1626  94  ARG A NE  
649 C  CZ  . ARG A 93  ? 0.9439 1.1309 1.2895 -0.1185 -0.1108 0.1783  94  ARG A CZ  
650 N  NH1 . ARG A 93  ? 0.9332 1.1419 1.3163 -0.1227 -0.1122 0.2062  94  ARG A NH1 
651 N  NH2 . ARG A 93  ? 0.9625 1.1211 1.3120 -0.1298 -0.1415 0.1669  94  ARG A NH2 
652 N  N   . GLU A 94  ? 0.5524 0.6992 0.7322 -0.0471 -0.0006 0.0632  95  GLU A N   
653 C  CA  . GLU A 94  ? 0.5149 0.6644 0.6881 -0.0366 0.0079  0.0555  95  GLU A CA  
654 C  C   . GLU A 94  ? 0.5367 0.6593 0.7057 -0.0443 0.0006  0.0359  95  GLU A C   
655 O  O   . GLU A 94  ? 0.5936 0.7193 0.7721 -0.0453 -0.0036 0.0401  95  GLU A O   
656 C  CB  . GLU A 94  ? 0.5796 0.7272 0.7319 -0.0209 0.0217  0.0411  95  GLU A CB  
657 C  CG  . GLU A 94  ? 0.6021 0.7773 0.7507 -0.0031 0.0308  0.0575  95  GLU A CG  
658 C  CD  . GLU A 94  ? 0.6758 0.8381 0.8033 0.0120  0.0382  0.0385  95  GLU A CD  
659 O  OE1 . GLU A 94  ? 0.6583 0.7934 0.7820 0.0043  0.0368  0.0180  95  GLU A OE1 
660 O  OE2 . GLU A 94  ? 0.7323 0.9117 0.8486 0.0330  0.0442  0.0459  95  GLU A OE2 
661 N  N   . LEU A 95  ? 0.5377 0.6370 0.6924 -0.0474 0.0005  0.0171  96  LEU A N   
662 C  CA  . LEU A 95  ? 0.5590 0.6358 0.7061 -0.0497 -0.0036 -0.0006 96  LEU A CA  
663 C  C   . LEU A 95  ? 0.6867 0.7538 0.8442 -0.0584 -0.0217 0.0041  96  LEU A C   
664 O  O   . LEU A 95  ? 0.7100 0.7683 0.8679 -0.0580 -0.0242 -0.0031 96  LEU A O   
665 C  CB  . LEU A 95  ? 0.5497 0.6109 0.6810 -0.0473 0.0002  -0.0139 96  LEU A CB  
666 C  CG  . LEU A 95  ? 0.5582 0.6024 0.6797 -0.0438 0.0010  -0.0294 96  LEU A CG  
667 C  CD1 . LEU A 95  ? 0.4444 0.4930 0.5721 -0.0402 0.0115  -0.0355 96  LEU A CD1 
668 C  CD2 . LEU A 95  ? 0.5865 0.6232 0.6928 -0.0370 0.0058  -0.0351 96  LEU A CD2 
669 N  N   . MET A 96  ? 0.6655 0.7329 0.8344 -0.0665 -0.0367 0.0165  97  MET A N   
670 C  CA  . MET A 96  ? 0.6727 0.7261 0.8579 -0.0761 -0.0602 0.0218  97  MET A CA  
671 C  C   . MET A 96  ? 0.6193 0.6926 0.8319 -0.0793 -0.0600 0.0425  97  MET A C   
672 O  O   . MET A 96  ? 0.6138 0.6725 0.8368 -0.0841 -0.0735 0.0417  97  MET A O   
673 C  CB  . MET A 96  ? 0.7639 0.8121 0.9614 -0.0849 -0.0816 0.0314  97  MET A CB  
674 C  CG  . MET A 96  ? 0.7936 0.8168 0.9600 -0.0782 -0.0880 0.0089  97  MET A CG  
675 S  SD  . MET A 96  ? 0.7661 0.7545 0.9022 -0.0669 -0.0934 -0.0203 97  MET A SD  
676 C  CE  . MET A 96  ? 0.5836 0.5476 0.7449 -0.0786 -0.1308 -0.0152 97  MET A CE  
677 N  N   . ASP A 97  ? 0.6101 0.7175 0.8324 -0.0734 -0.0444 0.0617  98  ASP A N   
678 C  CA  . ASP A 97  ? 0.6214 0.7556 0.8668 -0.0702 -0.0406 0.0851  98  ASP A CA  
679 C  C   . ASP A 97  ? 0.6150 0.7404 0.8459 -0.0624 -0.0330 0.0681  98  ASP A C   
680 O  O   . ASP A 97  ? 0.6303 0.7588 0.8805 -0.0655 -0.0403 0.0801  98  ASP A O   
681 C  CB  . ASP A 97  ? 0.6544 0.8298 0.9051 -0.0574 -0.0240 0.1087  98  ASP A CB  
682 C  CG  . ASP A 97  ? 0.7957 0.9935 1.0800 -0.0667 -0.0340 0.1418  98  ASP A CG  
683 O  OD1 . ASP A 97  ? 0.8550 1.0431 1.1717 -0.0838 -0.0564 0.1552  98  ASP A OD1 
684 O  OD2 . ASP A 97  ? 0.8304 1.0541 1.1109 -0.0565 -0.0215 0.1548  98  ASP A OD2 
685 N  N   . VAL A 98  ? 0.5758 0.6905 0.7774 -0.0530 -0.0201 0.0426  99  VAL A N   
686 C  CA  . VAL A 98  ? 0.6130 0.7203 0.8041 -0.0462 -0.0149 0.0268  99  VAL A CA  
687 C  C   . VAL A 98  ? 0.6934 0.7710 0.8833 -0.0550 -0.0276 0.0134  99  VAL A C   
688 O  O   . VAL A 98  ? 0.7975 0.8730 0.9899 -0.0525 -0.0282 0.0107  99  VAL A O   
689 C  CB  . VAL A 98  ? 0.6625 0.7671 0.8315 -0.0348 -0.0016 0.0058  99  VAL A CB  
690 C  CG1 . VAL A 98  ? 0.6865 0.8156 0.8513 -0.0210 0.0076  0.0159  99  VAL A CG1 
691 C  CG2 . VAL A 98  ? 0.6125 0.6944 0.7694 -0.0401 -0.0012 -0.0112 99  VAL A CG2 
692 N  N   . ILE A 99  ? 0.7083 0.7631 0.8911 -0.0617 -0.0382 0.0045  100 ILE A N   
693 C  CA  . ILE A 99  ? 0.7121 0.7365 0.8884 -0.0645 -0.0536 -0.0088 100 ILE A CA  
694 C  C   . ILE A 99  ? 0.7526 0.7745 0.9568 -0.0732 -0.0719 0.0084  100 ILE A C   
695 O  O   . ILE A 99  ? 0.7733 0.7833 0.9778 -0.0713 -0.0762 0.0028  100 ILE A O   
696 C  CB  . ILE A 99  ? 0.6879 0.6897 0.8471 -0.0645 -0.0647 -0.0209 100 ILE A CB  
697 C  CG1 . ILE A 99  ? 0.6820 0.6875 0.8180 -0.0548 -0.0453 -0.0344 100 ILE A CG1 
698 C  CG2 . ILE A 99  ? 0.6891 0.6569 0.8376 -0.0620 -0.0855 -0.0350 100 ILE A CG2 
699 C  CD1 . ILE A 99  ? 0.6978 0.7037 0.8248 -0.0466 -0.0309 -0.0462 100 ILE A CD1 
700 N  N   . LYS A 100 ? 0.7402 0.7753 0.9721 -0.0828 -0.0829 0.0328  101 LYS A N   
701 C  CA  . LYS A 100 ? 0.7879 0.8269 1.0594 -0.0930 -0.1009 0.0581  101 LYS A CA  
702 C  C   . LYS A 100 ? 0.8902 0.9582 1.1743 -0.0860 -0.0847 0.0742  101 LYS A C   
703 O  O   . LYS A 100 ? 0.9802 1.0440 1.2887 -0.0908 -0.0966 0.0871  101 LYS A O   
704 C  CB  . LYS A 100 ? 0.7565 0.8141 1.0633 -0.1044 -0.1130 0.0879  101 LYS A CB  
705 N  N   . GLN A 101 ? 0.8848 0.9808 1.1515 -0.0726 -0.0598 0.0728  102 GLN A N   
706 C  CA  . GLN A 101 ? 0.8637 0.9875 1.1332 -0.0599 -0.0449 0.0835  102 GLN A CA  
707 C  C   . GLN A 101 ? 0.8243 0.9247 1.0778 -0.0569 -0.0457 0.0604  102 GLN A C   
708 O  O   . GLN A 101 ? 0.8536 0.9643 1.1228 -0.0541 -0.0465 0.0737  102 GLN A O   
709 C  CB  . GLN A 101 ? 0.9022 1.0525 1.1495 -0.0425 -0.0237 0.0799  102 GLN A CB  
710 C  CG  . GLN A 101 ? 0.9644 1.1426 1.2063 -0.0229 -0.0105 0.0866  102 GLN A CG  
711 C  CD  . GLN A 101 ? 1.0454 1.2647 1.3200 -0.0168 -0.0084 0.1299  102 GLN A CD  
712 O  OE1 . GLN A 101 ? 1.0730 1.3157 1.3669 -0.0180 -0.0077 0.1568  102 GLN A OE1 
713 N  NE2 . GLN A 101 ? 1.0708 1.3028 1.3544 -0.0090 -0.0063 0.1403  102 GLN A NE2 
714 N  N   . PHE A 102 ? 0.7827 0.8556 1.0073 -0.0562 -0.0444 0.0291  103 PHE A N   
715 C  CA  . PHE A 102 ? 0.8001 0.8531 1.0098 -0.0522 -0.0442 0.0086  103 PHE A CA  
716 C  C   . PHE A 102 ? 0.8948 0.9198 1.1167 -0.0602 -0.0654 0.0104  103 PHE A C   
717 O  O   . PHE A 102 ? 0.8956 0.9058 1.1091 -0.0556 -0.0669 -0.0014 103 PHE A O   
718 C  CB  . PHE A 102 ? 0.7958 0.8325 0.9775 -0.0478 -0.0366 -0.0182 103 PHE A CB  
719 C  CG  . PHE A 102 ? 0.9011 0.9565 1.0733 -0.0384 -0.0198 -0.0262 103 PHE A CG  
720 C  CD1 . PHE A 102 ? 0.8955 0.9612 1.0678 -0.0302 -0.0144 -0.0300 103 PHE A CD1 
721 C  CD2 . PHE A 102 ? 0.9331 0.9928 1.0971 -0.0371 -0.0124 -0.0310 103 PHE A CD2 
722 C  CE1 . PHE A 102 ? 0.8392 0.9169 1.0042 -0.0210 -0.0056 -0.0401 103 PHE A CE1 
723 C  CE2 . PHE A 102 ? 0.9110 0.9814 1.0695 -0.0284 -0.0029 -0.0400 103 PHE A CE2 
724 C  CZ  . PHE A 102 ? 0.8643 0.9422 1.0234 -0.0204 -0.0014 -0.0456 103 PHE A CZ  
725 N  N   . ALA A 103 ? 0.9875 1.0036 1.2303 -0.0716 -0.0842 0.0250  104 ALA A N   
726 C  CA  . ALA A 103 ? 1.0621 1.0455 1.3209 -0.0797 -0.1119 0.0265  104 ALA A CA  
727 C  C   . ALA A 103 ? 1.1723 1.1751 1.4783 -0.0880 -0.1202 0.0622  104 ALA A C   
728 O  O   . ALA A 103 ? 1.2170 1.1950 1.5413 -0.0931 -0.1410 0.0657  104 ALA A O   
729 C  CB  . ALA A 103 ? 1.0243 0.9802 1.2803 -0.0869 -0.1346 0.0190  104 ALA A CB  
730 N  N   . LYS A 104 ? 1.1944 1.2430 1.5207 -0.0866 -0.1038 0.0905  105 LYS A N   
731 C  CA  . LYS A 104 ? 1.1925 1.2726 1.5664 -0.0900 -0.1058 0.1325  105 LYS A CA  
732 C  C   . LYS A 104 ? 1.2047 1.3063 1.5705 -0.0750 -0.0870 0.1348  105 LYS A C   
733 O  O   . LYS A 104 ? 1.2254 1.3164 1.6118 -0.0780 -0.0976 0.1442  105 LYS A O   
734 C  CB  . LYS A 104 ? 1.1446 1.2706 1.5423 -0.0893 -0.0952 0.1662  105 LYS A CB  
735 O  OXT . LYS A 104 ? 1.1766 1.3046 1.5148 -0.0587 -0.0631 0.1268  105 LYS A OXT 
736 CU CU  . CU1 B .   ? 0.6709 0.6975 0.8527 -0.0091 0.0146  -0.0676 201 CU1 A CU  
737 NA NA  . NA  C .   ? 0.7142 0.9125 0.9169 -0.0727 -0.0713 0.1337  202 NA  A NA  
738 NA NA  . NA  D .   ? 0.7944 0.9086 0.9049 0.0132  0.0578  0.0214  203 NA  A NA  
739 O  O   . HOH E .   ? 0.4831 0.5782 0.6144 -0.0224 0.0301  -0.0060 301 HOH A O   
740 O  O   . HOH E .   ? 0.6468 0.7243 0.7757 -0.0064 0.0443  -0.0151 302 HOH A O   
741 O  O   . HOH E .   ? 0.4278 0.6530 0.5988 -0.0478 -0.0223 0.1401  303 HOH A O   
742 O  O   . HOH E .   ? 0.5747 0.6016 0.7205 0.0342  -0.0036 -0.0874 304 HOH A O   
# 
loop_
_pdbx_poly_seq_scheme.asym_id 
_pdbx_poly_seq_scheme.entity_id 
_pdbx_poly_seq_scheme.seq_id 
_pdbx_poly_seq_scheme.mon_id 
_pdbx_poly_seq_scheme.ndb_seq_num 
_pdbx_poly_seq_scheme.pdb_seq_num 
_pdbx_poly_seq_scheme.auth_seq_num 
_pdbx_poly_seq_scheme.pdb_mon_id 
_pdbx_poly_seq_scheme.auth_mon_id 
_pdbx_poly_seq_scheme.pdb_strand_id 
_pdbx_poly_seq_scheme.pdb_ins_code 
_pdbx_poly_seq_scheme.hetero 
A 1 1   ALA 1   2   ?   ?   ?   A . n 
A 1 2   HIS 2   3   ?   ?   ?   A . n 
A 1 3   PRO 3   4   ?   ?   ?   A . n 
A 1 4   SER 4   5   ?   ?   ?   A . n 
A 1 5   GLN 5   6   ?   ?   ?   A . n 
A 1 6   GLU 6   7   ?   ?   ?   A . n 
A 1 7   GLU 7   8   ?   ?   ?   A . n 
A 1 8   HIS 8   9   ?   ?   ?   A . n 
A 1 9   VAL 9   10  10  VAL VAL A . n 
A 1 10  LEU 10  11  11  LEU LEU A . n 
A 1 11  HIS 11  12  12  HIS HIS A . n 
A 1 12  GLY 12  13  13  GLY GLY A . n 
A 1 13  THR 13  14  14  THR THR A . n 
A 1 14  MET 14  15  15  MET MET A . n 
A 1 15  ILE 15  16  16  ILE ILE A . n 
A 1 16  PRO 16  17  17  PRO PRO A . n 
A 1 17  ARG 17  18  18  ARG ARG A . n 
A 1 18  THR 18  19  19  THR THR A . n 
A 1 19  LYS 19  20  20  LYS LYS A . n 
A 1 20  GLU 20  21  21  GLU GLU A . n 
A 1 21  GLU 21  22  22  GLU GLU A . n 
A 1 22  ILE 22  23  23  ILE ILE A . n 
A 1 23  GLU 23  24  24  GLU GLU A . n 
A 1 24  ASN 24  25  25  ASN ASN A . n 
A 1 25  ILE 25  26  26  ILE ILE A . n 
A 1 26  MET 26  27  27  MET MET A . n 
A 1 27  LYS 27  28  28  LYS LYS A . n 
A 1 28  ARG 28  29  29  ARG ARG A . n 
A 1 29  LEU 29  30  30  LEU LEU A . n 
A 1 30  LYS 30  31  31  LYS LYS A . n 
A 1 31  ARG 31  32  32  ARG ARG A . n 
A 1 32  ILE 32  33  33  ILE ILE A . n 
A 1 33  GLU 33  34  34  GLU GLU A . n 
A 1 34  GLY 34  35  35  GLY GLY A . n 
A 1 35  GLN 35  36  36  GLN GLN A . n 
A 1 36  VAL 36  37  37  VAL VAL A . n 
A 1 37  ARG 37  38  38  ARG ARG A . n 
A 1 38  GLY 38  39  39  GLY GLY A . n 
A 1 39  VAL 39  40  40  VAL VAL A . n 
A 1 40  GLN 40  41  41  GLN GLN A . n 
A 1 41  LYS 41  42  42  LYS LYS A . n 
A 1 42  MET 42  43  43  MET MET A . n 
A 1 43  VAL 43  44  44  VAL VAL A . n 
A 1 44  GLU 44  45  45  GLU GLU A . n 
A 1 45  ASP 45  46  46  ASP ASP A . n 
A 1 46  ASN 46  47  47  ASN ASN A . n 
A 1 47  ARG 47  48  48  ARG ARG A . n 
A 1 48  TYR 48  49  49  TYR TYR A . n 
A 1 49  CYS 49  50  50  CYS CYS A . n 
A 1 50  ILE 50  51  51  ILE ILE A . n 
A 1 51  ASP 51  52  52  ASP ASP A . n 
A 1 52  ILE 52  53  53  ILE ILE A . n 
A 1 53  LEU 53  54  54  LEU LEU A . n 
A 1 54  VAL 54  55  55  VAL VAL A . n 
A 1 55  GLN 55  56  56  GLN GLN A . n 
A 1 56  ILE 56  57  57  ILE ILE A . n 
A 1 57  SER 57  58  58  SER SER A . n 
A 1 58  ALA 58  59  59  ALA ALA A . n 
A 1 59  ILE 59  60  60  ILE ILE A . n 
A 1 60  GLN 60  61  61  GLN GLN A . n 
A 1 61  ALA 61  62  62  ALA ALA A . n 
A 1 62  ALA 62  63  63  ALA ALA A . n 
A 1 63  LEU 63  64  64  LEU LEU A . n 
A 1 64  ARG 64  65  65  ARG ARG A . n 
A 1 65  GLN 65  66  66  GLN GLN A . n 
A 1 66  VAL 66  67  67  VAL VAL A . n 
A 1 67  GLY 67  68  68  GLY GLY A . n 
A 1 68  MET 68  69  69  MET MET A . n 
A 1 69  GLN 69  70  70  GLN GLN A . n 
A 1 70  LEU 70  71  71  LEU LEU A . n 
A 1 71  LEU 71  72  72  LEU LEU A . n 
A 1 72  GLU 72  73  73  GLU GLU A . n 
A 1 73  ARG 73  74  74  ARG ARG A . n 
A 1 74  HIS 74  75  75  HIS HIS A . n 
A 1 75  ALA 75  76  76  ALA ALA A . n 
A 1 76  ASN 76  77  77  ASN ASN A . n 
A 1 77  HIS 77  78  78  HIS HIS A . n 
A 1 78  CYS 78  79  79  CYS CYS A . n 
A 1 79  VAL 79  80  80  VAL VAL A . n 
A 1 80  ALA 80  81  81  ALA ALA A . n 
A 1 81  LYS 81  82  82  LYS LYS A . n 
A 1 82  ALA 82  83  83  ALA ALA A . n 
A 1 83  ILE 83  84  84  ILE ILE A . n 
A 1 84  ARG 84  85  85  ARG ARG A . n 
A 1 85  GLU 85  86  86  GLU GLU A . n 
A 1 86  GLY 86  87  87  GLY GLY A . n 
A 1 87  SER 87  88  88  SER SER A . n 
A 1 88  GLY 88  89  89  GLY GLY A . n 
A 1 89  GLU 89  90  90  GLU GLU A . n 
A 1 90  GLN 90  91  91  GLN GLN A . n 
A 1 91  SER 91  92  92  SER SER A . n 
A 1 92  LEU 92  93  93  LEU LEU A . n 
A 1 93  ARG 93  94  94  ARG ARG A . n 
A 1 94  GLU 94  95  95  GLU GLU A . n 
A 1 95  LEU 95  96  96  LEU LEU A . n 
A 1 96  MET 96  97  97  MET MET A . n 
A 1 97  ASP 97  98  98  ASP ASP A . n 
A 1 98  VAL 98  99  99  VAL VAL A . n 
A 1 99  ILE 99  100 100 ILE ILE A . n 
A 1 100 LYS 100 101 101 LYS LYS A . n 
A 1 101 GLN 101 102 102 GLN GLN A . n 
A 1 102 PHE 102 103 103 PHE PHE A . n 
A 1 103 ALA 103 104 104 ALA ALA A . n 
A 1 104 LYS 104 105 105 LYS LYS A . n 
# 
loop_
_pdbx_nonpoly_scheme.asym_id 
_pdbx_nonpoly_scheme.entity_id 
_pdbx_nonpoly_scheme.mon_id 
_pdbx_nonpoly_scheme.ndb_seq_num 
_pdbx_nonpoly_scheme.pdb_seq_num 
_pdbx_nonpoly_scheme.auth_seq_num 
_pdbx_nonpoly_scheme.pdb_mon_id 
_pdbx_nonpoly_scheme.auth_mon_id 
_pdbx_nonpoly_scheme.pdb_strand_id 
_pdbx_nonpoly_scheme.pdb_ins_code 
B 2 CU1 1 201 121 CU1 CU  A . 
C 3 NA  1 202 131 NA  NA  A . 
D 3 NA  1 203 132 NA  NA  A . 
E 4 HOH 1 301 151 HOH HOH A . 
E 4 HOH 2 302 152 HOH HOH A . 
E 4 HOH 3 303 153 HOH HOH A . 
E 4 HOH 4 304 154 HOH HOH A . 
# 
loop_
_pdbx_struct_assembly.id 
_pdbx_struct_assembly.details 
_pdbx_struct_assembly.method_details 
_pdbx_struct_assembly.oligomeric_details 
_pdbx_struct_assembly.oligomeric_count 
1 author_and_software_defined_assembly PISA tetrameric  4  
2 software_defined_assembly            PISA dodecameric 12 
# 
loop_
_pdbx_struct_assembly_gen.assembly_id 
_pdbx_struct_assembly_gen.oper_expression 
_pdbx_struct_assembly_gen.asym_id_list 
1 1,2,3,4                      A,B,C,D,E 
2 1,5,6,7,8,9,10,11,3,12,13,14 A,B,C,D,E 
# 
loop_
_pdbx_struct_assembly_prop.biol_id 
_pdbx_struct_assembly_prop.type 
_pdbx_struct_assembly_prop.value 
_pdbx_struct_assembly_prop.details 
1 'ABSA (A^2)' 12700 ? 
1 MORE         -242  ? 
1 'SSA (A^2)'  18350 ? 
2 'ABSA (A^2)' 21120 ? 
2 MORE         -523  ? 
2 'SSA (A^2)'  72050 ? 
# 
loop_
_pdbx_struct_oper_list.id 
_pdbx_struct_oper_list.type 
_pdbx_struct_oper_list.name 
_pdbx_struct_oper_list.symmetry_operation 
_pdbx_struct_oper_list.matrix[1][1] 
_pdbx_struct_oper_list.matrix[1][2] 
_pdbx_struct_oper_list.matrix[1][3] 
_pdbx_struct_oper_list.vector[1] 
_pdbx_struct_oper_list.matrix[2][1] 
_pdbx_struct_oper_list.matrix[2][2] 
_pdbx_struct_oper_list.matrix[2][3] 
_pdbx_struct_oper_list.vector[2] 
_pdbx_struct_oper_list.matrix[3][1] 
_pdbx_struct_oper_list.matrix[3][2] 
_pdbx_struct_oper_list.matrix[3][3] 
_pdbx_struct_oper_list.vector[3] 
1  'identity operation'         1_555  x,y,z           1.0000000000  0.0000000000  0.0000000000  0.0000000000   0.0000000000  1.0000000000  0.0000000000  0.0000000000   0.0000000000  0.0000000000  1.0000000000  0.0000000000   
2  'crystal symmetry operation' 4_565  -x,-y+1,z       -0.8577093031 0.3311796987  0.3932616923  -5.8357073720  0.3311796987  -0.2291836698 0.9153113419  14.5641546426  0.3932616923  0.9153113419  0.0868929729  -10.1535073357 
3  'crystal symmetry operation' 9_557  -x,-x+y,-z+2    -0.5050896925 -0.7400223604 0.4441298331  9.9557472964   -0.7400223604 0.1065299824  -0.6640920637 16.5784766887  0.4441298331  -0.6640920637 -0.6014402899 16.5294941879  
4  'crystal symmetry operation' 12_567 x,x-y+1,-z+2    0.3627989956  0.4088426617  -0.8373915254 -2.3839726759  0.4088426617  -0.8773463126 -0.2512192783 29.1914134115  -0.8373915254 -0.2512192783 -0.4854526830 10.3724713292  
5  'crystal symmetry operation' 2_675  -y+1,x-y+2,z    -0.3932819773 0.8868085086  -0.2426931302 53.4104718264  -0.3900389605 0.0781122476  0.9174792020  -29.9650911413 0.8325856686  0.4554878109  0.3151697297  5.9095931326   
6  'crystal symmetry operation' 3_465  -x+y-1,-x+1,z   -0.3932819773 -0.3900389605 0.8325856686  4.3975804194   0.8868085086  0.0781122476  0.4554878109  -47.7159678824 -0.2426931302 0.9174792020  0.3151697297  38.5921776314  
7  'crystal symmetry operation' 4_575  -x,-y+2,z       -0.8577093031 0.3311796987  0.3932616923  38.5387014972  0.3311796987  -0.2291836698 0.9153113419  -51.7873726824 0.3932616923  0.9153113419  0.0868929729  29.6678471760  
8  'crystal symmetry operation' 5_455  y-1,-x+y,z      0.5355726742  -0.5556288099 0.6359548225  -14.8717703292 0.7212186592  0.6927040825  -0.0021678600 -21.8222815411 -0.4393239764 0.4598235310  0.7717232432  23.7582540434  
9  'crystal symmetry operation' 6_665  x-y+1,x+1,z     0.5355726742  0.7212186592  -0.4393239764 34.1411210778  -0.5556288099 0.6927040825  0.4598235310  -4.0714048001  0.6359548225  -0.0021678600 0.7717232432  -8.9243304554  
10 'crystal symmetry operation' 7_467  y-1,x+1,-z+2    0.8570563593  -0.3034269213 -0.4163970467 7.7781325915   -0.3034269213 -0.9504226697 0.0680356702  -30.0631612707 -0.4163970467 0.0680356702  -0.9066336896 56.5959899335  
11 'crystal symmetry operation' 8_677  x-y+1,-y+2,-z+2 -0.5654027122 0.5466797336  -0.6176253249 60.1853953466  0.5466797336  -0.3123318080 -0.7769106194 -17.3877712553 -0.6176253249 -0.7769106194 -0.1222654798 26.9594959218  
12 'crystal symmetry operation' 10_667 -y+1,-x+1,-z+2  -0.9993470562 -0.0277527774 0.0231353544  44.1680508981  -0.0277527774 0.1796063395  -0.9833470121 9.4815240458   0.0231353544  -0.9833470121 -0.1802592833 10.1273300953  
13 'crystal symmetry operation' 11_457 -x+y-1,y,-z+2   0.4231120152  -0.8778594323 0.2243636326  -8.2392118570  -0.8778594323 -0.4584845222 -0.1384007225 -3.1938659696  0.2243636326  -0.1384007225 -0.9646274931 39.7638241070  
14 'crystal symmetry operation' 12_577 x,x-y+2,-z+2    0.3627989956  0.4088426617  -0.8373915254 41.9904361933  0.4088426617  -0.8773463126 -0.2512192783 -37.1601139136 -0.8373915254 -0.2512192783 -0.4854526830 50.1938258409 
# 
loop_
_pdbx_struct_conn_angle.id 
_pdbx_struct_conn_angle.ptnr1_label_atom_id 
_pdbx_struct_conn_angle.ptnr1_label_alt_id 
_pdbx_struct_conn_angle.ptnr1_label_asym_id 
_pdbx_struct_conn_angle.ptnr1_label_comp_id 
_pdbx_struct_conn_angle.ptnr1_label_seq_id 
_pdbx_struct_conn_angle.ptnr1_auth_atom_id 
_pdbx_struct_conn_angle.ptnr1_auth_asym_id 
_pdbx_struct_conn_angle.ptnr1_auth_comp_id 
_pdbx_struct_conn_angle.ptnr1_auth_seq_id 
_pdbx_struct_conn_angle.ptnr1_PDB_ins_code 
_pdbx_struct_conn_angle.ptnr1_symmetry 
_pdbx_struct_conn_angle.ptnr2_label_atom_id 
_pdbx_struct_conn_angle.ptnr2_label_alt_id 
_pdbx_struct_conn_angle.ptnr2_label_asym_id 
_pdbx_struct_conn_angle.ptnr2_label_comp_id 
_pdbx_struct_conn_angle.ptnr2_label_seq_id 
_pdbx_struct_conn_angle.ptnr2_auth_atom_id 
_pdbx_struct_conn_angle.ptnr2_auth_asym_id 
_pdbx_struct_conn_angle.ptnr2_auth_comp_id 
_pdbx_struct_conn_angle.ptnr2_auth_seq_id 
_pdbx_struct_conn_angle.ptnr2_PDB_ins_code 
_pdbx_struct_conn_angle.ptnr2_symmetry 
_pdbx_struct_conn_angle.ptnr3_label_atom_id 
_pdbx_struct_conn_angle.ptnr3_label_alt_id 
_pdbx_struct_conn_angle.ptnr3_label_asym_id 
_pdbx_struct_conn_angle.ptnr3_label_comp_id 
_pdbx_struct_conn_angle.ptnr3_label_seq_id 
_pdbx_struct_conn_angle.ptnr3_auth_atom_id 
_pdbx_struct_conn_angle.ptnr3_auth_asym_id 
_pdbx_struct_conn_angle.ptnr3_auth_comp_id 
_pdbx_struct_conn_angle.ptnr3_auth_seq_id 
_pdbx_struct_conn_angle.ptnr3_PDB_ins_code 
_pdbx_struct_conn_angle.ptnr3_symmetry 
_pdbx_struct_conn_angle.value 
_pdbx_struct_conn_angle.value_esd 
1  OG1 ? A THR 13 ? A THR 14 ? 1_555 NA ? D NA  . ? A NA  203 ? 1_555 OG  ? A SER 87 ? A SER 88  ? 1_555 68.8  ? 
2  OG1 ? A THR 13 ? A THR 14 ? 1_555 NA ? D NA  . ? A NA  203 ? 1_555 OE1 ? A GLN 90 ? A GLN 91  ? 1_555 136.3 ? 
3  OG  ? A SER 87 ? A SER 88 ? 1_555 NA ? D NA  . ? A NA  203 ? 1_555 OE1 ? A GLN 90 ? A GLN 91  ? 1_555 98.2  ? 
4  OG1 ? A THR 13 ? A THR 14 ? 1_555 NA ? D NA  . ? A NA  203 ? 1_555 OG  ? A SER 91 ? A SER 92  ? 1_555 108.4 ? 
5  OG  ? A SER 87 ? A SER 88 ? 1_555 NA ? D NA  . ? A NA  203 ? 1_555 OG  ? A SER 91 ? A SER 92  ? 1_555 118.0 ? 
6  OE1 ? A GLN 90 ? A GLN 91 ? 1_555 NA ? D NA  . ? A NA  203 ? 1_555 OG  ? A SER 91 ? A SER 92  ? 1_555 114.3 ? 
7  ND1 ? A HIS 74 ? A HIS 75 ? 1_555 CU ? B CU1 . ? A CU1 201 ? 1_555 SG  ? A CYS 78 ? A CYS 79  ? 1_555 112.5 ? 
8  OE1 ? A GLU 89 ? A GLU 90 ? 1_555 NA ? C NA  . ? A NA  202 ? 1_555 OE2 ? A GLU 89 ? A GLU 90  ? 1_555 48.9  ? 
9  OE1 ? A GLU 89 ? A GLU 90 ? 1_555 NA ? C NA  . ? A NA  202 ? 1_555 O   ? E HOH .  ? A HOH 303 ? 1_555 87.4  ? 
10 OE2 ? A GLU 89 ? A GLU 90 ? 1_555 NA ? C NA  . ? A NA  202 ? 1_555 O   ? E HOH .  ? A HOH 303 ? 1_555 128.4 ? 
# 
loop_
_pdbx_audit_revision_history.ordinal 
_pdbx_audit_revision_history.data_content_type 
_pdbx_audit_revision_history.major_revision 
_pdbx_audit_revision_history.minor_revision 
_pdbx_audit_revision_history.revision_date 
1 'Structure model' 1 0 2014-05-21 
2 'Structure model' 1 1 2014-10-08 
3 'Structure model' 1 2 2023-09-20 
# 
_pdbx_audit_revision_details.ordinal             1 
_pdbx_audit_revision_details.revision_ordinal    1 
_pdbx_audit_revision_details.data_content_type   'Structure model' 
_pdbx_audit_revision_details.provider            repository 
_pdbx_audit_revision_details.type                'Initial release' 
_pdbx_audit_revision_details.description         ? 
_pdbx_audit_revision_details.details             ? 
# 
loop_
_pdbx_audit_revision_group.ordinal 
_pdbx_audit_revision_group.revision_ordinal 
_pdbx_audit_revision_group.data_content_type 
_pdbx_audit_revision_group.group 
1 2 'Structure model' 'Database references'    
2 3 'Structure model' 'Data collection'        
3 3 'Structure model' 'Database references'    
4 3 'Structure model' 'Derived calculations'   
5 3 'Structure model' 'Refinement description' 
# 
loop_
_pdbx_audit_revision_category.ordinal 
_pdbx_audit_revision_category.revision_ordinal 
_pdbx_audit_revision_category.data_content_type 
_pdbx_audit_revision_category.category 
1 3 'Structure model' chem_comp_atom                
2 3 'Structure model' chem_comp_bond                
3 3 'Structure model' database_2                    
4 3 'Structure model' pdbx_initial_refinement_model 
5 3 'Structure model' pdbx_struct_conn_angle        
6 3 'Structure model' struct_conn                   
7 3 'Structure model' struct_ref_seq_dif            
8 3 'Structure model' struct_site                   
# 
loop_
_pdbx_audit_revision_item.ordinal 
_pdbx_audit_revision_item.revision_ordinal 
_pdbx_audit_revision_item.data_content_type 
_pdbx_audit_revision_item.item 
1  3 'Structure model' '_database_2.pdbx_DOI'                        
2  3 'Structure model' '_database_2.pdbx_database_accession'         
3  3 'Structure model' '_pdbx_struct_conn_angle.ptnr1_auth_comp_id'  
4  3 'Structure model' '_pdbx_struct_conn_angle.ptnr1_auth_seq_id'   
5  3 'Structure model' '_pdbx_struct_conn_angle.ptnr1_label_asym_id' 
6  3 'Structure model' '_pdbx_struct_conn_angle.ptnr1_label_atom_id' 
7  3 'Structure model' '_pdbx_struct_conn_angle.ptnr1_label_comp_id' 
8  3 'Structure model' '_pdbx_struct_conn_angle.ptnr1_label_seq_id'  
9  3 'Structure model' '_pdbx_struct_conn_angle.ptnr2_auth_comp_id'  
10 3 'Structure model' '_pdbx_struct_conn_angle.ptnr2_auth_seq_id'   
11 3 'Structure model' '_pdbx_struct_conn_angle.ptnr2_label_asym_id' 
12 3 'Structure model' '_pdbx_struct_conn_angle.ptnr2_label_atom_id' 
13 3 'Structure model' '_pdbx_struct_conn_angle.ptnr2_label_comp_id' 
14 3 'Structure model' '_pdbx_struct_conn_angle.ptnr3_auth_comp_id'  
15 3 'Structure model' '_pdbx_struct_conn_angle.ptnr3_auth_seq_id'   
16 3 'Structure model' '_pdbx_struct_conn_angle.ptnr3_label_asym_id' 
17 3 'Structure model' '_pdbx_struct_conn_angle.ptnr3_label_atom_id' 
18 3 'Structure model' '_pdbx_struct_conn_angle.ptnr3_label_comp_id' 
19 3 'Structure model' '_pdbx_struct_conn_angle.ptnr3_label_seq_id'  
20 3 'Structure model' '_pdbx_struct_conn_angle.value'               
21 3 'Structure model' '_struct_conn.pdbx_dist_value'                
22 3 'Structure model' '_struct_conn.ptnr1_auth_comp_id'             
23 3 'Structure model' '_struct_conn.ptnr1_auth_seq_id'              
24 3 'Structure model' '_struct_conn.ptnr1_label_asym_id'            
25 3 'Structure model' '_struct_conn.ptnr1_label_atom_id'            
26 3 'Structure model' '_struct_conn.ptnr1_label_comp_id'            
27 3 'Structure model' '_struct_conn.ptnr1_label_seq_id'             
28 3 'Structure model' '_struct_conn.ptnr2_auth_comp_id'             
29 3 'Structure model' '_struct_conn.ptnr2_auth_seq_id'              
30 3 'Structure model' '_struct_conn.ptnr2_label_asym_id'            
31 3 'Structure model' '_struct_conn.ptnr2_label_atom_id'            
32 3 'Structure model' '_struct_conn.ptnr2_label_comp_id'            
33 3 'Structure model' '_struct_ref_seq_dif.details'                 
34 3 'Structure model' '_struct_site.pdbx_auth_asym_id'              
35 3 'Structure model' '_struct_site.pdbx_auth_comp_id'              
36 3 'Structure model' '_struct_site.pdbx_auth_seq_id'               
# 
_pdbx_refine_tls.pdbx_refine_id   'X-RAY DIFFRACTION' 
_pdbx_refine_tls.id               1 
_pdbx_refine_tls.details          ? 
_pdbx_refine_tls.method           refined 
_pdbx_refine_tls.origin_x         -0.0171 
_pdbx_refine_tls.origin_y         -0.0477 
_pdbx_refine_tls.origin_z         -0.0468 
_pdbx_refine_tls.T[1][1]          0.3204 
_pdbx_refine_tls.T[2][2]          0.3862 
_pdbx_refine_tls.T[3][3]          0.5015 
_pdbx_refine_tls.T[1][2]          -0.0034 
_pdbx_refine_tls.T[1][3]          -0.0113 
_pdbx_refine_tls.T[2][3]          -0.1030 
_pdbx_refine_tls.L[1][1]          4.1056 
_pdbx_refine_tls.L[2][2]          2.7955 
_pdbx_refine_tls.L[3][3]          2.4117 
_pdbx_refine_tls.L[1][2]          -3.0977 
_pdbx_refine_tls.L[1][3]          1.8345 
_pdbx_refine_tls.L[2][3]          -2.1720 
_pdbx_refine_tls.S[1][1]          0.2665 
_pdbx_refine_tls.S[1][2]          0.3160 
_pdbx_refine_tls.S[1][3]          -0.3121 
_pdbx_refine_tls.S[2][1]          -0.1761 
_pdbx_refine_tls.S[2][2]          -0.2724 
_pdbx_refine_tls.S[2][3]          0.3616 
_pdbx_refine_tls.S[3][1]          0.1448 
_pdbx_refine_tls.S[3][2]          0.0661 
_pdbx_refine_tls.S[3][3]          0.0065 
# 
_pdbx_refine_tls_group.pdbx_refine_id      'X-RAY DIFFRACTION' 
_pdbx_refine_tls_group.id                  1 
_pdbx_refine_tls_group.refine_tls_id       1 
_pdbx_refine_tls_group.beg_auth_asym_id    ? 
_pdbx_refine_tls_group.beg_auth_seq_id     ? 
_pdbx_refine_tls_group.beg_label_asym_id   ? 
_pdbx_refine_tls_group.beg_label_seq_id    ? 
_pdbx_refine_tls_group.end_auth_asym_id    ? 
_pdbx_refine_tls_group.end_auth_seq_id     ? 
_pdbx_refine_tls_group.end_label_asym_id   ? 
_pdbx_refine_tls_group.end_label_seq_id    ? 
_pdbx_refine_tls_group.selection           ? 
_pdbx_refine_tls_group.selection_details   all 
# 
loop_
_software.name 
_software.classification 
_software.version 
_software.citation_id 
_software.pdbx_ordinal 
Blu-Ice  'data collection' .                             ? 1 
PHENIX   'model building'  .                             ? 2 
PHENIX   refinement        '(phenix.refine: 1.8.1_1168)' ? 3 
HKL-2000 'data reduction'  .                             ? 4 
HKL-2000 'data scaling'    .                             ? 5 
PHENIX   phasing           .                             ? 6 
# 
loop_
_pdbx_unobs_or_zero_occ_atoms.id 
_pdbx_unobs_or_zero_occ_atoms.PDB_model_num 
_pdbx_unobs_or_zero_occ_atoms.polymer_flag 
_pdbx_unobs_or_zero_occ_atoms.occupancy_flag 
_pdbx_unobs_or_zero_occ_atoms.auth_asym_id 
_pdbx_unobs_or_zero_occ_atoms.auth_comp_id 
_pdbx_unobs_or_zero_occ_atoms.auth_seq_id 
_pdbx_unobs_or_zero_occ_atoms.PDB_ins_code 
_pdbx_unobs_or_zero_occ_atoms.auth_atom_id 
_pdbx_unobs_or_zero_occ_atoms.label_alt_id 
_pdbx_unobs_or_zero_occ_atoms.label_asym_id 
_pdbx_unobs_or_zero_occ_atoms.label_comp_id 
_pdbx_unobs_or_zero_occ_atoms.label_seq_id 
_pdbx_unobs_or_zero_occ_atoms.label_atom_id 
1  1 Y 1 A LYS 20  ? CG  ? A LYS 19  CG  
2  1 Y 1 A LYS 20  ? CD  ? A LYS 19  CD  
3  1 Y 1 A LYS 20  ? CE  ? A LYS 19  CE  
4  1 Y 1 A LYS 20  ? NZ  ? A LYS 19  NZ  
5  1 Y 1 A LYS 28  ? CG  ? A LYS 27  CG  
6  1 Y 1 A LYS 28  ? CD  ? A LYS 27  CD  
7  1 Y 1 A LYS 28  ? CE  ? A LYS 27  CE  
8  1 Y 1 A LYS 28  ? NZ  ? A LYS 27  NZ  
9  1 Y 1 A ARG 32  ? CG  ? A ARG 31  CG  
10 1 Y 1 A ARG 32  ? CD  ? A ARG 31  CD  
11 1 Y 1 A ARG 32  ? NE  ? A ARG 31  NE  
12 1 Y 1 A ARG 32  ? CZ  ? A ARG 31  CZ  
13 1 Y 1 A ARG 32  ? NH1 ? A ARG 31  NH1 
14 1 Y 1 A ARG 32  ? NH2 ? A ARG 31  NH2 
15 1 Y 1 A LYS 42  ? CG  ? A LYS 41  CG  
16 1 Y 1 A LYS 42  ? CD  ? A LYS 41  CD  
17 1 Y 1 A LYS 42  ? CE  ? A LYS 41  CE  
18 1 Y 1 A LYS 42  ? NZ  ? A LYS 41  NZ  
19 1 Y 1 A GLN 70  ? CG  ? A GLN 69  CG  
20 1 Y 1 A GLN 70  ? CD  ? A GLN 69  CD  
21 1 Y 1 A GLN 70  ? OE1 ? A GLN 69  OE1 
22 1 Y 1 A GLN 70  ? NE2 ? A GLN 69  NE2 
23 1 Y 1 A LYS 82  ? CE  ? A LYS 81  CE  
24 1 Y 1 A LYS 82  ? NZ  ? A LYS 81  NZ  
25 1 Y 1 A LYS 101 ? CG  ? A LYS 100 CG  
26 1 Y 1 A LYS 101 ? CD  ? A LYS 100 CD  
27 1 Y 1 A LYS 101 ? CE  ? A LYS 100 CE  
28 1 Y 1 A LYS 101 ? NZ  ? A LYS 100 NZ  
29 1 Y 1 A LYS 105 ? CG  ? A LYS 104 CG  
30 1 Y 1 A LYS 105 ? CD  ? A LYS 104 CD  
31 1 Y 1 A LYS 105 ? CE  ? A LYS 104 CE  
32 1 Y 1 A LYS 105 ? NZ  ? A LYS 104 NZ  
# 
loop_
_pdbx_unobs_or_zero_occ_residues.id 
_pdbx_unobs_or_zero_occ_residues.PDB_model_num 
_pdbx_unobs_or_zero_occ_residues.polymer_flag 
_pdbx_unobs_or_zero_occ_residues.occupancy_flag 
_pdbx_unobs_or_zero_occ_residues.auth_asym_id 
_pdbx_unobs_or_zero_occ_residues.auth_comp_id 
_pdbx_unobs_or_zero_occ_residues.auth_seq_id 
_pdbx_unobs_or_zero_occ_residues.PDB_ins_code 
_pdbx_unobs_or_zero_occ_residues.label_asym_id 
_pdbx_unobs_or_zero_occ_residues.label_comp_id 
_pdbx_unobs_or_zero_occ_residues.label_seq_id 
1 1 Y 1 A ALA 2 ? A ALA 1 
2 1 Y 1 A HIS 3 ? A HIS 2 
3 1 Y 1 A PRO 4 ? A PRO 3 
4 1 Y 1 A SER 5 ? A SER 4 
5 1 Y 1 A GLN 6 ? A GLN 5 
6 1 Y 1 A GLU 7 ? A GLU 6 
7 1 Y 1 A GLU 8 ? A GLU 7 
8 1 Y 1 A HIS 9 ? A HIS 8 
# 
loop_
_chem_comp_atom.comp_id 
_chem_comp_atom.atom_id 
_chem_comp_atom.type_symbol 
_chem_comp_atom.pdbx_aromatic_flag 
_chem_comp_atom.pdbx_stereo_config 
_chem_comp_atom.pdbx_ordinal 
ALA N    N  N N 1   
ALA CA   C  N S 2   
ALA C    C  N N 3   
ALA O    O  N N 4   
ALA CB   C  N N 5   
ALA OXT  O  N N 6   
ALA H    H  N N 7   
ALA H2   H  N N 8   
ALA HA   H  N N 9   
ALA HB1  H  N N 10  
ALA HB2  H  N N 11  
ALA HB3  H  N N 12  
ALA HXT  H  N N 13  
ARG N    N  N N 14  
ARG CA   C  N S 15  
ARG C    C  N N 16  
ARG O    O  N N 17  
ARG CB   C  N N 18  
ARG CG   C  N N 19  
ARG CD   C  N N 20  
ARG NE   N  N N 21  
ARG CZ   C  N N 22  
ARG NH1  N  N N 23  
ARG NH2  N  N N 24  
ARG OXT  O  N N 25  
ARG H    H  N N 26  
ARG H2   H  N N 27  
ARG HA   H  N N 28  
ARG HB2  H  N N 29  
ARG HB3  H  N N 30  
ARG HG2  H  N N 31  
ARG HG3  H  N N 32  
ARG HD2  H  N N 33  
ARG HD3  H  N N 34  
ARG HE   H  N N 35  
ARG HH11 H  N N 36  
ARG HH12 H  N N 37  
ARG HH21 H  N N 38  
ARG HH22 H  N N 39  
ARG HXT  H  N N 40  
ASN N    N  N N 41  
ASN CA   C  N S 42  
ASN C    C  N N 43  
ASN O    O  N N 44  
ASN CB   C  N N 45  
ASN CG   C  N N 46  
ASN OD1  O  N N 47  
ASN ND2  N  N N 48  
ASN OXT  O  N N 49  
ASN H    H  N N 50  
ASN H2   H  N N 51  
ASN HA   H  N N 52  
ASN HB2  H  N N 53  
ASN HB3  H  N N 54  
ASN HD21 H  N N 55  
ASN HD22 H  N N 56  
ASN HXT  H  N N 57  
ASP N    N  N N 58  
ASP CA   C  N S 59  
ASP C    C  N N 60  
ASP O    O  N N 61  
ASP CB   C  N N 62  
ASP CG   C  N N 63  
ASP OD1  O  N N 64  
ASP OD2  O  N N 65  
ASP OXT  O  N N 66  
ASP H    H  N N 67  
ASP H2   H  N N 68  
ASP HA   H  N N 69  
ASP HB2  H  N N 70  
ASP HB3  H  N N 71  
ASP HD2  H  N N 72  
ASP HXT  H  N N 73  
CU1 CU   CU N N 74  
CYS N    N  N N 75  
CYS CA   C  N R 76  
CYS C    C  N N 77  
CYS O    O  N N 78  
CYS CB   C  N N 79  
CYS SG   S  N N 80  
CYS OXT  O  N N 81  
CYS H    H  N N 82  
CYS H2   H  N N 83  
CYS HA   H  N N 84  
CYS HB2  H  N N 85  
CYS HB3  H  N N 86  
CYS HG   H  N N 87  
CYS HXT  H  N N 88  
GLN N    N  N N 89  
GLN CA   C  N S 90  
GLN C    C  N N 91  
GLN O    O  N N 92  
GLN CB   C  N N 93  
GLN CG   C  N N 94  
GLN CD   C  N N 95  
GLN OE1  O  N N 96  
GLN NE2  N  N N 97  
GLN OXT  O  N N 98  
GLN H    H  N N 99  
GLN H2   H  N N 100 
GLN HA   H  N N 101 
GLN HB2  H  N N 102 
GLN HB3  H  N N 103 
GLN HG2  H  N N 104 
GLN HG3  H  N N 105 
GLN HE21 H  N N 106 
GLN HE22 H  N N 107 
GLN HXT  H  N N 108 
GLU N    N  N N 109 
GLU CA   C  N S 110 
GLU C    C  N N 111 
GLU O    O  N N 112 
GLU CB   C  N N 113 
GLU CG   C  N N 114 
GLU CD   C  N N 115 
GLU OE1  O  N N 116 
GLU OE2  O  N N 117 
GLU OXT  O  N N 118 
GLU H    H  N N 119 
GLU H2   H  N N 120 
GLU HA   H  N N 121 
GLU HB2  H  N N 122 
GLU HB3  H  N N 123 
GLU HG2  H  N N 124 
GLU HG3  H  N N 125 
GLU HE2  H  N N 126 
GLU HXT  H  N N 127 
GLY N    N  N N 128 
GLY CA   C  N N 129 
GLY C    C  N N 130 
GLY O    O  N N 131 
GLY OXT  O  N N 132 
GLY H    H  N N 133 
GLY H2   H  N N 134 
GLY HA2  H  N N 135 
GLY HA3  H  N N 136 
GLY HXT  H  N N 137 
HIS N    N  N N 138 
HIS CA   C  N S 139 
HIS C    C  N N 140 
HIS O    O  N N 141 
HIS CB   C  N N 142 
HIS CG   C  Y N 143 
HIS ND1  N  Y N 144 
HIS CD2  C  Y N 145 
HIS CE1  C  Y N 146 
HIS NE2  N  Y N 147 
HIS OXT  O  N N 148 
HIS H    H  N N 149 
HIS H2   H  N N 150 
HIS HA   H  N N 151 
HIS HB2  H  N N 152 
HIS HB3  H  N N 153 
HIS HD1  H  N N 154 
HIS HD2  H  N N 155 
HIS HE1  H  N N 156 
HIS HE2  H  N N 157 
HIS HXT  H  N N 158 
HOH O    O  N N 159 
HOH H1   H  N N 160 
HOH H2   H  N N 161 
ILE N    N  N N 162 
ILE CA   C  N S 163 
ILE C    C  N N 164 
ILE O    O  N N 165 
ILE CB   C  N S 166 
ILE CG1  C  N N 167 
ILE CG2  C  N N 168 
ILE CD1  C  N N 169 
ILE OXT  O  N N 170 
ILE H    H  N N 171 
ILE H2   H  N N 172 
ILE HA   H  N N 173 
ILE HB   H  N N 174 
ILE HG12 H  N N 175 
ILE HG13 H  N N 176 
ILE HG21 H  N N 177 
ILE HG22 H  N N 178 
ILE HG23 H  N N 179 
ILE HD11 H  N N 180 
ILE HD12 H  N N 181 
ILE HD13 H  N N 182 
ILE HXT  H  N N 183 
LEU N    N  N N 184 
LEU CA   C  N S 185 
LEU C    C  N N 186 
LEU O    O  N N 187 
LEU CB   C  N N 188 
LEU CG   C  N N 189 
LEU CD1  C  N N 190 
LEU CD2  C  N N 191 
LEU OXT  O  N N 192 
LEU H    H  N N 193 
LEU H2   H  N N 194 
LEU HA   H  N N 195 
LEU HB2  H  N N 196 
LEU HB3  H  N N 197 
LEU HG   H  N N 198 
LEU HD11 H  N N 199 
LEU HD12 H  N N 200 
LEU HD13 H  N N 201 
LEU HD21 H  N N 202 
LEU HD22 H  N N 203 
LEU HD23 H  N N 204 
LEU HXT  H  N N 205 
LYS N    N  N N 206 
LYS CA   C  N S 207 
LYS C    C  N N 208 
LYS O    O  N N 209 
LYS CB   C  N N 210 
LYS CG   C  N N 211 
LYS CD   C  N N 212 
LYS CE   C  N N 213 
LYS NZ   N  N N 214 
LYS OXT  O  N N 215 
LYS H    H  N N 216 
LYS H2   H  N N 217 
LYS HA   H  N N 218 
LYS HB2  H  N N 219 
LYS HB3  H  N N 220 
LYS HG2  H  N N 221 
LYS HG3  H  N N 222 
LYS HD2  H  N N 223 
LYS HD3  H  N N 224 
LYS HE2  H  N N 225 
LYS HE3  H  N N 226 
LYS HZ1  H  N N 227 
LYS HZ2  H  N N 228 
LYS HZ3  H  N N 229 
LYS HXT  H  N N 230 
MET N    N  N N 231 
MET CA   C  N S 232 
MET C    C  N N 233 
MET O    O  N N 234 
MET CB   C  N N 235 
MET CG   C  N N 236 
MET SD   S  N N 237 
MET CE   C  N N 238 
MET OXT  O  N N 239 
MET H    H  N N 240 
MET H2   H  N N 241 
MET HA   H  N N 242 
MET HB2  H  N N 243 
MET HB3  H  N N 244 
MET HG2  H  N N 245 
MET HG3  H  N N 246 
MET HE1  H  N N 247 
MET HE2  H  N N 248 
MET HE3  H  N N 249 
MET HXT  H  N N 250 
NA  NA   NA N N 251 
PHE N    N  N N 252 
PHE CA   C  N S 253 
PHE C    C  N N 254 
PHE O    O  N N 255 
PHE CB   C  N N 256 
PHE CG   C  Y N 257 
PHE CD1  C  Y N 258 
PHE CD2  C  Y N 259 
PHE CE1  C  Y N 260 
PHE CE2  C  Y N 261 
PHE CZ   C  Y N 262 
PHE OXT  O  N N 263 
PHE H    H  N N 264 
PHE H2   H  N N 265 
PHE HA   H  N N 266 
PHE HB2  H  N N 267 
PHE HB3  H  N N 268 
PHE HD1  H  N N 269 
PHE HD2  H  N N 270 
PHE HE1  H  N N 271 
PHE HE2  H  N N 272 
PHE HZ   H  N N 273 
PHE HXT  H  N N 274 
PRO N    N  N N 275 
PRO CA   C  N S 276 
PRO C    C  N N 277 
PRO O    O  N N 278 
PRO CB   C  N N 279 
PRO CG   C  N N 280 
PRO CD   C  N N 281 
PRO OXT  O  N N 282 
PRO H    H  N N 283 
PRO HA   H  N N 284 
PRO HB2  H  N N 285 
PRO HB3  H  N N 286 
PRO HG2  H  N N 287 
PRO HG3  H  N N 288 
PRO HD2  H  N N 289 
PRO HD3  H  N N 290 
PRO HXT  H  N N 291 
SER N    N  N N 292 
SER CA   C  N S 293 
SER C    C  N N 294 
SER O    O  N N 295 
SER CB   C  N N 296 
SER OG   O  N N 297 
SER OXT  O  N N 298 
SER H    H  N N 299 
SER H2   H  N N 300 
SER HA   H  N N 301 
SER HB2  H  N N 302 
SER HB3  H  N N 303 
SER HG   H  N N 304 
SER HXT  H  N N 305 
THR N    N  N N 306 
THR CA   C  N S 307 
THR C    C  N N 308 
THR O    O  N N 309 
THR CB   C  N R 310 
THR OG1  O  N N 311 
THR CG2  C  N N 312 
THR OXT  O  N N 313 
THR H    H  N N 314 
THR H2   H  N N 315 
THR HA   H  N N 316 
THR HB   H  N N 317 
THR HG1  H  N N 318 
THR HG21 H  N N 319 
THR HG22 H  N N 320 
THR HG23 H  N N 321 
THR HXT  H  N N 322 
TYR N    N  N N 323 
TYR CA   C  N S 324 
TYR C    C  N N 325 
TYR O    O  N N 326 
TYR CB   C  N N 327 
TYR CG   C  Y N 328 
TYR CD1  C  Y N 329 
TYR CD2  C  Y N 330 
TYR CE1  C  Y N 331 
TYR CE2  C  Y N 332 
TYR CZ   C  Y N 333 
TYR OH   O  N N 334 
TYR OXT  O  N N 335 
TYR H    H  N N 336 
TYR H2   H  N N 337 
TYR HA   H  N N 338 
TYR HB2  H  N N 339 
TYR HB3  H  N N 340 
TYR HD1  H  N N 341 
TYR HD2  H  N N 342 
TYR HE1  H  N N 343 
TYR HE2  H  N N 344 
TYR HH   H  N N 345 
TYR HXT  H  N N 346 
VAL N    N  N N 347 
VAL CA   C  N S 348 
VAL C    C  N N 349 
VAL O    O  N N 350 
VAL CB   C  N N 351 
VAL CG1  C  N N 352 
VAL CG2  C  N N 353 
VAL OXT  O  N N 354 
VAL H    H  N N 355 
VAL H2   H  N N 356 
VAL HA   H  N N 357 
VAL HB   H  N N 358 
VAL HG11 H  N N 359 
VAL HG12 H  N N 360 
VAL HG13 H  N N 361 
VAL HG21 H  N N 362 
VAL HG22 H  N N 363 
VAL HG23 H  N N 364 
VAL HXT  H  N N 365 
# 
loop_
_chem_comp_bond.comp_id 
_chem_comp_bond.atom_id_1 
_chem_comp_bond.atom_id_2 
_chem_comp_bond.value_order 
_chem_comp_bond.pdbx_aromatic_flag 
_chem_comp_bond.pdbx_stereo_config 
_chem_comp_bond.pdbx_ordinal 
ALA N   CA   sing N N 1   
ALA N   H    sing N N 2   
ALA N   H2   sing N N 3   
ALA CA  C    sing N N 4   
ALA CA  CB   sing N N 5   
ALA CA  HA   sing N N 6   
ALA C   O    doub N N 7   
ALA C   OXT  sing N N 8   
ALA CB  HB1  sing N N 9   
ALA CB  HB2  sing N N 10  
ALA CB  HB3  sing N N 11  
ALA OXT HXT  sing N N 12  
ARG N   CA   sing N N 13  
ARG N   H    sing N N 14  
ARG N   H2   sing N N 15  
ARG CA  C    sing N N 16  
ARG CA  CB   sing N N 17  
ARG CA  HA   sing N N 18  
ARG C   O    doub N N 19  
ARG C   OXT  sing N N 20  
ARG CB  CG   sing N N 21  
ARG CB  HB2  sing N N 22  
ARG CB  HB3  sing N N 23  
ARG CG  CD   sing N N 24  
ARG CG  HG2  sing N N 25  
ARG CG  HG3  sing N N 26  
ARG CD  NE   sing N N 27  
ARG CD  HD2  sing N N 28  
ARG CD  HD3  sing N N 29  
ARG NE  CZ   sing N N 30  
ARG NE  HE   sing N N 31  
ARG CZ  NH1  sing N N 32  
ARG CZ  NH2  doub N N 33  
ARG NH1 HH11 sing N N 34  
ARG NH1 HH12 sing N N 35  
ARG NH2 HH21 sing N N 36  
ARG NH2 HH22 sing N N 37  
ARG OXT HXT  sing N N 38  
ASN N   CA   sing N N 39  
ASN N   H    sing N N 40  
ASN N   H2   sing N N 41  
ASN CA  C    sing N N 42  
ASN CA  CB   sing N N 43  
ASN CA  HA   sing N N 44  
ASN C   O    doub N N 45  
ASN C   OXT  sing N N 46  
ASN CB  CG   sing N N 47  
ASN CB  HB2  sing N N 48  
ASN CB  HB3  sing N N 49  
ASN CG  OD1  doub N N 50  
ASN CG  ND2  sing N N 51  
ASN ND2 HD21 sing N N 52  
ASN ND2 HD22 sing N N 53  
ASN OXT HXT  sing N N 54  
ASP N   CA   sing N N 55  
ASP N   H    sing N N 56  
ASP N   H2   sing N N 57  
ASP CA  C    sing N N 58  
ASP CA  CB   sing N N 59  
ASP CA  HA   sing N N 60  
ASP C   O    doub N N 61  
ASP C   OXT  sing N N 62  
ASP CB  CG   sing N N 63  
ASP CB  HB2  sing N N 64  
ASP CB  HB3  sing N N 65  
ASP CG  OD1  doub N N 66  
ASP CG  OD2  sing N N 67  
ASP OD2 HD2  sing N N 68  
ASP OXT HXT  sing N N 69  
CYS N   CA   sing N N 70  
CYS N   H    sing N N 71  
CYS N   H2   sing N N 72  
CYS CA  C    sing N N 73  
CYS CA  CB   sing N N 74  
CYS CA  HA   sing N N 75  
CYS C   O    doub N N 76  
CYS C   OXT  sing N N 77  
CYS CB  SG   sing N N 78  
CYS CB  HB2  sing N N 79  
CYS CB  HB3  sing N N 80  
CYS SG  HG   sing N N 81  
CYS OXT HXT  sing N N 82  
GLN N   CA   sing N N 83  
GLN N   H    sing N N 84  
GLN N   H2   sing N N 85  
GLN CA  C    sing N N 86  
GLN CA  CB   sing N N 87  
GLN CA  HA   sing N N 88  
GLN C   O    doub N N 89  
GLN C   OXT  sing N N 90  
GLN CB  CG   sing N N 91  
GLN CB  HB2  sing N N 92  
GLN CB  HB3  sing N N 93  
GLN CG  CD   sing N N 94  
GLN CG  HG2  sing N N 95  
GLN CG  HG3  sing N N 96  
GLN CD  OE1  doub N N 97  
GLN CD  NE2  sing N N 98  
GLN NE2 HE21 sing N N 99  
GLN NE2 HE22 sing N N 100 
GLN OXT HXT  sing N N 101 
GLU N   CA   sing N N 102 
GLU N   H    sing N N 103 
GLU N   H2   sing N N 104 
GLU CA  C    sing N N 105 
GLU CA  CB   sing N N 106 
GLU CA  HA   sing N N 107 
GLU C   O    doub N N 108 
GLU C   OXT  sing N N 109 
GLU CB  CG   sing N N 110 
GLU CB  HB2  sing N N 111 
GLU CB  HB3  sing N N 112 
GLU CG  CD   sing N N 113 
GLU CG  HG2  sing N N 114 
GLU CG  HG3  sing N N 115 
GLU CD  OE1  doub N N 116 
GLU CD  OE2  sing N N 117 
GLU OE2 HE2  sing N N 118 
GLU OXT HXT  sing N N 119 
GLY N   CA   sing N N 120 
GLY N   H    sing N N 121 
GLY N   H2   sing N N 122 
GLY CA  C    sing N N 123 
GLY CA  HA2  sing N N 124 
GLY CA  HA3  sing N N 125 
GLY C   O    doub N N 126 
GLY C   OXT  sing N N 127 
GLY OXT HXT  sing N N 128 
HIS N   CA   sing N N 129 
HIS N   H    sing N N 130 
HIS N   H2   sing N N 131 
HIS CA  C    sing N N 132 
HIS CA  CB   sing N N 133 
HIS CA  HA   sing N N 134 
HIS C   O    doub N N 135 
HIS C   OXT  sing N N 136 
HIS CB  CG   sing N N 137 
HIS CB  HB2  sing N N 138 
HIS CB  HB3  sing N N 139 
HIS CG  ND1  sing Y N 140 
HIS CG  CD2  doub Y N 141 
HIS ND1 CE1  doub Y N 142 
HIS ND1 HD1  sing N N 143 
HIS CD2 NE2  sing Y N 144 
HIS CD2 HD2  sing N N 145 
HIS CE1 NE2  sing Y N 146 
HIS CE1 HE1  sing N N 147 
HIS NE2 HE2  sing N N 148 
HIS OXT HXT  sing N N 149 
HOH O   H1   sing N N 150 
HOH O   H2   sing N N 151 
ILE N   CA   sing N N 152 
ILE N   H    sing N N 153 
ILE N   H2   sing N N 154 
ILE CA  C    sing N N 155 
ILE CA  CB   sing N N 156 
ILE CA  HA   sing N N 157 
ILE C   O    doub N N 158 
ILE C   OXT  sing N N 159 
ILE CB  CG1  sing N N 160 
ILE CB  CG2  sing N N 161 
ILE CB  HB   sing N N 162 
ILE CG1 CD1  sing N N 163 
ILE CG1 HG12 sing N N 164 
ILE CG1 HG13 sing N N 165 
ILE CG2 HG21 sing N N 166 
ILE CG2 HG22 sing N N 167 
ILE CG2 HG23 sing N N 168 
ILE CD1 HD11 sing N N 169 
ILE CD1 HD12 sing N N 170 
ILE CD1 HD13 sing N N 171 
ILE OXT HXT  sing N N 172 
LEU N   CA   sing N N 173 
LEU N   H    sing N N 174 
LEU N   H2   sing N N 175 
LEU CA  C    sing N N 176 
LEU CA  CB   sing N N 177 
LEU CA  HA   sing N N 178 
LEU C   O    doub N N 179 
LEU C   OXT  sing N N 180 
LEU CB  CG   sing N N 181 
LEU CB  HB2  sing N N 182 
LEU CB  HB3  sing N N 183 
LEU CG  CD1  sing N N 184 
LEU CG  CD2  sing N N 185 
LEU CG  HG   sing N N 186 
LEU CD1 HD11 sing N N 187 
LEU CD1 HD12 sing N N 188 
LEU CD1 HD13 sing N N 189 
LEU CD2 HD21 sing N N 190 
LEU CD2 HD22 sing N N 191 
LEU CD2 HD23 sing N N 192 
LEU OXT HXT  sing N N 193 
LYS N   CA   sing N N 194 
LYS N   H    sing N N 195 
LYS N   H2   sing N N 196 
LYS CA  C    sing N N 197 
LYS CA  CB   sing N N 198 
LYS CA  HA   sing N N 199 
LYS C   O    doub N N 200 
LYS C   OXT  sing N N 201 
LYS CB  CG   sing N N 202 
LYS CB  HB2  sing N N 203 
LYS CB  HB3  sing N N 204 
LYS CG  CD   sing N N 205 
LYS CG  HG2  sing N N 206 
LYS CG  HG3  sing N N 207 
LYS CD  CE   sing N N 208 
LYS CD  HD2  sing N N 209 
LYS CD  HD3  sing N N 210 
LYS CE  NZ   sing N N 211 
LYS CE  HE2  sing N N 212 
LYS CE  HE3  sing N N 213 
LYS NZ  HZ1  sing N N 214 
LYS NZ  HZ2  sing N N 215 
LYS NZ  HZ3  sing N N 216 
LYS OXT HXT  sing N N 217 
MET N   CA   sing N N 218 
MET N   H    sing N N 219 
MET N   H2   sing N N 220 
MET CA  C    sing N N 221 
MET CA  CB   sing N N 222 
MET CA  HA   sing N N 223 
MET C   O    doub N N 224 
MET C   OXT  sing N N 225 
MET CB  CG   sing N N 226 
MET CB  HB2  sing N N 227 
MET CB  HB3  sing N N 228 
MET CG  SD   sing N N 229 
MET CG  HG2  sing N N 230 
MET CG  HG3  sing N N 231 
MET SD  CE   sing N N 232 
MET CE  HE1  sing N N 233 
MET CE  HE2  sing N N 234 
MET CE  HE3  sing N N 235 
MET OXT HXT  sing N N 236 
PHE N   CA   sing N N 237 
PHE N   H    sing N N 238 
PHE N   H2   sing N N 239 
PHE CA  C    sing N N 240 
PHE CA  CB   sing N N 241 
PHE CA  HA   sing N N 242 
PHE C   O    doub N N 243 
PHE C   OXT  sing N N 244 
PHE CB  CG   sing N N 245 
PHE CB  HB2  sing N N 246 
PHE CB  HB3  sing N N 247 
PHE CG  CD1  doub Y N 248 
PHE CG  CD2  sing Y N 249 
PHE CD1 CE1  sing Y N 250 
PHE CD1 HD1  sing N N 251 
PHE CD2 CE2  doub Y N 252 
PHE CD2 HD2  sing N N 253 
PHE CE1 CZ   doub Y N 254 
PHE CE1 HE1  sing N N 255 
PHE CE2 CZ   sing Y N 256 
PHE CE2 HE2  sing N N 257 
PHE CZ  HZ   sing N N 258 
PHE OXT HXT  sing N N 259 
PRO N   CA   sing N N 260 
PRO N   CD   sing N N 261 
PRO N   H    sing N N 262 
PRO CA  C    sing N N 263 
PRO CA  CB   sing N N 264 
PRO CA  HA   sing N N 265 
PRO C   O    doub N N 266 
PRO C   OXT  sing N N 267 
PRO CB  CG   sing N N 268 
PRO CB  HB2  sing N N 269 
PRO CB  HB3  sing N N 270 
PRO CG  CD   sing N N 271 
PRO CG  HG2  sing N N 272 
PRO CG  HG3  sing N N 273 
PRO CD  HD2  sing N N 274 
PRO CD  HD3  sing N N 275 
PRO OXT HXT  sing N N 276 
SER N   CA   sing N N 277 
SER N   H    sing N N 278 
SER N   H2   sing N N 279 
SER CA  C    sing N N 280 
SER CA  CB   sing N N 281 
SER CA  HA   sing N N 282 
SER C   O    doub N N 283 
SER C   OXT  sing N N 284 
SER CB  OG   sing N N 285 
SER CB  HB2  sing N N 286 
SER CB  HB3  sing N N 287 
SER OG  HG   sing N N 288 
SER OXT HXT  sing N N 289 
THR N   CA   sing N N 290 
THR N   H    sing N N 291 
THR N   H2   sing N N 292 
THR CA  C    sing N N 293 
THR CA  CB   sing N N 294 
THR CA  HA   sing N N 295 
THR C   O    doub N N 296 
THR C   OXT  sing N N 297 
THR CB  OG1  sing N N 298 
THR CB  CG2  sing N N 299 
THR CB  HB   sing N N 300 
THR OG1 HG1  sing N N 301 
THR CG2 HG21 sing N N 302 
THR CG2 HG22 sing N N 303 
THR CG2 HG23 sing N N 304 
THR OXT HXT  sing N N 305 
TYR N   CA   sing N N 306 
TYR N   H    sing N N 307 
TYR N   H2   sing N N 308 
TYR CA  C    sing N N 309 
TYR CA  CB   sing N N 310 
TYR CA  HA   sing N N 311 
TYR C   O    doub N N 312 
TYR C   OXT  sing N N 313 
TYR CB  CG   sing N N 314 
TYR CB  HB2  sing N N 315 
TYR CB  HB3  sing N N 316 
TYR CG  CD1  doub Y N 317 
TYR CG  CD2  sing Y N 318 
TYR CD1 CE1  sing Y N 319 
TYR CD1 HD1  sing N N 320 
TYR CD2 CE2  doub Y N 321 
TYR CD2 HD2  sing N N 322 
TYR CE1 CZ   doub Y N 323 
TYR CE1 HE1  sing N N 324 
TYR CE2 CZ   sing Y N 325 
TYR CE2 HE2  sing N N 326 
TYR CZ  OH   sing N N 327 
TYR OH  HH   sing N N 328 
TYR OXT HXT  sing N N 329 
VAL N   CA   sing N N 330 
VAL N   H    sing N N 331 
VAL N   H2   sing N N 332 
VAL CA  C    sing N N 333 
VAL CA  CB   sing N N 334 
VAL CA  HA   sing N N 335 
VAL C   O    doub N N 336 
VAL C   OXT  sing N N 337 
VAL CB  CG1  sing N N 338 
VAL CB  CG2  sing N N 339 
VAL CB  HB   sing N N 340 
VAL CG1 HG11 sing N N 341 
VAL CG1 HG12 sing N N 342 
VAL CG1 HG13 sing N N 343 
VAL CG2 HG21 sing N N 344 
VAL CG2 HG22 sing N N 345 
VAL CG2 HG23 sing N N 346 
VAL OXT HXT  sing N N 347 
# 
loop_
_pdbx_entity_nonpoly.entity_id 
_pdbx_entity_nonpoly.name 
_pdbx_entity_nonpoly.comp_id 
2 'COPPER (I) ION' CU1 
3 'SODIUM ION'     NA  
4 water            HOH 
# 
_pdbx_initial_refinement_model.id               1 
_pdbx_initial_refinement_model.entity_id_list   ? 
_pdbx_initial_refinement_model.type             'experimental model' 
_pdbx_initial_refinement_model.source_name      PDB 
_pdbx_initial_refinement_model.accession_code   4ADZ 
_pdbx_initial_refinement_model.details          'PDB ENTRY 4ADZ' 
# 
